data_2ALE
# 
_entry.id   2ALE 
# 
_audit_conform.dict_name       mmcif_pdbx.dic 
_audit_conform.dict_version    5.376 
_audit_conform.dict_location   http://mmcif.pdb.org/dictionaries/ascii/mmcif_pdbx.dic 
# 
loop_
_database_2.database_id 
_database_2.database_code 
_database_2.pdbx_database_accession 
_database_2.pdbx_DOI 
PDB   2ALE         pdb_00002ale 10.2210/pdb2ale/pdb 
RCSB  RCSB034030   ?            ?                   
WWPDB D_1000034030 ?            ?                   
# 
_pdbx_database_related.db_name        PDB 
_pdbx_database_related.db_id          1E7K 
_pdbx_database_related.details        '15.5K human homologue' 
_pdbx_database_related.content_type   unspecified 
# 
_pdbx_database_status.status_code                     REL 
_pdbx_database_status.entry_id                        2ALE 
_pdbx_database_status.recvd_initial_deposition_date   2005-08-05 
_pdbx_database_status.deposit_site                    RCSB 
_pdbx_database_status.process_site                    RCSB 
_pdbx_database_status.status_code_sf                  REL 
_pdbx_database_status.status_code_mr                  ? 
_pdbx_database_status.SG_entry                        ? 
_pdbx_database_status.status_code_cs                  ? 
_pdbx_database_status.methods_development_category    ? 
_pdbx_database_status.pdb_format_compatible           Y 
_pdbx_database_status.status_code_nmr_data            ? 
# 
loop_
_audit_author.name 
_audit_author.pdbx_ordinal 
'Dobbyn, H.C.'  1 
'McEwan, P.A.'  2 
'Bella, J.'     3 
;O'Keefe, R.T.
;
4 
# 
_citation.id                        primary 
_citation.title                     'Analysis of pre-mRNA and pre-rRNA processing factor Snu13p structure and mutants.' 
_citation.journal_abbrev            Biochem.Biophys.Res.Commun. 
_citation.journal_volume            360 
_citation.page_first                857 
_citation.page_last                 862 
_citation.year                      2007 
_citation.journal_id_ASTM           BBRCA9 
_citation.country                   US 
_citation.journal_id_ISSN           0006-291X 
_citation.journal_id_CSD            0146 
_citation.book_publisher            ? 
_citation.pdbx_database_id_PubMed   17631273 
_citation.pdbx_database_id_DOI      10.1016/j.bbrc.2007.06.163 
# 
loop_
_citation_author.citation_id 
_citation_author.name 
_citation_author.ordinal 
_citation_author.identifier_ORCID 
primary 'Dobbyn, H.C.'     1 ? 
primary 'McEwan, P.A.'     2 ? 
primary 'Krause, A.'       3 ? 
primary 'Novak-Frazer, L.' 4 ? 
primary 'Bella, J.'        5 ? 
primary 
;O'Keefe, R.T.
;
6 ? 
# 
_cell.entry_id           2ALE 
_cell.length_a           70.330 
_cell.length_b           70.330 
_cell.length_c           53.303 
_cell.angle_alpha        90.00 
_cell.angle_beta         90.00 
_cell.angle_gamma        120.00 
_cell.Z_PDB              6 
_cell.pdbx_unique_axis   ? 
_cell.length_a_esd       ? 
_cell.length_b_esd       ? 
_cell.length_c_esd       ? 
_cell.angle_alpha_esd    ? 
_cell.angle_beta_esd     ? 
_cell.angle_gamma_esd    ? 
# 
_symmetry.entry_id                         2ALE 
_symmetry.space_group_name_H-M             'P 31 2 1' 
_symmetry.pdbx_full_space_group_name_H-M   ? 
_symmetry.cell_setting                     ? 
_symmetry.Int_Tables_number                152 
_symmetry.space_group_name_Hall            ? 
# 
loop_
_entity.id 
_entity.type 
_entity.src_method 
_entity.pdbx_description 
_entity.formula_weight 
_entity.pdbx_number_of_molecules 
_entity.pdbx_ec 
_entity.pdbx_mutation 
_entity.pdbx_fragment 
_entity.details 
1 polymer     man 'NHP2/L7aE family protein YEL026W' 14654.008 1  ? ? ? ? 
2 non-polymer syn 'MAGNESIUM ION'                    24.305    1  ? ? ? ? 
3 water       nat water                              18.015    66 ? ? ? ? 
# 
_entity_name_com.entity_id   1 
_entity_name_com.name        SNU13 
# 
_entity_poly.entity_id                      1 
_entity_poly.type                           'polypeptide(L)' 
_entity_poly.nstd_linkage                   no 
_entity_poly.nstd_monomer                   no 
_entity_poly.pdbx_seq_one_letter_code       
;MSAPNPKAFPLADAALTQQILDVVQQAANLRQLKKGANEATKTLNRGISEFIIMAADCEPIEILLHLPLLCEDKNVPYVF
VPSRVALGRACGVSRPVIAASITTNDASAIKTQIYAVKDKIETLLILEHHHHHH
;
_entity_poly.pdbx_seq_one_letter_code_can   
;MSAPNPKAFPLADAALTQQILDVVQQAANLRQLKKGANEATKTLNRGISEFIIMAADCEPIEILLHLPLLCEDKNVPYVF
VPSRVALGRACGVSRPVIAASITTNDASAIKTQIYAVKDKIETLLILEHHHHHH
;
_entity_poly.pdbx_strand_id                 A 
_entity_poly.pdbx_target_identifier         ? 
# 
loop_
_entity_poly_seq.entity_id 
_entity_poly_seq.num 
_entity_poly_seq.mon_id 
_entity_poly_seq.hetero 
1 1   MET n 
1 2   SER n 
1 3   ALA n 
1 4   PRO n 
1 5   ASN n 
1 6   PRO n 
1 7   LYS n 
1 8   ALA n 
1 9   PHE n 
1 10  PRO n 
1 11  LEU n 
1 12  ALA n 
1 13  ASP n 
1 14  ALA n 
1 15  ALA n 
1 16  LEU n 
1 17  THR n 
1 18  GLN n 
1 19  GLN n 
1 20  ILE n 
1 21  LEU n 
1 22  ASP n 
1 23  VAL n 
1 24  VAL n 
1 25  GLN n 
1 26  GLN n 
1 27  ALA n 
1 28  ALA n 
1 29  ASN n 
1 30  LEU n 
1 31  ARG n 
1 32  GLN n 
1 33  LEU n 
1 34  LYS n 
1 35  LYS n 
1 36  GLY n 
1 37  ALA n 
1 38  ASN n 
1 39  GLU n 
1 40  ALA n 
1 41  THR n 
1 42  LYS n 
1 43  THR n 
1 44  LEU n 
1 45  ASN n 
1 46  ARG n 
1 47  GLY n 
1 48  ILE n 
1 49  SER n 
1 50  GLU n 
1 51  PHE n 
1 52  ILE n 
1 53  ILE n 
1 54  MET n 
1 55  ALA n 
1 56  ALA n 
1 57  ASP n 
1 58  CYS n 
1 59  GLU n 
1 60  PRO n 
1 61  ILE n 
1 62  GLU n 
1 63  ILE n 
1 64  LEU n 
1 65  LEU n 
1 66  HIS n 
1 67  LEU n 
1 68  PRO n 
1 69  LEU n 
1 70  LEU n 
1 71  CYS n 
1 72  GLU n 
1 73  ASP n 
1 74  LYS n 
1 75  ASN n 
1 76  VAL n 
1 77  PRO n 
1 78  TYR n 
1 79  VAL n 
1 80  PHE n 
1 81  VAL n 
1 82  PRO n 
1 83  SER n 
1 84  ARG n 
1 85  VAL n 
1 86  ALA n 
1 87  LEU n 
1 88  GLY n 
1 89  ARG n 
1 90  ALA n 
1 91  CYS n 
1 92  GLY n 
1 93  VAL n 
1 94  SER n 
1 95  ARG n 
1 96  PRO n 
1 97  VAL n 
1 98  ILE n 
1 99  ALA n 
1 100 ALA n 
1 101 SER n 
1 102 ILE n 
1 103 THR n 
1 104 THR n 
1 105 ASN n 
1 106 ASP n 
1 107 ALA n 
1 108 SER n 
1 109 ALA n 
1 110 ILE n 
1 111 LYS n 
1 112 THR n 
1 113 GLN n 
1 114 ILE n 
1 115 TYR n 
1 116 ALA n 
1 117 VAL n 
1 118 LYS n 
1 119 ASP n 
1 120 LYS n 
1 121 ILE n 
1 122 GLU n 
1 123 THR n 
1 124 LEU n 
1 125 LEU n 
1 126 ILE n 
1 127 LEU n 
1 128 GLU n 
1 129 HIS n 
1 130 HIS n 
1 131 HIS n 
1 132 HIS n 
1 133 HIS n 
1 134 HIS n 
# 
_entity_src_gen.entity_id                          1 
_entity_src_gen.pdbx_src_id                        1 
_entity_src_gen.pdbx_alt_source_flag               sample 
_entity_src_gen.pdbx_seq_type                      ? 
_entity_src_gen.pdbx_beg_seq_num                   ? 
_entity_src_gen.pdbx_end_seq_num                   ? 
_entity_src_gen.gene_src_common_name               
;baker's yeast
;
_entity_src_gen.gene_src_genus                     Saccharomyces 
_entity_src_gen.pdbx_gene_src_gene                 ? 
_entity_src_gen.gene_src_species                   ? 
_entity_src_gen.gene_src_strain                    ? 
_entity_src_gen.gene_src_tissue                    ? 
_entity_src_gen.gene_src_tissue_fraction           ? 
_entity_src_gen.gene_src_details                   ? 
_entity_src_gen.pdbx_gene_src_fragment             ? 
_entity_src_gen.pdbx_gene_src_scientific_name      'Saccharomyces cerevisiae' 
_entity_src_gen.pdbx_gene_src_ncbi_taxonomy_id     4932 
_entity_src_gen.pdbx_gene_src_variant              ? 
_entity_src_gen.pdbx_gene_src_cell_line            ? 
_entity_src_gen.pdbx_gene_src_atcc                 ? 
_entity_src_gen.pdbx_gene_src_organ                ? 
_entity_src_gen.pdbx_gene_src_organelle            ? 
_entity_src_gen.pdbx_gene_src_cell                 ? 
_entity_src_gen.pdbx_gene_src_cellular_location    ? 
_entity_src_gen.host_org_common_name               ? 
_entity_src_gen.pdbx_host_org_scientific_name      'Escherichia coli BL21' 
_entity_src_gen.pdbx_host_org_ncbi_taxonomy_id     511693 
_entity_src_gen.host_org_genus                     Escherichia 
_entity_src_gen.pdbx_host_org_gene                 ? 
_entity_src_gen.pdbx_host_org_organ                ? 
_entity_src_gen.host_org_species                   'Escherichia coli' 
_entity_src_gen.pdbx_host_org_tissue               ? 
_entity_src_gen.pdbx_host_org_tissue_fraction      ? 
_entity_src_gen.pdbx_host_org_strain               BL21 
_entity_src_gen.pdbx_host_org_variant              ? 
_entity_src_gen.pdbx_host_org_cell_line            ? 
_entity_src_gen.pdbx_host_org_atcc                 ? 
_entity_src_gen.pdbx_host_org_culture_collection   ? 
_entity_src_gen.pdbx_host_org_cell                 ? 
_entity_src_gen.pdbx_host_org_organelle            ? 
_entity_src_gen.pdbx_host_org_cellular_location    ? 
_entity_src_gen.pdbx_host_org_vector_type          PLASMID 
_entity_src_gen.pdbx_host_org_vector               ? 
_entity_src_gen.host_org_details                   ? 
_entity_src_gen.expression_system_id               ? 
_entity_src_gen.plasmid_name                       pET21d 
_entity_src_gen.plasmid_details                    ? 
_entity_src_gen.pdbx_description                   ? 
# 
_struct_ref.id                         1 
_struct_ref.db_name                    UNP 
_struct_ref.db_code                    NHPX_YEAST 
_struct_ref.pdbx_db_accession          P39990 
_struct_ref.entity_id                  1 
_struct_ref.pdbx_align_begin           1 
_struct_ref.pdbx_seq_one_letter_code   ? 
_struct_ref.pdbx_db_isoform            ? 
# 
_struct_ref_seq.align_id                      1 
_struct_ref_seq.ref_id                        1 
_struct_ref_seq.pdbx_PDB_id_code              2ALE 
_struct_ref_seq.pdbx_strand_id                A 
_struct_ref_seq.seq_align_beg                 1 
_struct_ref_seq.pdbx_seq_align_beg_ins_code   ? 
_struct_ref_seq.seq_align_end                 126 
_struct_ref_seq.pdbx_seq_align_end_ins_code   ? 
_struct_ref_seq.pdbx_db_accession             P39990 
_struct_ref_seq.db_align_beg                  1 
_struct_ref_seq.pdbx_db_align_beg_ins_code    ? 
_struct_ref_seq.db_align_end                  126 
_struct_ref_seq.pdbx_db_align_end_ins_code    ? 
_struct_ref_seq.pdbx_auth_seq_align_beg       1 
_struct_ref_seq.pdbx_auth_seq_align_end       126 
# 
loop_
_struct_ref_seq_dif.align_id 
_struct_ref_seq_dif.pdbx_pdb_id_code 
_struct_ref_seq_dif.mon_id 
_struct_ref_seq_dif.pdbx_pdb_strand_id 
_struct_ref_seq_dif.seq_num 
_struct_ref_seq_dif.pdbx_pdb_ins_code 
_struct_ref_seq_dif.pdbx_seq_db_name 
_struct_ref_seq_dif.pdbx_seq_db_accession_code 
_struct_ref_seq_dif.db_mon_id 
_struct_ref_seq_dif.pdbx_seq_db_seq_num 
_struct_ref_seq_dif.details 
_struct_ref_seq_dif.pdbx_auth_seq_num 
_struct_ref_seq_dif.pdbx_ordinal 
1 2ALE LEU A 127 ? UNP P39990 ? ? 'cloning artifact' 127 1 
1 2ALE GLU A 128 ? UNP P39990 ? ? 'cloning artifact' 128 2 
1 2ALE HIS A 129 ? UNP P39990 ? ? 'expression tag'   129 3 
1 2ALE HIS A 130 ? UNP P39990 ? ? 'expression tag'   130 4 
1 2ALE HIS A 131 ? UNP P39990 ? ? 'expression tag'   131 5 
1 2ALE HIS A 132 ? UNP P39990 ? ? 'expression tag'   132 6 
1 2ALE HIS A 133 ? UNP P39990 ? ? 'expression tag'   133 7 
1 2ALE HIS A 134 ? UNP P39990 ? ? 'expression tag'   134 8 
# 
loop_
_chem_comp.id 
_chem_comp.type 
_chem_comp.mon_nstd_flag 
_chem_comp.name 
_chem_comp.pdbx_synonyms 
_chem_comp.formula 
_chem_comp.formula_weight 
ALA 'L-peptide linking' y ALANINE         ? 'C3 H7 N O2'     89.093  
ARG 'L-peptide linking' y ARGININE        ? 'C6 H15 N4 O2 1' 175.209 
ASN 'L-peptide linking' y ASPARAGINE      ? 'C4 H8 N2 O3'    132.118 
ASP 'L-peptide linking' y 'ASPARTIC ACID' ? 'C4 H7 N O4'     133.103 
CYS 'L-peptide linking' y CYSTEINE        ? 'C3 H7 N O2 S'   121.158 
GLN 'L-peptide linking' y GLUTAMINE       ? 'C5 H10 N2 O3'   146.144 
GLU 'L-peptide linking' y 'GLUTAMIC ACID' ? 'C5 H9 N O4'     147.129 
GLY 'peptide linking'   y GLYCINE         ? 'C2 H5 N O2'     75.067  
HIS 'L-peptide linking' y HISTIDINE       ? 'C6 H10 N3 O2 1' 156.162 
HOH non-polymer         . WATER           ? 'H2 O'           18.015  
ILE 'L-peptide linking' y ISOLEUCINE      ? 'C6 H13 N O2'    131.173 
LEU 'L-peptide linking' y LEUCINE         ? 'C6 H13 N O2'    131.173 
LYS 'L-peptide linking' y LYSINE          ? 'C6 H15 N2 O2 1' 147.195 
MET 'L-peptide linking' y METHIONINE      ? 'C5 H11 N O2 S'  149.211 
MG  non-polymer         . 'MAGNESIUM ION' ? 'Mg 2'           24.305  
PHE 'L-peptide linking' y PHENYLALANINE   ? 'C9 H11 N O2'    165.189 
PRO 'L-peptide linking' y PROLINE         ? 'C5 H9 N O2'     115.130 
SER 'L-peptide linking' y SERINE          ? 'C3 H7 N O3'     105.093 
THR 'L-peptide linking' y THREONINE       ? 'C4 H9 N O3'     119.119 
TYR 'L-peptide linking' y TYROSINE        ? 'C9 H11 N O3'    181.189 
VAL 'L-peptide linking' y VALINE          ? 'C5 H11 N O2'    117.146 
# 
_exptl.entry_id          2ALE 
_exptl.method            'X-RAY DIFFRACTION' 
_exptl.crystals_number   1 
# 
_exptl_crystal.id                    1 
_exptl_crystal.density_meas          ? 
_exptl_crystal.density_Matthews      2.5 
_exptl_crystal.density_percent_sol   49.5 
_exptl_crystal.description           ? 
_exptl_crystal.F_000                 ? 
_exptl_crystal.preparation           ? 
# 
_exptl_crystal_grow.crystal_id      1 
_exptl_crystal_grow.method          'VAPOR DIFFUSION, SITTING DROP' 
_exptl_crystal_grow.temp            293 
_exptl_crystal_grow.temp_details    ? 
_exptl_crystal_grow.pH              6.5 
_exptl_crystal_grow.pdbx_details    
'0.2 M Sodium Acetate, 0.1 M Sodium Cacodylate, 30% PEG 8K, pH 6.5, VAPOR DIFFUSION, SITTING DROP, temperature 293K' 
_exptl_crystal_grow.pdbx_pH_range   . 
# 
_diffrn.id                     1 
_diffrn.ambient_temp           100 
_diffrn.ambient_temp_details   ? 
_diffrn.crystal_id             1 
# 
_diffrn_detector.diffrn_id              1 
_diffrn_detector.detector               'IMAGE PLATE' 
_diffrn_detector.type                   'RIGAKU RAXIS IV' 
_diffrn_detector.pdbx_collection_date   2004-01-15 
_diffrn_detector.details                ? 
# 
_diffrn_radiation.diffrn_id                        1 
_diffrn_radiation.wavelength_id                    1 
_diffrn_radiation.pdbx_monochromatic_or_laue_m_l   M 
_diffrn_radiation.monochromator                    CONFOCAL 
_diffrn_radiation.pdbx_diffrn_protocol             'SINGLE WAVELENGTH' 
_diffrn_radiation.pdbx_scattering_type             x-ray 
# 
_diffrn_radiation_wavelength.id           1 
_diffrn_radiation_wavelength.wavelength   1.5418 
_diffrn_radiation_wavelength.wt           1.0 
# 
_diffrn_source.diffrn_id                   1 
_diffrn_source.source                      'ROTATING ANODE' 
_diffrn_source.type                        'RIGAKU MICROMAX-007' 
_diffrn_source.pdbx_synchrotron_site       ? 
_diffrn_source.pdbx_synchrotron_beamline   ? 
_diffrn_source.pdbx_wavelength             ? 
_diffrn_source.pdbx_wavelength_list        1.5418 
# 
_reflns.entry_id                     2ALE 
_reflns.observed_criterion_sigma_I   0.0 
_reflns.observed_criterion_sigma_F   0.0 
_reflns.d_resolution_low             40.53 
_reflns.d_resolution_high            1.8 
_reflns.number_obs                   14642 
_reflns.number_all                   ? 
_reflns.percent_possible_obs         99.4 
_reflns.pdbx_Rmerge_I_obs            0.095 
_reflns.pdbx_Rsym_value              ? 
_reflns.pdbx_netI_over_sigmaI        11.8 
_reflns.B_iso_Wilson_estimate        22.7 
_reflns.pdbx_redundancy              5.2 
_reflns.R_free_details               ? 
_reflns.limit_h_max                  ? 
_reflns.limit_h_min                  ? 
_reflns.limit_k_max                  ? 
_reflns.limit_k_min                  ? 
_reflns.limit_l_max                  ? 
_reflns.limit_l_min                  ? 
_reflns.observed_criterion_F_max     ? 
_reflns.observed_criterion_F_min     ? 
_reflns.pdbx_chi_squared             ? 
_reflns.pdbx_scaling_rejects         ? 
_reflns.pdbx_diffrn_id               1 
_reflns.pdbx_ordinal                 1 
# 
_reflns_shell.d_res_high             1.8 
_reflns_shell.d_res_low              1.86 
_reflns_shell.percent_possible_all   99.0 
_reflns_shell.Rmerge_I_obs           0.326 
_reflns_shell.pdbx_Rsym_value        ? 
_reflns_shell.meanI_over_sigI_obs    2.8 
_reflns_shell.pdbx_redundancy        5.15 
_reflns_shell.percent_possible_obs   ? 
_reflns_shell.number_unique_all      1450 
_reflns_shell.number_measured_all    ? 
_reflns_shell.number_measured_obs    ? 
_reflns_shell.number_unique_obs      ? 
_reflns_shell.pdbx_chi_squared       ? 
_reflns_shell.pdbx_diffrn_id         ? 
_reflns_shell.pdbx_ordinal           1 
# 
_refine.entry_id                                 2ALE 
_refine.ls_number_reflns_obs                     14341 
_refine.ls_number_reflns_all                     14341 
_refine.pdbx_ls_sigma_I                          ? 
_refine.pdbx_ls_sigma_F                          0.0 
_refine.pdbx_data_cutoff_high_absF               1097129.43 
_refine.pdbx_data_cutoff_low_absF                0.000000 
_refine.pdbx_data_cutoff_high_rms_absF           1097129.43 
_refine.ls_d_res_low                             14.68 
_refine.ls_d_res_high                            1.80 
_refine.ls_percent_reflns_obs                    99.6 
_refine.ls_R_factor_obs                          0.223 
_refine.ls_R_factor_all                          0.251 
_refine.ls_R_factor_R_work                       0.223 
_refine.ls_R_factor_R_free                       0.248 
_refine.ls_R_factor_R_free_error                 0.007 
_refine.ls_R_factor_R_free_error_details         ? 
_refine.ls_percent_reflns_R_free                 10.1 
_refine.ls_number_reflns_R_free                  1450 
_refine.ls_number_parameters                     ? 
_refine.ls_number_restraints                     ? 
_refine.occupancy_min                            ? 
_refine.occupancy_max                            ? 
_refine.correlation_coeff_Fo_to_Fc               ? 
_refine.correlation_coeff_Fo_to_Fc_free          ? 
_refine.B_iso_mean                               28.1 
_refine.aniso_B[1][1]                            5.07 
_refine.aniso_B[2][2]                            5.07 
_refine.aniso_B[3][3]                            -10.14 
_refine.aniso_B[1][2]                            2.16 
_refine.aniso_B[1][3]                            0.00 
_refine.aniso_B[2][3]                            0.00 
_refine.solvent_model_details                    'FLAT MODEL' 
_refine.solvent_model_param_ksol                 0.359891 
_refine.solvent_model_param_bsol                 21.0389 
_refine.pdbx_solvent_vdw_probe_radii             ? 
_refine.pdbx_solvent_ion_probe_radii             ? 
_refine.pdbx_solvent_shrinkage_radii             ? 
_refine.pdbx_ls_cross_valid_method               THROUGHOUT 
_refine.details                                  ? 
_refine.pdbx_starting_model                      1E7K 
_refine.pdbx_method_to_determine_struct          'MOLECULAR REPLACEMENT' 
_refine.pdbx_isotropic_thermal_model             RESTRAINED 
_refine.pdbx_stereochemistry_target_values       'Engh & Huber' 
_refine.pdbx_stereochem_target_val_spec_case     ? 
_refine.pdbx_R_Free_selection_details            RANDOM 
_refine.pdbx_overall_ESU_R_Free                  ? 
_refine.ls_redundancy_reflns_obs                 ? 
_refine.B_iso_min                                ? 
_refine.B_iso_max                                ? 
_refine.overall_SU_R_Cruickshank_DPI             ? 
_refine.overall_SU_R_free                        ? 
_refine.overall_SU_ML                            ? 
_refine.overall_SU_B                             ? 
_refine.ls_wR_factor_R_free                      ? 
_refine.ls_wR_factor_R_work                      ? 
_refine.overall_FOM_free_R_set                   ? 
_refine.overall_FOM_work_R_set                   ? 
_refine.pdbx_refine_id                           'X-RAY DIFFRACTION' 
_refine.pdbx_overall_ESU_R                       ? 
_refine.pdbx_overall_phase_error                 ? 
_refine.pdbx_diffrn_id                           1 
_refine.pdbx_TLS_residual_ADP_flag               ? 
_refine.pdbx_overall_SU_R_free_Cruickshank_DPI   ? 
_refine.pdbx_overall_SU_R_Blow_DPI               ? 
_refine.pdbx_overall_SU_R_free_Blow_DPI          ? 
# 
_refine_analyze.entry_id                        2ALE 
_refine_analyze.Luzzati_coordinate_error_obs    0.23 
_refine_analyze.Luzzati_sigma_a_obs             0.25 
_refine_analyze.Luzzati_d_res_low_obs           5.00 
_refine_analyze.Luzzati_coordinate_error_free   0.27 
_refine_analyze.Luzzati_sigma_a_free            0.27 
_refine_analyze.Luzzati_d_res_low_free          ? 
_refine_analyze.number_disordered_residues      ? 
_refine_analyze.occupancy_sum_hydrogen          ? 
_refine_analyze.occupancy_sum_non_hydrogen      ? 
_refine_analyze.pdbx_Luzzati_d_res_high_obs     ? 
_refine_analyze.pdbx_refine_id                  'X-RAY DIFFRACTION' 
# 
_refine_hist.pdbx_refine_id                   'X-RAY DIFFRACTION' 
_refine_hist.cycle_id                         LAST 
_refine_hist.pdbx_number_atoms_protein        1008 
_refine_hist.pdbx_number_atoms_nucleic_acid   0 
_refine_hist.pdbx_number_atoms_ligand         1 
_refine_hist.number_atoms_solvent             66 
_refine_hist.number_atoms_total               1075 
_refine_hist.d_res_high                       1.80 
_refine_hist.d_res_low                        14.68 
# 
loop_
_refine_ls_restr.type 
_refine_ls_restr.dev_ideal 
_refine_ls_restr.dev_ideal_target 
_refine_ls_restr.weight 
_refine_ls_restr.number 
_refine_ls_restr.pdbx_refine_id 
_refine_ls_restr.pdbx_restraint_function 
c_bond_d                0.005 ?    ? ? 'X-RAY DIFFRACTION' ? 
c_bond_d_na             ?     ?    ? ? 'X-RAY DIFFRACTION' ? 
c_bond_d_prot           ?     ?    ? ? 'X-RAY DIFFRACTION' ? 
c_angle_d               ?     ?    ? ? 'X-RAY DIFFRACTION' ? 
c_angle_d_na            ?     ?    ? ? 'X-RAY DIFFRACTION' ? 
c_angle_d_prot          ?     ?    ? ? 'X-RAY DIFFRACTION' ? 
c_angle_deg             1.2   ?    ? ? 'X-RAY DIFFRACTION' ? 
c_angle_deg_na          ?     ?    ? ? 'X-RAY DIFFRACTION' ? 
c_angle_deg_prot        ?     ?    ? ? 'X-RAY DIFFRACTION' ? 
c_dihedral_angle_d      22.9  ?    ? ? 'X-RAY DIFFRACTION' ? 
c_dihedral_angle_d_na   ?     ?    ? ? 'X-RAY DIFFRACTION' ? 
c_dihedral_angle_d_prot ?     ?    ? ? 'X-RAY DIFFRACTION' ? 
c_improper_angle_d      1.27  ?    ? ? 'X-RAY DIFFRACTION' ? 
c_improper_angle_d_na   ?     ?    ? ? 'X-RAY DIFFRACTION' ? 
c_improper_angle_d_prot ?     ?    ? ? 'X-RAY DIFFRACTION' ? 
c_mcbond_it             1.43  1.50 ? ? 'X-RAY DIFFRACTION' ? 
c_mcangle_it            2.31  2.00 ? ? 'X-RAY DIFFRACTION' ? 
c_scbond_it             2.38  2.00 ? ? 'X-RAY DIFFRACTION' ? 
c_scangle_it            3.62  2.50 ? ? 'X-RAY DIFFRACTION' ? 
# 
_refine_ls_shell.pdbx_total_number_of_bins_used   6 
_refine_ls_shell.d_res_high                       1.80 
_refine_ls_shell.d_res_low                        1.91 
_refine_ls_shell.number_reflns_R_work             2112 
_refine_ls_shell.R_factor_R_work                  0.317 
_refine_ls_shell.percent_reflns_obs               99.2 
_refine_ls_shell.R_factor_R_free                  0.341 
_refine_ls_shell.R_factor_R_free_error            0.023 
_refine_ls_shell.percent_reflns_R_free            9.2 
_refine_ls_shell.number_reflns_R_free             215 
_refine_ls_shell.number_reflns_obs                ? 
_refine_ls_shell.redundancy_reflns_obs            ? 
_refine_ls_shell.number_reflns_all                ? 
_refine_ls_shell.R_factor_all                     ? 
_refine_ls_shell.pdbx_refine_id                   'X-RAY DIFFRACTION' 
# 
loop_
_pdbx_xplor_file.serial_no 
_pdbx_xplor_file.param_file 
_pdbx_xplor_file.topol_file 
_pdbx_xplor_file.pdbx_refine_id 
1 PROTEIN_H2O.PARAM PROTEIN_H2O.TOP 'X-RAY DIFFRACTION' 
2 ION.PARAM         WATER.TOP.      'X-RAY DIFFRACTION' 
3 ?                 ION.TOP         'X-RAY DIFFRACTION' 
# 
_struct.entry_id                  2ALE 
_struct.title                     'Crystal structure of yeast RNA splicing factor Snu13p' 
_struct.pdbx_model_details        ? 
_struct.pdbx_CASP_flag            ? 
_struct.pdbx_model_type_details   ? 
# 
_struct_keywords.entry_id        2ALE 
_struct_keywords.pdbx_keywords   'RNA BINDING PROTEIN' 
_struct_keywords.text            'SPLICING, RNA, YEAST, HIS-TAG, RNA BINDING PROTEIN' 
# 
loop_
_struct_asym.id 
_struct_asym.pdbx_blank_PDB_chainid_flag 
_struct_asym.pdbx_modified 
_struct_asym.entity_id 
_struct_asym.details 
A N N 1 ? 
B N N 2 ? 
C N N 3 ? 
# 
loop_
_struct_conf.conf_type_id 
_struct_conf.id 
_struct_conf.pdbx_PDB_helix_id 
_struct_conf.beg_label_comp_id 
_struct_conf.beg_label_asym_id 
_struct_conf.beg_label_seq_id 
_struct_conf.pdbx_beg_PDB_ins_code 
_struct_conf.end_label_comp_id 
_struct_conf.end_label_asym_id 
_struct_conf.end_label_seq_id 
_struct_conf.pdbx_end_PDB_ins_code 
_struct_conf.beg_auth_comp_id 
_struct_conf.beg_auth_asym_id 
_struct_conf.beg_auth_seq_id 
_struct_conf.end_auth_comp_id 
_struct_conf.end_auth_asym_id 
_struct_conf.end_auth_seq_id 
_struct_conf.pdbx_PDB_helix_class 
_struct_conf.details 
_struct_conf.pdbx_PDB_helix_length 
HELX_P HELX_P1 1 ASP A 13  ? LEU A 30  ? ASP A 13  LEU A 30  1 ? 18 
HELX_P HELX_P2 2 GLY A 36  ? GLY A 47  ? GLY A 36  GLY A 47  1 ? 12 
HELX_P HELX_P3 3 PRO A 60  ? LEU A 64  ? PRO A 60  LEU A 64  5 ? 5  
HELX_P HELX_P4 4 LEU A 65  ? ASN A 75  ? LEU A 65  ASN A 75  1 ? 11 
HELX_P HELX_P5 5 SER A 83  ? CYS A 91  ? SER A 83  CYS A 91  1 ? 9  
HELX_P HELX_P6 6 ILE A 110 ? LEU A 127 ? ILE A 110 LEU A 127 1 ? 18 
# 
_struct_conf_type.id          HELX_P 
_struct_conf_type.criteria    ? 
_struct_conf_type.reference   ? 
# 
loop_
_struct_conn.id 
_struct_conn.conn_type_id 
_struct_conn.pdbx_leaving_atom_flag 
_struct_conn.pdbx_PDB_id 
_struct_conn.ptnr1_label_asym_id 
_struct_conn.ptnr1_label_comp_id 
_struct_conn.ptnr1_label_seq_id 
_struct_conn.ptnr1_label_atom_id 
_struct_conn.pdbx_ptnr1_label_alt_id 
_struct_conn.pdbx_ptnr1_PDB_ins_code 
_struct_conn.pdbx_ptnr1_standard_comp_id 
_struct_conn.ptnr1_symmetry 
_struct_conn.ptnr2_label_asym_id 
_struct_conn.ptnr2_label_comp_id 
_struct_conn.ptnr2_label_seq_id 
_struct_conn.ptnr2_label_atom_id 
_struct_conn.pdbx_ptnr2_label_alt_id 
_struct_conn.pdbx_ptnr2_PDB_ins_code 
_struct_conn.ptnr1_auth_asym_id 
_struct_conn.ptnr1_auth_comp_id 
_struct_conn.ptnr1_auth_seq_id 
_struct_conn.ptnr2_auth_asym_id 
_struct_conn.ptnr2_auth_comp_id 
_struct_conn.ptnr2_auth_seq_id 
_struct_conn.ptnr2_symmetry 
_struct_conn.pdbx_ptnr3_label_atom_id 
_struct_conn.pdbx_ptnr3_label_seq_id 
_struct_conn.pdbx_ptnr3_label_comp_id 
_struct_conn.pdbx_ptnr3_label_asym_id 
_struct_conn.pdbx_ptnr3_label_alt_id 
_struct_conn.pdbx_ptnr3_PDB_ins_code 
_struct_conn.details 
_struct_conn.pdbx_dist_value 
_struct_conn.pdbx_value_order 
_struct_conn.pdbx_role 
metalc1 metalc ? ? A ASP 73  OD2 ? ? ? 1_555 B MG . MG ? ? A ASP 73  A MG 1001 1_555 ? ? ? ? ? ? ? 2.598 ? ? 
metalc2 metalc ? ? A ASP 73  OD1 ? ? ? 1_555 B MG . MG ? ? A ASP 73  A MG 1001 1_555 ? ? ? ? ? ? ? 2.334 ? ? 
metalc3 metalc ? ? A ASP 73  OD1 ? ? ? 6_765 B MG . MG ? ? A ASP 73  A MG 1001 1_555 ? ? ? ? ? ? ? 2.333 ? ? 
metalc4 metalc ? ? A ASP 73  OD2 ? ? ? 6_765 B MG . MG ? ? A ASP 73  A MG 1001 1_555 ? ? ? ? ? ? ? 2.598 ? ? 
metalc5 metalc ? ? A HIS 132 NE2 ? ? ? 1_555 B MG . MG ? ? A HIS 132 A MG 1001 1_555 ? ? ? ? ? ? ? 2.230 ? ? 
metalc6 metalc ? ? A HIS 132 NE2 ? ? ? 6_765 B MG . MG ? ? A HIS 132 A MG 1001 1_555 ? ? ? ? ? ? ? 2.231 ? ? 
# 
_struct_conn_type.id          metalc 
_struct_conn_type.criteria    ? 
_struct_conn_type.reference   ? 
# 
loop_
_struct_mon_prot_cis.pdbx_id 
_struct_mon_prot_cis.label_comp_id 
_struct_mon_prot_cis.label_seq_id 
_struct_mon_prot_cis.label_asym_id 
_struct_mon_prot_cis.label_alt_id 
_struct_mon_prot_cis.pdbx_PDB_ins_code 
_struct_mon_prot_cis.auth_comp_id 
_struct_mon_prot_cis.auth_seq_id 
_struct_mon_prot_cis.auth_asym_id 
_struct_mon_prot_cis.pdbx_label_comp_id_2 
_struct_mon_prot_cis.pdbx_label_seq_id_2 
_struct_mon_prot_cis.pdbx_label_asym_id_2 
_struct_mon_prot_cis.pdbx_PDB_ins_code_2 
_struct_mon_prot_cis.pdbx_auth_comp_id_2 
_struct_mon_prot_cis.pdbx_auth_seq_id_2 
_struct_mon_prot_cis.pdbx_auth_asym_id_2 
_struct_mon_prot_cis.pdbx_PDB_model_num 
_struct_mon_prot_cis.pdbx_omega_angle 
1 PHE 9  A . ? PHE 9  A PRO 10 A ? PRO 10 A 1 -0.36 
2 GLU 59 A . ? GLU 59 A PRO 60 A ? PRO 60 A 1 -0.35 
# 
_struct_sheet.id               A 
_struct_sheet.type             ? 
_struct_sheet.number_strands   4 
_struct_sheet.details          ? 
# 
loop_
_struct_sheet_order.sheet_id 
_struct_sheet_order.range_id_1 
_struct_sheet_order.range_id_2 
_struct_sheet_order.offset 
_struct_sheet_order.sense 
A 1 2 ? anti-parallel 
A 2 3 ? anti-parallel 
A 3 4 ? parallel      
# 
loop_
_struct_sheet_range.sheet_id 
_struct_sheet_range.id 
_struct_sheet_range.beg_label_comp_id 
_struct_sheet_range.beg_label_asym_id 
_struct_sheet_range.beg_label_seq_id 
_struct_sheet_range.pdbx_beg_PDB_ins_code 
_struct_sheet_range.end_label_comp_id 
_struct_sheet_range.end_label_asym_id 
_struct_sheet_range.end_label_seq_id 
_struct_sheet_range.pdbx_end_PDB_ins_code 
_struct_sheet_range.beg_auth_comp_id 
_struct_sheet_range.beg_auth_asym_id 
_struct_sheet_range.beg_auth_seq_id 
_struct_sheet_range.end_auth_comp_id 
_struct_sheet_range.end_auth_asym_id 
_struct_sheet_range.end_auth_seq_id 
A 1 LEU A 33 ? LYS A 35  ? LEU A 33 LYS A 35  
A 2 ALA A 99 ? THR A 103 ? ALA A 99 THR A 103 
A 3 SER A 49 ? ALA A 55  ? SER A 49 ALA A 55  
A 4 TYR A 78 ? VAL A 81  ? TYR A 78 VAL A 81  
# 
loop_
_pdbx_struct_sheet_hbond.sheet_id 
_pdbx_struct_sheet_hbond.range_id_1 
_pdbx_struct_sheet_hbond.range_id_2 
_pdbx_struct_sheet_hbond.range_1_label_atom_id 
_pdbx_struct_sheet_hbond.range_1_label_comp_id 
_pdbx_struct_sheet_hbond.range_1_label_asym_id 
_pdbx_struct_sheet_hbond.range_1_label_seq_id 
_pdbx_struct_sheet_hbond.range_1_PDB_ins_code 
_pdbx_struct_sheet_hbond.range_1_auth_atom_id 
_pdbx_struct_sheet_hbond.range_1_auth_comp_id 
_pdbx_struct_sheet_hbond.range_1_auth_asym_id 
_pdbx_struct_sheet_hbond.range_1_auth_seq_id 
_pdbx_struct_sheet_hbond.range_2_label_atom_id 
_pdbx_struct_sheet_hbond.range_2_label_comp_id 
_pdbx_struct_sheet_hbond.range_2_label_asym_id 
_pdbx_struct_sheet_hbond.range_2_label_seq_id 
_pdbx_struct_sheet_hbond.range_2_PDB_ins_code 
_pdbx_struct_sheet_hbond.range_2_auth_atom_id 
_pdbx_struct_sheet_hbond.range_2_auth_comp_id 
_pdbx_struct_sheet_hbond.range_2_auth_asym_id 
_pdbx_struct_sheet_hbond.range_2_auth_seq_id 
A 1 2 N LYS A 34  ? N LYS A 34  O SER A 101 ? O SER A 101 
A 2 3 O ILE A 102 ? O ILE A 102 N GLU A 50  ? N GLU A 50  
A 3 4 N MET A 54  ? N MET A 54  O VAL A 81  ? O VAL A 81  
# 
_struct_site.id                   AC1 
_struct_site.pdbx_evidence_code   Software 
_struct_site.pdbx_auth_asym_id    A 
_struct_site.pdbx_auth_comp_id    MG 
_struct_site.pdbx_auth_seq_id     1001 
_struct_site.pdbx_auth_ins_code   ? 
_struct_site.pdbx_num_residues    4 
_struct_site.details              'BINDING SITE FOR RESIDUE MG A 1001' 
# 
loop_
_struct_site_gen.id 
_struct_site_gen.site_id 
_struct_site_gen.pdbx_num_res 
_struct_site_gen.label_comp_id 
_struct_site_gen.label_asym_id 
_struct_site_gen.label_seq_id 
_struct_site_gen.pdbx_auth_ins_code 
_struct_site_gen.auth_comp_id 
_struct_site_gen.auth_asym_id 
_struct_site_gen.auth_seq_id 
_struct_site_gen.label_atom_id 
_struct_site_gen.label_alt_id 
_struct_site_gen.symmetry 
_struct_site_gen.details 
1 AC1 4 ASP A 73  ? ASP A 73  . ? 1_555 ? 
2 AC1 4 ASP A 73  ? ASP A 73  . ? 6_765 ? 
3 AC1 4 HIS A 132 ? HIS A 132 . ? 1_555 ? 
4 AC1 4 HIS A 132 ? HIS A 132 . ? 6_765 ? 
# 
_atom_sites.entry_id                    2ALE 
_atom_sites.fract_transf_matrix[1][1]   -0.00632038 
_atom_sites.fract_transf_matrix[1][2]   -0.01487298 
_atom_sites.fract_transf_matrix[1][3]   0.00290084 
_atom_sites.fract_transf_matrix[2][1]   -0.00862538 
_atom_sites.fract_transf_matrix[2][2]   -0.00272397 
_atom_sites.fract_transf_matrix[2][3]   0.01370159 
_atom_sites.fract_transf_matrix[3][1]   -0.01574202 
_atom_sites.fract_transf_matrix[3][2]   0.00494874 
_atom_sites.fract_transf_matrix[3][3]   -0.00892603 
_atom_sites.fract_transf_vector[1]      0.899011 
_atom_sites.fract_transf_vector[2]      0.419305 
_atom_sites.fract_transf_vector[3]      0.410677 
# 
loop_
_atom_type.symbol 
C  
MG 
N  
O  
S  
# 
loop_
_atom_site.group_PDB 
_atom_site.id 
_atom_site.type_symbol 
_atom_site.label_atom_id 
_atom_site.label_alt_id 
_atom_site.label_comp_id 
_atom_site.label_asym_id 
_atom_site.label_entity_id 
_atom_site.label_seq_id 
_atom_site.pdbx_PDB_ins_code 
_atom_site.Cartn_x 
_atom_site.Cartn_y 
_atom_site.Cartn_z 
_atom_site.occupancy 
_atom_site.B_iso_or_equiv 
_atom_site.pdbx_formal_charge 
_atom_site.auth_seq_id 
_atom_site.auth_comp_id 
_atom_site.auth_asym_id 
_atom_site.auth_atom_id 
_atom_site.pdbx_PDB_model_num 
ATOM   1    N  N   . MET A 1 1   ? -10.915 -13.161 -10.390 1.00 58.46  ? 1    MET A N   1 
ATOM   2    C  CA  . MET A 1 1   ? -11.421 -12.196 -9.372  1.00 57.86  ? 1    MET A CA  1 
ATOM   3    C  C   . MET A 1 1   ? -11.886 -12.893 -8.099  1.00 55.18  ? 1    MET A C   1 
ATOM   4    O  O   . MET A 1 1   ? -12.634 -13.873 -8.150  1.00 56.17  ? 1    MET A O   1 
ATOM   5    C  CB  . MET A 1 1   ? -12.566 -11.358 -9.951  1.00 61.63  ? 1    MET A CB  1 
ATOM   6    C  CG  . MET A 1 1   ? -12.137 -10.401 -11.049 1.00 66.44  ? 1    MET A CG  1 
ATOM   7    S  SD  . MET A 1 1   ? -10.872 -9.241  -10.477 1.00 72.44  ? 1    MET A SD  1 
ATOM   8    C  CE  . MET A 1 1   ? -11.901 -7.855  -9.913  1.00 72.04  ? 1    MET A CE  1 
ATOM   9    N  N   . SER A 1 2   ? -11.434 -12.378 -6.959  1.00 51.00  ? 2    SER A N   1 
ATOM   10   C  CA  . SER A 1 2   ? -11.792 -12.925 -5.653  1.00 45.62  ? 2    SER A CA  1 
ATOM   11   C  C   . SER A 1 2   ? -12.144 -11.796 -4.693  1.00 40.76  ? 2    SER A C   1 
ATOM   12   O  O   . SER A 1 2   ? -11.716 -10.655 -4.875  1.00 40.58  ? 2    SER A O   1 
ATOM   13   C  CB  . SER A 1 2   ? -10.637 -13.747 -5.076  1.00 46.89  ? 2    SER A CB  1 
ATOM   14   O  OG  . SER A 1 2   ? -10.373 -14.888 -5.871  1.00 50.55  ? 2    SER A OG  1 
ATOM   15   N  N   . ALA A 1 3   ? -12.940 -12.120 -3.679  1.00 34.44  ? 3    ALA A N   1 
ATOM   16   C  CA  . ALA A 1 3   ? -13.355 -11.138 -2.686  1.00 29.85  ? 3    ALA A CA  1 
ATOM   17   C  C   . ALA A 1 3   ? -12.230 -10.884 -1.691  1.00 27.29  ? 3    ALA A C   1 
ATOM   18   O  O   . ALA A 1 3   ? -11.377 -11.750 -1.469  1.00 26.21  ? 3    ALA A O   1 
ATOM   19   C  CB  . ALA A 1 3   ? -14.603 -11.622 -1.960  1.00 27.85  ? 3    ALA A CB  1 
ATOM   20   N  N   . PRO A 1 4   ? -12.199 -9.682  -1.089  1.00 26.13  ? 4    PRO A N   1 
ATOM   21   C  CA  . PRO A 1 4   ? -11.149 -9.358  -0.117  1.00 25.82  ? 4    PRO A CA  1 
ATOM   22   C  C   . PRO A 1 4   ? -11.126 -10.267 1.107   1.00 24.77  ? 4    PRO A C   1 
ATOM   23   O  O   . PRO A 1 4   ? -12.153 -10.555 1.720   1.00 23.94  ? 4    PRO A O   1 
ATOM   24   C  CB  . PRO A 1 4   ? -11.443 -7.899  0.250   1.00 25.45  ? 4    PRO A CB  1 
ATOM   25   C  CG  . PRO A 1 4   ? -12.880 -7.708  -0.107  1.00 27.52  ? 4    PRO A CG  1 
ATOM   26   C  CD  . PRO A 1 4   ? -13.026 -8.498  -1.375  1.00 26.86  ? 4    PRO A CD  1 
ATOM   27   N  N   . ASN A 1 5   ? -9.928  -10.727 1.446   1.00 24.48  ? 5    ASN A N   1 
ATOM   28   C  CA  . ASN A 1 5   ? -9.735  -11.606 2.592   1.00 24.61  ? 5    ASN A CA  1 
ATOM   29   C  C   . ASN A 1 5   ? -10.191 -10.883 3.856   1.00 25.23  ? 5    ASN A C   1 
ATOM   30   O  O   . ASN A 1 5   ? -10.016 -9.671  3.981   1.00 25.32  ? 5    ASN A O   1 
ATOM   31   C  CB  . ASN A 1 5   ? -8.253  -11.982 2.690   1.00 24.75  ? 5    ASN A CB  1 
ATOM   32   C  CG  . ASN A 1 5   ? -8.001  -13.137 3.635   1.00 25.91  ? 5    ASN A CG  1 
ATOM   33   O  OD1 . ASN A 1 5   ? -8.104  -12.990 4.849   1.00 26.58  ? 5    ASN A OD1 1 
ATOM   34   N  ND2 . ASN A 1 5   ? -7.663  -14.294 3.077   1.00 27.61  ? 5    ASN A ND2 1 
ATOM   35   N  N   . PRO A 1 6   ? -10.845 -11.602 4.783   1.00 25.67  ? 6    PRO A N   1 
ATOM   36   C  CA  . PRO A 1 6   ? -11.312 -10.978 6.025   1.00 26.45  ? 6    PRO A CA  1 
ATOM   37   C  C   . PRO A 1 6   ? -10.188 -10.328 6.842   1.00 27.06  ? 6    PRO A C   1 
ATOM   38   O  O   . PRO A 1 6   ? -10.432 -9.416  7.625   1.00 27.29  ? 6    PRO A O   1 
ATOM   39   C  CB  . PRO A 1 6   ? -11.981 -12.143 6.770   1.00 26.28  ? 6    PRO A CB  1 
ATOM   40   C  CG  . PRO A 1 6   ? -11.355 -13.363 6.176   1.00 27.51  ? 6    PRO A CG  1 
ATOM   41   C  CD  . PRO A 1 6   ? -11.268 -13.011 4.720   1.00 26.33  ? 6    PRO A CD  1 
ATOM   42   N  N   . LYS A 1 7   ? -8.955  -10.770 6.623   1.00 27.39  ? 7    LYS A N   1 
ATOM   43   C  CA  . LYS A 1 7   ? -7.811  -10.210 7.339   1.00 30.07  ? 7    LYS A CA  1 
ATOM   44   C  C   . LYS A 1 7   ? -7.229  -8.990  6.616   1.00 29.79  ? 7    LYS A C   1 
ATOM   45   O  O   . LYS A 1 7   ? -6.308  -8.340  7.113   1.00 30.43  ? 7    LYS A O   1 
ATOM   46   C  CB  . LYS A 1 7   ? -6.726  -11.278 7.511   1.00 32.19  ? 7    LYS A CB  1 
ATOM   47   C  CG  . LYS A 1 7   ? -7.167  -12.514 8.296   1.00 36.62  ? 7    LYS A CG  1 
ATOM   48   C  CD  . LYS A 1 7   ? -7.528  -12.178 9.740   1.00 41.30  ? 7    LYS A CD  1 
ATOM   49   C  CE  . LYS A 1 7   ? -9.040  -12.186 9.975   1.00 43.72  ? 7    LYS A CE  1 
ATOM   50   N  NZ  . LYS A 1 7   ? -9.638  -13.549 9.822   1.00 44.02  ? 7    LYS A NZ  1 
ATOM   51   N  N   . ALA A 1 8   ? -7.783  -8.676  5.449   1.00 28.94  ? 8    ALA A N   1 
ATOM   52   C  CA  . ALA A 1 8   ? -7.318  -7.550  4.649   1.00 28.31  ? 8    ALA A CA  1 
ATOM   53   C  C   . ALA A 1 8   ? -7.948  -6.213  5.046   1.00 27.57  ? 8    ALA A C   1 
ATOM   54   O  O   . ALA A 1 8   ? -8.666  -5.601  4.257   1.00 28.40  ? 8    ALA A O   1 
ATOM   55   C  CB  . ALA A 1 8   ? -7.566  -7.831  3.177   1.00 28.23  ? 8    ALA A CB  1 
ATOM   56   N  N   . PHE A 1 9   ? -7.646  -5.749  6.255   1.00 26.13  ? 9    PHE A N   1 
ATOM   57   C  CA  . PHE A 1 9   ? -8.189  -4.486  6.747   1.00 26.03  ? 9    PHE A CA  1 
ATOM   58   C  C   . PHE A 1 9   ? -7.095  -3.528  7.224   1.00 24.89  ? 9    PHE A C   1 
ATOM   59   O  O   . PHE A 1 9   ? -6.041  -3.962  7.680   1.00 23.79  ? 9    PHE A O   1 
ATOM   60   C  CB  . PHE A 1 9   ? -9.212  -4.738  7.865   1.00 27.95  ? 9    PHE A CB  1 
ATOM   61   C  CG  . PHE A 1 9   ? -8.645  -5.434  9.074   1.00 32.44  ? 9    PHE A CG  1 
ATOM   62   C  CD1 . PHE A 1 9   ? -8.105  -4.702  10.127  1.00 31.71  ? 9    PHE A CD1 1 
ATOM   63   C  CD2 . PHE A 1 9   ? -8.671  -6.823  9.170   1.00 32.76  ? 9    PHE A CD2 1 
ATOM   64   C  CE1 . PHE A 1 9   ? -7.598  -5.341  11.257  1.00 33.73  ? 9    PHE A CE1 1 
ATOM   65   C  CE2 . PHE A 1 9   ? -8.167  -7.469  10.298  1.00 34.57  ? 9    PHE A CE2 1 
ATOM   66   C  CZ  . PHE A 1 9   ? -7.631  -6.726  11.342  1.00 32.76  ? 9    PHE A CZ  1 
ATOM   67   N  N   . PRO A 1 10  ? -7.309  -2.210  7.065   1.00 23.39  ? 10   PRO A N   1 
ATOM   68   C  CA  . PRO A 1 10  ? -8.496  -1.592  6.467   1.00 22.85  ? 10   PRO A CA  1 
ATOM   69   C  C   . PRO A 1 10  ? -8.501  -1.757  4.948   1.00 23.32  ? 10   PRO A C   1 
ATOM   70   O  O   . PRO A 1 10  ? -7.440  -1.862  4.316   1.00 21.59  ? 10   PRO A O   1 
ATOM   71   C  CB  . PRO A 1 10  ? -8.347  -0.127  6.874   1.00 22.99  ? 10   PRO A CB  1 
ATOM   72   C  CG  . PRO A 1 10  ? -6.868  0.064   6.846   1.00 22.81  ? 10   PRO A CG  1 
ATOM   73   C  CD  . PRO A 1 10  ? -6.378  -1.175  7.551   1.00 22.80  ? 10   PRO A CD  1 
ATOM   74   N  N   . LEU A 1 11  ? -9.698  -1.828  4.376   1.00 21.09  ? 11   LEU A N   1 
ATOM   75   C  CA  . LEU A 1 11  ? -9.848  -1.987  2.938   1.00 22.25  ? 11   LEU A CA  1 
ATOM   76   C  C   . LEU A 1 11  ? -10.261 -0.641  2.355   1.00 20.26  ? 11   LEU A C   1 
ATOM   77   O  O   . LEU A 1 11  ? -11.272 -0.074  2.758   1.00 19.92  ? 11   LEU A O   1 
ATOM   78   C  CB  . LEU A 1 11  ? -10.940 -3.014  2.636   1.00 23.40  ? 11   LEU A CB  1 
ATOM   79   C  CG  . LEU A 1 11  ? -10.872 -3.906  1.392   1.00 26.23  ? 11   LEU A CG  1 
ATOM   80   C  CD1 . LEU A 1 11  ? -12.294 -4.145  0.896   1.00 26.40  ? 11   LEU A CD1 1 
ATOM   81   C  CD2 . LEU A 1 11  ? -10.019 -3.307  0.291   1.00 26.06  ? 11   LEU A CD2 1 
ATOM   82   N  N   . ALA A 1 12  ? -9.467  -0.127  1.424   1.00 18.71  ? 12   ALA A N   1 
ATOM   83   C  CA  . ALA A 1 12  ? -9.776  1.149   0.789   1.00 18.43  ? 12   ALA A CA  1 
ATOM   84   C  C   . ALA A 1 12  ? -11.017 0.970   -0.078  1.00 20.30  ? 12   ALA A C   1 
ATOM   85   O  O   . ALA A 1 12  ? -11.132 -0.025  -0.806  1.00 19.69  ? 12   ALA A O   1 
ATOM   86   C  CB  . ALA A 1 12  ? -8.612  1.596   -0.073  1.00 18.88  ? 12   ALA A CB  1 
ATOM   87   N  N   . ASP A 1 13  ? -11.953 1.910   0.008   1.00 18.53  ? 13   ASP A N   1 
ATOM   88   C  CA  . ASP A 1 13  ? -13.149 1.823   -0.817  1.00 20.92  ? 13   ASP A CA  1 
ATOM   89   C  C   . ASP A 1 13  ? -12.789 2.104   -2.271  1.00 19.99  ? 13   ASP A C   1 
ATOM   90   O  O   . ASP A 1 13  ? -11.627 2.365   -2.588  1.00 18.53  ? 13   ASP A O   1 
ATOM   91   C  CB  . ASP A 1 13  ? -14.258 2.760   -0.321  1.00 23.36  ? 13   ASP A CB  1 
ATOM   92   C  CG  . ASP A 1 13  ? -13.812 4.209   -0.188  1.00 27.44  ? 13   ASP A CG  1 
ATOM   93   O  OD1 . ASP A 1 13  ? -12.967 4.688   -0.979  1.00 24.32  ? 13   ASP A OD1 1 
ATOM   94   O  OD2 . ASP A 1 13  ? -14.342 4.882   0.716   1.00 30.78  ? 13   ASP A OD2 1 
ATOM   95   N  N   . ALA A 1 14  ? -13.789 2.076   -3.146  1.00 20.64  ? 14   ALA A N   1 
ATOM   96   C  CA  . ALA A 1 14  ? -13.567 2.299   -4.566  1.00 19.37  ? 14   ALA A CA  1 
ATOM   97   C  C   . ALA A 1 14  ? -12.829 3.600   -4.868  1.00 19.08  ? 14   ALA A C   1 
ATOM   98   O  O   . ALA A 1 14  ? -11.859 3.597   -5.623  1.00 19.63  ? 14   ALA A O   1 
ATOM   99   C  CB  . ALA A 1 14  ? -14.899 2.256   -5.325  1.00 21.82  ? 14   ALA A CB  1 
ATOM   100  N  N   . ALA A 1 15  ? -13.271 4.693   -4.253  1.00 18.68  ? 15   ALA A N   1 
ATOM   101  C  CA  . ALA A 1 15  ? -12.667 6.008   -4.466  1.00 19.27  ? 15   ALA A CA  1 
ATOM   102  C  C   . ALA A 1 15  ? -11.209 6.042   -4.032  1.00 18.02  ? 15   ALA A C   1 
ATOM   103  O  O   . ALA A 1 15  ? -10.331 6.442   -4.801  1.00 17.68  ? 15   ALA A O   1 
ATOM   104  C  CB  . ALA A 1 15  ? -13.458 7.081   -3.731  1.00 18.54  ? 15   ALA A CB  1 
ATOM   105  N  N   . LEU A 1 16  ? -10.951 5.599   -2.806  1.00 18.26  ? 16   LEU A N   1 
ATOM   106  C  CA  . LEU A 1 16  ? -9.595  5.587   -2.285  1.00 17.75  ? 16   LEU A CA  1 
ATOM   107  C  C   . LEU A 1 16  ? -8.710  4.634   -3.086  1.00 17.34  ? 16   LEU A C   1 
ATOM   108  O  O   . LEU A 1 16  ? -7.530  4.913   -3.292  1.00 19.03  ? 16   LEU A O   1 
ATOM   109  C  CB  . LEU A 1 16  ? -9.588  5.238   -0.794  1.00 18.24  ? 16   LEU A CB  1 
ATOM   110  C  CG  . LEU A 1 16  ? -8.227  5.292   -0.097  1.00 15.46  ? 16   LEU A CG  1 
ATOM   111  C  CD1 . LEU A 1 16  ? -7.530  6.618   -0.387  1.00 15.09  ? 16   LEU A CD1 1 
ATOM   112  C  CD2 . LEU A 1 16  ? -8.410  5.086   1.401   1.00 16.77  ? 16   LEU A CD2 1 
ATOM   113  N  N   . THR A 1 17  ? -9.286  3.538   -3.577  1.00 18.91  ? 17   THR A N   1 
ATOM   114  C  CA  . THR A 1 17  ? -8.525  2.584   -4.380  1.00 18.11  ? 17   THR A CA  1 
ATOM   115  C  C   . THR A 1 17  ? -8.013  3.260   -5.653  1.00 19.09  ? 17   THR A C   1 
ATOM   116  O  O   . THR A 1 17  ? -6.845  3.117   -6.011  1.00 17.12  ? 17   THR A O   1 
ATOM   117  C  CB  . THR A 1 17  ? -9.366  1.333   -4.740  1.00 19.54  ? 17   THR A CB  1 
ATOM   118  O  OG1 . THR A 1 17  ? -9.548  0.534   -3.564  1.00 19.45  ? 17   THR A OG1 1 
ATOM   119  C  CG2 . THR A 1 17  ? -8.671  0.494   -5.815  1.00 18.83  ? 17   THR A CG2 1 
ATOM   120  N  N   . GLN A 1 18  ? -8.879  4.014   -6.324  1.00 17.47  ? 18   GLN A N   1 
ATOM   121  C  CA  . GLN A 1 18  ? -8.465  4.697   -7.544  1.00 18.75  ? 18   GLN A CA  1 
ATOM   122  C  C   . GLN A 1 18  ? -7.435  5.774   -7.229  1.00 15.89  ? 18   GLN A C   1 
ATOM   123  O  O   . GLN A 1 18  ? -6.477  5.954   -7.974  1.00 16.94  ? 18   GLN A O   1 
ATOM   124  C  CB  . GLN A 1 18  ? -9.662  5.306   -8.275  1.00 18.86  ? 18   GLN A CB  1 
ATOM   125  C  CG  . GLN A 1 18  ? -10.601 4.267   -8.881  1.00 25.31  ? 18   GLN A CG  1 
ATOM   126  C  CD  . GLN A 1 18  ? -9.863  3.262   -9.742  1.00 28.07  ? 18   GLN A CD  1 
ATOM   127  O  OE1 . GLN A 1 18  ? -9.116  3.633   -10.651 1.00 30.12  ? 18   GLN A OE1 1 
ATOM   128  N  NE2 . GLN A 1 18  ? -10.034 1.981   -9.435  1.00 30.03  ? 18   GLN A NE2 1 
ATOM   129  N  N   . GLN A 1 19  ? -7.627  6.477   -6.118  1.00 16.42  ? 19   GLN A N   1 
ATOM   130  C  CA  . GLN A 1 19  ? -6.691  7.519   -5.712  1.00 15.77  ? 19   GLN A CA  1 
ATOM   131  C  C   . GLN A 1 19  ? -5.321  6.883   -5.482  1.00 15.78  ? 19   GLN A C   1 
ATOM   132  O  O   . GLN A 1 19  ? -4.310  7.349   -6.004  1.00 15.05  ? 19   GLN A O   1 
ATOM   133  C  CB  . GLN A 1 19  ? -7.172  8.213   -4.436  1.00 15.01  ? 19   GLN A CB  1 
ATOM   134  C  CG  . GLN A 1 19  ? -6.229  9.315   -3.942  1.00 14.58  ? 19   GLN A CG  1 
ATOM   135  C  CD  . GLN A 1 19  ? -6.795  10.112  -2.779  1.00 17.42  ? 19   GLN A CD  1 
ATOM   136  O  OE1 . GLN A 1 19  ? -7.890  9.829   -2.286  1.00 17.48  ? 19   GLN A OE1 1 
ATOM   137  N  NE2 . GLN A 1 19  ? -6.048  11.120  -2.339  1.00 17.18  ? 19   GLN A NE2 1 
ATOM   138  N  N   . ILE A 1 20  ? -5.319  5.780   -4.743  1.00 16.53  ? 20   ILE A N   1 
ATOM   139  C  CA  . ILE A 1 20  ? -4.096  5.049   -4.438  1.00 17.51  ? 20   ILE A CA  1 
ATOM   140  C  C   . ILE A 1 20  ? -3.418  4.533   -5.707  1.00 16.96  ? 20   ILE A C   1 
ATOM   141  O  O   . ILE A 1 20  ? -2.235  4.789   -5.923  1.00 17.44  ? 20   ILE A O   1 
ATOM   142  C  CB  . ILE A 1 20  ? -4.387  3.872   -3.475  1.00 17.37  ? 20   ILE A CB  1 
ATOM   143  C  CG1 . ILE A 1 20  ? -4.741  4.412   -2.085  1.00 16.85  ? 20   ILE A CG1 1 
ATOM   144  C  CG2 . ILE A 1 20  ? -3.188  2.932   -3.388  1.00 18.05  ? 20   ILE A CG2 1 
ATOM   145  C  CD1 . ILE A 1 20  ? -5.393  3.374   -1.167  1.00 17.86  ? 20   ILE A CD1 1 
ATOM   146  N  N   . LEU A 1 21  ? -4.173  3.844   -6.563  1.00 17.36  ? 21   LEU A N   1 
ATOM   147  C  CA  . LEU A 1 21  ? -3.614  3.297   -7.797  1.00 18.66  ? 21   LEU A CA  1 
ATOM   148  C  C   . LEU A 1 21  ? -3.001  4.353   -8.719  1.00 19.81  ? 21   LEU A C   1 
ATOM   149  O  O   . LEU A 1 21  ? -1.995  4.092   -9.374  1.00 20.46  ? 21   LEU A O   1 
ATOM   150  C  CB  . LEU A 1 21  ? -4.660  2.457   -8.550  1.00 19.84  ? 21   LEU A CB  1 
ATOM   151  C  CG  . LEU A 1 21  ? -5.091  1.152   -7.863  1.00 20.51  ? 21   LEU A CG  1 
ATOM   152  C  CD1 . LEU A 1 21  ? -6.121  0.423   -8.717  1.00 22.71  ? 21   LEU A CD1 1 
ATOM   153  C  CD2 . LEU A 1 21  ? -3.887  0.264   -7.612  1.00 19.06  ? 21   LEU A CD2 1 
ATOM   154  N  N   . ASP A 1 22  ? -3.602  5.542   -8.757  1.00 20.10  ? 22   ASP A N   1 
ATOM   155  C  CA  . ASP A 1 22  ? -3.103  6.645   -9.584  1.00 19.38  ? 22   ASP A CA  1 
ATOM   156  C  C   . ASP A 1 22  ? -1.783  7.186   -9.025  1.00 20.12  ? 22   ASP A C   1 
ATOM   157  O  O   . ASP A 1 22  ? -0.871  7.533   -9.780  1.00 18.90  ? 22   ASP A O   1 
ATOM   158  C  CB  . ASP A 1 22  ? -4.146  7.760   -9.658  1.00 21.30  ? 22   ASP A CB  1 
ATOM   159  C  CG  . ASP A 1 22  ? -3.636  8.995   -10.378 1.00 24.41  ? 22   ASP A CG  1 
ATOM   160  O  OD1 . ASP A 1 22  ? -3.331  8.902   -11.585 1.00 26.53  ? 22   ASP A OD1 1 
ATOM   161  O  OD2 . ASP A 1 22  ? -3.545  10.060  -9.735  1.00 26.08  ? 22   ASP A OD2 1 
ATOM   162  N  N   . VAL A 1 23  ? -1.695  7.293   -7.702  1.00 18.99  ? 23   VAL A N   1 
ATOM   163  C  CA  . VAL A 1 23  ? -0.462  7.759   -7.073  1.00 18.76  ? 23   VAL A CA  1 
ATOM   164  C  C   . VAL A 1 23  ? 0.619   6.680   -7.258  1.00 18.40  ? 23   VAL A C   1 
ATOM   165  O  O   . VAL A 1 23  ? 1.776   6.992   -7.531  1.00 18.51  ? 23   VAL A O   1 
ATOM   166  C  CB  . VAL A 1 23  ? -0.674  8.076   -5.576  1.00 16.45  ? 23   VAL A CB  1 
ATOM   167  C  CG1 . VAL A 1 23  ? 0.659   8.350   -4.892  1.00 17.43  ? 23   VAL A CG1 1 
ATOM   168  C  CG2 . VAL A 1 23  ? -1.585  9.290   -5.433  1.00 18.10  ? 23   VAL A CG2 1 
ATOM   169  N  N   . VAL A 1 24  ? 0.226   5.411   -7.149  1.00 17.93  ? 24   VAL A N   1 
ATOM   170  C  CA  . VAL A 1 24  ? 1.164   4.306   -7.336  1.00 16.93  ? 24   VAL A CA  1 
ATOM   171  C  C   . VAL A 1 24  ? 1.756   4.375   -8.752  1.00 19.32  ? 24   VAL A C   1 
ATOM   172  O  O   . VAL A 1 24  ? 2.965   4.232   -8.938  1.00 17.73  ? 24   VAL A O   1 
ATOM   173  C  CB  . VAL A 1 24  ? 0.480   2.927   -7.106  1.00 17.35  ? 24   VAL A CB  1 
ATOM   174  C  CG1 . VAL A 1 24  ? 1.363   1.789   -7.614  1.00 19.00  ? 24   VAL A CG1 1 
ATOM   175  C  CG2 . VAL A 1 24  ? 0.200   2.722   -5.620  1.00 17.14  ? 24   VAL A CG2 1 
ATOM   176  N  N   . GLN A 1 25  ? 0.903   4.648   -9.735  1.00 19.21  ? 25   GLN A N   1 
ATOM   177  C  CA  . GLN A 1 25  ? 1.333   4.745   -11.129 1.00 20.76  ? 25   GLN A CA  1 
ATOM   178  C  C   . GLN A 1 25  ? 2.341   5.878   -11.316 1.00 20.01  ? 25   GLN A C   1 
ATOM   179  O  O   . GLN A 1 25  ? 3.367   5.705   -11.981 1.00 20.66  ? 25   GLN A O   1 
ATOM   180  C  CB  . GLN A 1 25  ? 0.111   4.943   -12.042 1.00 23.08  ? 25   GLN A CB  1 
ATOM   181  C  CG  . GLN A 1 25  ? 0.431   5.320   -13.485 1.00 32.24  ? 25   GLN A CG  1 
ATOM   182  C  CD  . GLN A 1 25  ? 0.402   6.825   -13.722 1.00 37.67  ? 25   GLN A CD  1 
ATOM   183  O  OE1 . GLN A 1 25  ? 1.369   7.406   -14.213 1.00 41.21  ? 25   GLN A OE1 1 
ATOM   184  N  NE2 . GLN A 1 25  ? -0.717  7.461   -13.375 1.00 39.09  ? 25   GLN A NE2 1 
ATOM   185  N  N   . GLN A 1 26  ? 2.049   7.034   -10.723 1.00 18.86  ? 26   GLN A N   1 
ATOM   186  C  CA  . GLN A 1 26  ? 2.940   8.185   -10.825 1.00 19.21  ? 26   GLN A CA  1 
ATOM   187  C  C   . GLN A 1 26  ? 4.246   7.899   -10.098 1.00 17.20  ? 26   GLN A C   1 
ATOM   188  O  O   . GLN A 1 26  ? 5.316   8.286   -10.556 1.00 17.81  ? 26   GLN A O   1 
ATOM   189  C  CB  . GLN A 1 26  ? 2.283   9.428   -10.238 1.00 19.34  ? 26   GLN A CB  1 
ATOM   190  C  CG  . GLN A 1 26  ? 1.064   9.892   -11.016 1.00 23.03  ? 26   GLN A CG  1 
ATOM   191  C  CD  . GLN A 1 26  ? 0.369   11.041  -10.338 1.00 24.29  ? 26   GLN A CD  1 
ATOM   192  O  OE1 . GLN A 1 26  ? 0.818   12.182  -10.416 1.00 24.40  ? 26   GLN A OE1 1 
ATOM   193  N  NE2 . GLN A 1 26  ? -0.728  10.746  -9.646  1.00 26.67  ? 26   GLN A NE2 1 
ATOM   194  N  N   . ALA A 1 27  ? 4.151   7.201   -8.972  1.00 17.04  ? 27   ALA A N   1 
ATOM   195  C  CA  . ALA A 1 27  ? 5.340   6.849   -8.202  1.00 18.02  ? 27   ALA A CA  1 
ATOM   196  C  C   . ALA A 1 27  ? 6.207   5.879   -9.014  1.00 18.84  ? 27   ALA A C   1 
ATOM   197  O  O   . ALA A 1 27  ? 7.435   5.965   -8.992  1.00 20.76  ? 27   ALA A O   1 
ATOM   198  C  CB  . ALA A 1 27  ? 4.942   6.228   -6.877  1.00 15.87  ? 27   ALA A CB  1 
ATOM   199  N  N   . ALA A 1 28  ? 5.560   4.972   -9.745  1.00 20.41  ? 28   ALA A N   1 
ATOM   200  C  CA  . ALA A 1 28  ? 6.273   3.999   -10.570 1.00 22.42  ? 28   ALA A CA  1 
ATOM   201  C  C   . ALA A 1 28  ? 7.076   4.709   -11.657 1.00 23.38  ? 28   ALA A C   1 
ATOM   202  O  O   . ALA A 1 28  ? 8.244   4.388   -11.890 1.00 25.44  ? 28   ALA A O   1 
ATOM   203  C  CB  . ALA A 1 28  ? 5.291   3.010   -11.200 1.00 23.65  ? 28   ALA A CB  1 
ATOM   204  N  N   . ASN A 1 29  ? 6.446   5.682   -12.311 1.00 23.45  ? 29   ASN A N   1 
ATOM   205  C  CA  . ASN A 1 29  ? 7.095   6.448   -13.373 1.00 24.55  ? 29   ASN A CA  1 
ATOM   206  C  C   . ASN A 1 29  ? 8.235   7.315   -12.858 1.00 24.38  ? 29   ASN A C   1 
ATOM   207  O  O   . ASN A 1 29  ? 9.199   7.564   -13.578 1.00 24.23  ? 29   ASN A O   1 
ATOM   208  C  CB  . ASN A 1 29  ? 6.077   7.321   -14.111 1.00 25.84  ? 29   ASN A CB  1 
ATOM   209  C  CG  . ASN A 1 29  ? 5.136   6.507   -14.980 1.00 30.77  ? 29   ASN A CG  1 
ATOM   210  O  OD1 . ASN A 1 29  ? 5.521   5.476   -15.537 1.00 33.45  ? 29   ASN A OD1 1 
ATOM   211  N  ND2 . ASN A 1 29  ? 3.894   6.958   -15.091 1.00 31.05  ? 29   ASN A ND2 1 
ATOM   212  N  N   . LEU A 1 30  ? 8.118   7.768   -11.613 1.00 22.68  ? 30   LEU A N   1 
ATOM   213  C  CA  . LEU A 1 30  ? 9.136   8.610   -10.993 1.00 21.68  ? 30   LEU A CA  1 
ATOM   214  C  C   . LEU A 1 30  ? 10.168  7.780   -10.235 1.00 21.16  ? 30   LEU A C   1 
ATOM   215  O  O   . LEU A 1 30  ? 11.108  8.334   -9.678  1.00 21.54  ? 30   LEU A O   1 
ATOM   216  C  CB  . LEU A 1 30  ? 8.479   9.612   -10.034 1.00 22.31  ? 30   LEU A CB  1 
ATOM   217  C  CG  . LEU A 1 30  ? 8.275   11.061  -10.498 1.00 26.99  ? 30   LEU A CG  1 
ATOM   218  C  CD1 . LEU A 1 30  ? 7.726   11.114  -11.898 1.00 24.34  ? 30   LEU A CD1 1 
ATOM   219  C  CD2 . LEU A 1 30  ? 7.358   11.790  -9.529  1.00 23.07  ? 30   LEU A CD2 1 
ATOM   220  N  N   . ARG A 1 31  ? 10.006  6.457   -10.266 1.00 21.04  ? 31   ARG A N   1 
ATOM   221  C  CA  . ARG A 1 31  ? 10.882  5.510   -9.572  1.00 22.57  ? 31   ARG A CA  1 
ATOM   222  C  C   . ARG A 1 31  ? 10.912  5.850   -8.085  1.00 20.57  ? 31   ARG A C   1 
ATOM   223  O  O   . ARG A 1 31  ? 11.976  6.051   -7.501  1.00 21.47  ? 31   ARG A O   1 
ATOM   224  C  CB  . ARG A 1 31  ? 12.313  5.531   -10.128 1.00 25.09  ? 31   ARG A CB  1 
ATOM   225  C  CG  . ARG A 1 31  ? 12.454  5.488   -11.647 1.00 32.42  ? 31   ARG A CG  1 
ATOM   226  C  CD  . ARG A 1 31  ? 12.976  6.833   -12.168 1.00 36.29  ? 31   ARG A CD  1 
ATOM   227  N  NE  . ARG A 1 31  ? 13.828  7.504   -11.179 1.00 40.52  ? 31   ARG A NE  1 
ATOM   228  C  CZ  . ARG A 1 31  ? 13.796  8.811   -10.919 1.00 41.48  ? 31   ARG A CZ  1 
ATOM   229  N  NH1 . ARG A 1 31  ? 12.961  9.604   -11.587 1.00 36.99  ? 31   ARG A NH1 1 
ATOM   230  N  NH2 . ARG A 1 31  ? 14.564  9.319   -9.955  1.00 36.47  ? 31   ARG A NH2 1 
ATOM   231  N  N   . GLN A 1 32  ? 9.728   5.956   -7.493  1.00 19.49  ? 32   GLN A N   1 
ATOM   232  C  CA  . GLN A 1 32  ? 9.589   6.273   -6.077  1.00 19.54  ? 32   GLN A CA  1 
ATOM   233  C  C   . GLN A 1 32  ? 8.704   5.168   -5.495  1.00 18.99  ? 32   GLN A C   1 
ATOM   234  O  O   . GLN A 1 32  ? 7.895   5.404   -4.597  1.00 18.45  ? 32   GLN A O   1 
ATOM   235  C  CB  . GLN A 1 32  ? 8.916   7.648   -5.931  1.00 19.94  ? 32   GLN A CB  1 
ATOM   236  C  CG  . GLN A 1 32  ? 9.125   8.321   -4.580  1.00 19.80  ? 32   GLN A CG  1 
ATOM   237  C  CD  . GLN A 1 32  ? 8.280   9.571   -4.396  1.00 21.69  ? 32   GLN A CD  1 
ATOM   238  O  OE1 . GLN A 1 32  ? 7.872   10.228  -5.363  1.00 20.96  ? 32   GLN A OE1 1 
ATOM   239  N  NE2 . GLN A 1 32  ? 8.005   9.902   -3.144  1.00 17.29  ? 32   GLN A NE2 1 
ATOM   240  N  N   . LEU A 1 33  ? 8.921   3.948   -5.981  1.00 19.05  ? 33   LEU A N   1 
ATOM   241  C  CA  . LEU A 1 33  ? 8.118   2.797   -5.585  1.00 21.37  ? 33   LEU A CA  1 
ATOM   242  C  C   . LEU A 1 33  ? 8.899   1.482   -5.537  1.00 22.02  ? 33   LEU A C   1 
ATOM   243  O  O   . LEU A 1 33  ? 9.750   1.225   -6.385  1.00 22.04  ? 33   LEU A O   1 
ATOM   244  C  CB  . LEU A 1 33  ? 6.982   2.647   -6.603  1.00 23.14  ? 33   LEU A CB  1 
ATOM   245  C  CG  . LEU A 1 33  ? 6.024   1.464   -6.521  1.00 22.60  ? 33   LEU A CG  1 
ATOM   246  C  CD1 . LEU A 1 33  ? 5.018   1.720   -5.418  1.00 25.78  ? 33   LEU A CD1 1 
ATOM   247  C  CD2 . LEU A 1 33  ? 5.310   1.308   -7.854  1.00 26.05  ? 33   LEU A CD2 1 
ATOM   248  N  N   . LYS A 1 34  ? 8.579   0.648   -4.552  1.00 21.72  ? 34   LYS A N   1 
ATOM   249  C  CA  . LYS A 1 34  ? 9.194   -0.670  -4.398  1.00 22.57  ? 34   LYS A CA  1 
ATOM   250  C  C   . LYS A 1 34  ? 8.051   -1.675  -4.492  1.00 22.01  ? 34   LYS A C   1 
ATOM   251  O  O   . LYS A 1 34  ? 6.991   -1.460  -3.905  1.00 21.39  ? 34   LYS A O   1 
ATOM   252  C  CB  . LYS A 1 34  ? 9.898   -0.800  -3.041  1.00 24.18  ? 34   LYS A CB  1 
ATOM   253  C  CG  . LYS A 1 34  ? 11.162  0.021   -2.908  1.00 26.63  ? 34   LYS A CG  1 
ATOM   254  C  CD  . LYS A 1 34  ? 12.209  -0.390  -3.934  1.00 28.09  ? 34   LYS A CD  1 
ATOM   255  C  CE  . LYS A 1 34  ? 13.525  0.311   -3.666  1.00 30.77  ? 34   LYS A CE  1 
ATOM   256  N  NZ  . LYS A 1 34  ? 14.582  -0.047  -4.658  1.00 34.53  ? 34   LYS A NZ  1 
ATOM   257  N  N   . LYS A 1 35  ? 8.257   -2.751  -5.247  1.00 22.72  ? 35   LYS A N   1 
ATOM   258  C  CA  . LYS A 1 35  ? 7.228   -3.775  -5.441  1.00 25.11  ? 35   LYS A CA  1 
ATOM   259  C  C   . LYS A 1 35  ? 7.588   -5.094  -4.770  1.00 24.55  ? 35   LYS A C   1 
ATOM   260  O  O   . LYS A 1 35  ? 8.741   -5.517  -4.807  1.00 23.56  ? 35   LYS A O   1 
ATOM   261  C  CB  . LYS A 1 35  ? 7.022   -4.033  -6.938  1.00 27.95  ? 35   LYS A CB  1 
ATOM   262  C  CG  . LYS A 1 35  ? 6.703   -2.795  -7.759  1.00 32.47  ? 35   LYS A CG  1 
ATOM   263  C  CD  . LYS A 1 35  ? 6.640   -3.120  -9.247  1.00 36.90  ? 35   LYS A CD  1 
ATOM   264  C  CE  . LYS A 1 35  ? 8.016   -3.421  -9.827  1.00 37.44  ? 35   LYS A CE  1 
ATOM   265  N  NZ  . LYS A 1 35  ? 8.898   -2.217  -9.839  1.00 39.86  ? 35   LYS A NZ  1 
ATOM   266  N  N   . GLY A 1 36  ? 6.583   -5.757  -4.202  1.00 23.95  ? 36   GLY A N   1 
ATOM   267  C  CA  . GLY A 1 36  ? 6.802   -7.034  -3.544  1.00 23.53  ? 36   GLY A CA  1 
ATOM   268  C  C   . GLY A 1 36  ? 6.785   -6.956  -2.029  1.00 22.17  ? 36   GLY A C   1 
ATOM   269  O  O   . GLY A 1 36  ? 7.153   -5.936  -1.446  1.00 21.20  ? 36   GLY A O   1 
ATOM   270  N  N   . ALA A 1 37  ? 6.380   -8.050  -1.391  1.00 21.64  ? 37   ALA A N   1 
ATOM   271  C  CA  . ALA A 1 37  ? 6.306   -8.113  0.065   1.00 22.18  ? 37   ALA A CA  1 
ATOM   272  C  C   . ALA A 1 37  ? 7.665   -7.894  0.726   1.00 22.20  ? 37   ALA A C   1 
ATOM   273  O  O   . ALA A 1 37  ? 7.778   -7.117  1.674   1.00 20.64  ? 37   ALA A O   1 
ATOM   274  C  CB  . ALA A 1 37  ? 5.709   -9.447  0.508   1.00 21.32  ? 37   ALA A CB  1 
ATOM   275  N  N   . ASN A 1 38  ? 8.694   -8.554  0.201   1.00 22.57  ? 38   ASN A N   1 
ATOM   276  C  CA  . ASN A 1 38  ? 10.041  -8.431  0.752   1.00 24.82  ? 38   ASN A CA  1 
ATOM   277  C  C   . ASN A 1 38  ? 10.600  -7.012  0.608   1.00 23.93  ? 38   ASN A C   1 
ATOM   278  O  O   . ASN A 1 38  ? 11.117  -6.448  1.568   1.00 24.11  ? 38   ASN A O   1 
ATOM   279  C  CB  . ASN A 1 38  ? 10.985  -9.446  0.101   1.00 27.57  ? 38   ASN A CB  1 
ATOM   280  C  CG  . ASN A 1 38  ? 12.319  -9.551  0.827   1.00 31.59  ? 38   ASN A CG  1 
ATOM   281  O  OD1 . ASN A 1 38  ? 12.369  -9.879  2.015   1.00 35.23  ? 38   ASN A OD1 1 
ATOM   282  N  ND2 . ASN A 1 38  ? 13.407  -9.274  0.113   1.00 34.40  ? 38   ASN A ND2 1 
ATOM   283  N  N   . GLU A 1 39  ? 10.495  -6.436  -0.588  1.00 23.43  ? 39   GLU A N   1 
ATOM   284  C  CA  . GLU A 1 39  ? 10.982  -5.075  -0.804  1.00 23.58  ? 39   GLU A CA  1 
ATOM   285  C  C   . GLU A 1 39  ? 10.225  -4.083  0.082   1.00 21.37  ? 39   GLU A C   1 
ATOM   286  O  O   . GLU A 1 39  ? 10.820  -3.156  0.626   1.00 19.56  ? 39   GLU A O   1 
ATOM   287  C  CB  . GLU A 1 39  ? 10.868  -4.672  -2.274  1.00 26.03  ? 39   GLU A CB  1 
ATOM   288  C  CG  . GLU A 1 39  ? 11.787  -5.451  -3.214  1.00 29.88  ? 39   GLU A CG  1 
ATOM   289  C  CD  . GLU A 1 39  ? 13.266  -5.260  -2.909  1.00 33.48  ? 39   GLU A CD  1 
ATOM   290  O  OE1 . GLU A 1 39  ? 14.029  -6.240  -3.060  1.00 37.40  ? 39   GLU A OE1 1 
ATOM   291  O  OE2 . GLU A 1 39  ? 13.673  -4.139  -2.525  1.00 31.79  ? 39   GLU A OE2 1 
ATOM   292  N  N   . ALA A 1 40  ? 8.922   -4.299  0.245   1.00 19.63  ? 40   ALA A N   1 
ATOM   293  C  CA  . ALA A 1 40  ? 8.104   -3.430  1.083   1.00 19.28  ? 40   ALA A CA  1 
ATOM   294  C  C   . ALA A 1 40  ? 8.601   -3.487  2.527   1.00 18.93  ? 40   ALA A C   1 
ATOM   295  O  O   . ALA A 1 40  ? 8.776   -2.456  3.181   1.00 16.25  ? 40   ALA A O   1 
ATOM   296  C  CB  . ALA A 1 40  ? 6.636   -3.850  1.010   1.00 18.92  ? 40   ALA A CB  1 
ATOM   297  N  N   . THR A 1 41  ? 8.841   -4.704  3.008   1.00 19.07  ? 41   THR A N   1 
ATOM   298  C  CA  . THR A 1 41  ? 9.323   -4.929  4.364   1.00 18.11  ? 41   THR A CA  1 
ATOM   299  C  C   . THR A 1 41  ? 10.607  -4.144  4.612   1.00 19.76  ? 41   THR A C   1 
ATOM   300  O  O   . THR A 1 41  ? 10.757  -3.494  5.648   1.00 20.12  ? 41   THR A O   1 
ATOM   301  C  CB  . THR A 1 41  ? 9.608   -6.425  4.603   1.00 20.19  ? 41   THR A CB  1 
ATOM   302  O  OG1 . THR A 1 41  ? 8.429   -7.187  4.319   1.00 19.22  ? 41   THR A OG1 1 
ATOM   303  C  CG2 . THR A 1 41  ? 10.020  -6.658  6.044   1.00 21.66  ? 41   THR A CG2 1 
ATOM   304  N  N   . LYS A 1 42  ? 11.518  -4.193  3.645   1.00 17.11  ? 42   LYS A N   1 
ATOM   305  C  CA  . LYS A 1 42  ? 12.793  -3.493  3.763   1.00 20.19  ? 42   LYS A CA  1 
ATOM   306  C  C   . LYS A 1 42  ? 12.650  -1.973  3.828   1.00 17.26  ? 42   LYS A C   1 
ATOM   307  O  O   . LYS A 1 42  ? 13.400  -1.318  4.546   1.00 16.52  ? 42   LYS A O   1 
ATOM   308  C  CB  . LYS A 1 42  ? 13.740  -3.913  2.639   1.00 21.08  ? 42   LYS A CB  1 
ATOM   309  C  CG  . LYS A 1 42  ? 14.227  -5.352  2.790   1.00 26.78  ? 42   LYS A CG  1 
ATOM   310  C  CD  . LYS A 1 42  ? 15.301  -5.708  1.774   1.00 30.24  ? 42   LYS A CD  1 
ATOM   311  C  CE  . LYS A 1 42  ? 14.743  -5.703  0.363   1.00 31.55  ? 42   LYS A CE  1 
ATOM   312  N  NZ  . LYS A 1 42  ? 15.763  -6.100  -0.644  1.00 33.61  ? 42   LYS A NZ  1 
ATOM   313  N  N   . THR A 1 43  ? 11.694  -1.408  3.091   1.00 15.79  ? 43   THR A N   1 
ATOM   314  C  CA  . THR A 1 43  ? 11.493  0.040   3.150   1.00 15.77  ? 43   THR A CA  1 
ATOM   315  C  C   . THR A 1 43  ? 11.013  0.416   4.550   1.00 15.58  ? 43   THR A C   1 
ATOM   316  O  O   . THR A 1 43  ? 11.388  1.458   5.083   1.00 16.75  ? 43   THR A O   1 
ATOM   317  C  CB  . THR A 1 43  ? 10.475  0.561   2.099   1.00 16.70  ? 43   THR A CB  1 
ATOM   318  O  OG1 . THR A 1 43  ? 9.167   0.049   2.379   1.00 17.92  ? 43   THR A OG1 1 
ATOM   319  C  CG2 . THR A 1 43  ? 10.894  0.152   0.696   1.00 18.23  ? 43   THR A CG2 1 
ATOM   320  N  N   . LEU A 1 44  ? 10.198  -0.448  5.149   1.00 13.21  ? 44   LEU A N   1 
ATOM   321  C  CA  . LEU A 1 44  ? 9.681   -0.212  6.495   1.00 15.77  ? 44   LEU A CA  1 
ATOM   322  C  C   . LEU A 1 44  ? 10.812  -0.296  7.515   1.00 16.87  ? 44   LEU A C   1 
ATOM   323  O  O   . LEU A 1 44  ? 10.920  0.542   8.414   1.00 17.00  ? 44   LEU A O   1 
ATOM   324  C  CB  . LEU A 1 44  ? 8.591   -1.233  6.837   1.00 14.14  ? 44   LEU A CB  1 
ATOM   325  C  CG  . LEU A 1 44  ? 7.256   -0.993  6.123   1.00 15.14  ? 44   LEU A CG  1 
ATOM   326  C  CD1 . LEU A 1 44  ? 6.337   -2.191  6.298   1.00 15.75  ? 44   LEU A CD1 1 
ATOM   327  C  CD2 . LEU A 1 44  ? 6.595   0.281   6.667   1.00 16.56  ? 44   LEU A CD2 1 
ATOM   328  N  N   . ASN A 1 45  ? 11.646  -1.317  7.375   1.00 16.70  ? 45   ASN A N   1 
ATOM   329  C  CA  . ASN A 1 45  ? 12.784  -1.500  8.273   1.00 19.27  ? 45   ASN A CA  1 
ATOM   330  C  C   . ASN A 1 45  ? 13.730  -0.296  8.185   1.00 21.03  ? 45   ASN A C   1 
ATOM   331  O  O   . ASN A 1 45  ? 14.330  0.108   9.184   1.00 20.80  ? 45   ASN A O   1 
ATOM   332  C  CB  . ASN A 1 45  ? 13.554  -2.769  7.902   1.00 18.64  ? 45   ASN A CB  1 
ATOM   333  C  CG  . ASN A 1 45  ? 12.786  -4.048  8.215   1.00 18.01  ? 45   ASN A CG  1 
ATOM   334  O  OD1 . ASN A 1 45  ? 13.097  -5.110  7.678   1.00 20.97  ? 45   ASN A OD1 1 
ATOM   335  N  ND2 . ASN A 1 45  ? 11.795  -3.957  9.089   1.00 18.63  ? 45   ASN A ND2 1 
ATOM   336  N  N   . ARG A 1 46  ? 13.850  0.278   6.988   1.00 21.23  ? 46   ARG A N   1 
ATOM   337  C  CA  . ARG A 1 46  ? 14.726  1.431   6.767   1.00 22.16  ? 46   ARG A CA  1 
ATOM   338  C  C   . ARG A 1 46  ? 14.064  2.778   7.060   1.00 21.63  ? 46   ARG A C   1 
ATOM   339  O  O   . ARG A 1 46  ? 14.724  3.817   7.040   1.00 23.66  ? 46   ARG A O   1 
ATOM   340  C  CB  . ARG A 1 46  ? 15.285  1.414   5.340   1.00 24.65  ? 46   ARG A CB  1 
ATOM   341  C  CG  . ARG A 1 46  ? 16.241  0.262   5.063   1.00 31.88  ? 46   ARG A CG  1 
ATOM   342  C  CD  . ARG A 1 46  ? 17.024  0.479   3.783   1.00 37.69  ? 46   ARG A CD  1 
ATOM   343  N  NE  . ARG A 1 46  ? 16.660  -0.484  2.749   1.00 42.89  ? 46   ARG A NE  1 
ATOM   344  C  CZ  . ARG A 1 46  ? 17.465  -1.438  2.288   1.00 43.34  ? 46   ARG A CZ  1 
ATOM   345  N  NH1 . ARG A 1 46  ? 17.032  -2.255  1.338   1.00 45.01  ? 46   ARG A NH1 1 
ATOM   346  N  NH2 . ARG A 1 46  ? 18.691  -1.584  2.780   1.00 45.16  ? 46   ARG A NH2 1 
ATOM   347  N  N   . GLY A 1 47  ? 12.764  2.753   7.336   1.00 20.69  ? 47   GLY A N   1 
ATOM   348  C  CA  . GLY A 1 47  ? 12.032  3.974   7.629   1.00 20.37  ? 47   GLY A CA  1 
ATOM   349  C  C   . GLY A 1 47  ? 11.838  4.888   6.430   1.00 19.96  ? 47   GLY A C   1 
ATOM   350  O  O   . GLY A 1 47  ? 11.612  6.090   6.598   1.00 20.12  ? 47   GLY A O   1 
ATOM   351  N  N   . ILE A 1 48  ? 11.892  4.326   5.223   1.00 16.55  ? 48   ILE A N   1 
ATOM   352  C  CA  . ILE A 1 48  ? 11.740  5.120   4.008   1.00 16.60  ? 48   ILE A CA  1 
ATOM   353  C  C   . ILE A 1 48  ? 10.420  4.896   3.274   1.00 17.31  ? 48   ILE A C   1 
ATOM   354  O  O   . ILE A 1 48  ? 10.311  5.178   2.082   1.00 17.91  ? 48   ILE A O   1 
ATOM   355  C  CB  . ILE A 1 48  ? 12.923  4.896   3.038   1.00 17.91  ? 48   ILE A CB  1 
ATOM   356  C  CG1 . ILE A 1 48  ? 12.921  3.456   2.505   1.00 17.44  ? 48   ILE A CG1 1 
ATOM   357  C  CG2 . ILE A 1 48  ? 14.238  5.185   3.762   1.00 17.43  ? 48   ILE A CG2 1 
ATOM   358  C  CD1 . ILE A 1 48  ? 13.944  3.191   1.401   1.00 19.11  ? 48   ILE A CD1 1 
ATOM   359  N  N   . SER A 1 49  ? 9.426   4.366   3.979   1.00 17.34  ? 49   SER A N   1 
ATOM   360  C  CA  . SER A 1 49  ? 8.116   4.131   3.377   1.00 17.59  ? 49   SER A CA  1 
ATOM   361  C  C   . SER A 1 49  ? 7.129   5.209   3.800   1.00 18.81  ? 49   SER A C   1 
ATOM   362  O  O   . SER A 1 49  ? 6.930   5.446   4.996   1.00 16.19  ? 49   SER A O   1 
ATOM   363  C  CB  . SER A 1 49  ? 7.565   2.762   3.786   1.00 18.16  ? 49   SER A CB  1 
ATOM   364  O  OG  . SER A 1 49  ? 6.277   2.541   3.228   1.00 19.43  ? 49   SER A OG  1 
ATOM   365  N  N   . GLU A 1 50  ? 6.527   5.875   2.820   1.00 17.67  ? 50   GLU A N   1 
ATOM   366  C  CA  . GLU A 1 50  ? 5.526   6.892   3.119   1.00 18.99  ? 50   GLU A CA  1 
ATOM   367  C  C   . GLU A 1 50  ? 4.242   6.154   3.495   1.00 18.28  ? 50   GLU A C   1 
ATOM   368  O  O   . GLU A 1 50  ? 3.529   6.550   4.419   1.00 17.52  ? 50   GLU A O   1 
ATOM   369  C  CB  . GLU A 1 50  ? 5.313   7.814   1.917   1.00 21.42  ? 50   GLU A CB  1 
ATOM   370  C  CG  . GLU A 1 50  ? 6.455   8.810   1.709   1.00 23.05  ? 50   GLU A CG  1 
ATOM   371  C  CD  . GLU A 1 50  ? 6.643   9.747   2.900   1.00 26.42  ? 50   GLU A CD  1 
ATOM   372  O  OE1 . GLU A 1 50  ? 5.636   10.131  3.533   1.00 27.46  ? 50   GLU A OE1 1 
ATOM   373  O  OE2 . GLU A 1 50  ? 7.801   10.103  3.207   1.00 27.90  ? 50   GLU A OE2 1 
ATOM   374  N  N   . PHE A 1 51  ? 3.951   5.088   2.753   1.00 17.39  ? 51   PHE A N   1 
ATOM   375  C  CA  . PHE A 1 51  ? 2.795   4.241   3.021   1.00 17.24  ? 51   PHE A CA  1 
ATOM   376  C  C   . PHE A 1 51  ? 2.884   2.919   2.270   1.00 17.96  ? 51   PHE A C   1 
ATOM   377  O  O   . PHE A 1 51  ? 3.590   2.806   1.268   1.00 18.81  ? 51   PHE A O   1 
ATOM   378  C  CB  . PHE A 1 51  ? 1.455   4.958   2.766   1.00 17.72  ? 51   PHE A CB  1 
ATOM   379  C  CG  . PHE A 1 51  ? 1.224   5.371   1.340   1.00 19.63  ? 51   PHE A CG  1 
ATOM   380  C  CD1 . PHE A 1 51  ? 0.561   4.525   0.457   1.00 22.28  ? 51   PHE A CD1 1 
ATOM   381  C  CD2 . PHE A 1 51  ? 1.598   6.637   0.901   1.00 21.96  ? 51   PHE A CD2 1 
ATOM   382  C  CE1 . PHE A 1 51  ? 0.266   4.937   -0.847  1.00 24.38  ? 51   PHE A CE1 1 
ATOM   383  C  CE2 . PHE A 1 51  ? 1.306   7.059   -0.404  1.00 21.17  ? 51   PHE A CE2 1 
ATOM   384  C  CZ  . PHE A 1 51  ? 0.641   6.210   -1.275  1.00 22.36  ? 51   PHE A CZ  1 
ATOM   385  N  N   . ILE A 1 52  ? 2.184   1.916   2.792   1.00 17.27  ? 52   ILE A N   1 
ATOM   386  C  CA  . ILE A 1 52  ? 2.171   0.575   2.224   1.00 17.70  ? 52   ILE A CA  1 
ATOM   387  C  C   . ILE A 1 52  ? 0.819   0.224   1.621   1.00 17.46  ? 52   ILE A C   1 
ATOM   388  O  O   . ILE A 1 52  ? -0.216  0.441   2.247   1.00 18.87  ? 52   ILE A O   1 
ATOM   389  C  CB  . ILE A 1 52  ? 2.478   -0.477  3.317   1.00 17.60  ? 52   ILE A CB  1 
ATOM   390  C  CG1 . ILE A 1 52  ? 3.890   -0.276  3.869   1.00 17.35  ? 52   ILE A CG1 1 
ATOM   391  C  CG2 . ILE A 1 52  ? 2.315   -1.891  2.768   1.00 19.01  ? 52   ILE A CG2 1 
ATOM   392  C  CD1 . ILE A 1 52  ? 4.979   -0.523  2.860   1.00 19.34  ? 52   ILE A CD1 1 
ATOM   393  N  N   . ILE A 1 53  ? 0.840   -0.315  0.406   1.00 18.82  ? 53   ILE A N   1 
ATOM   394  C  CA  . ILE A 1 53  ? -0.384  -0.746  -0.273  1.00 18.58  ? 53   ILE A CA  1 
ATOM   395  C  C   . ILE A 1 53  ? -0.273  -2.260  -0.437  1.00 18.94  ? 53   ILE A C   1 
ATOM   396  O  O   . ILE A 1 53  ? 0.767   -2.762  -0.862  1.00 18.70  ? 53   ILE A O   1 
ATOM   397  C  CB  . ILE A 1 53  ? -0.530  -0.140  -1.691  1.00 19.50  ? 53   ILE A CB  1 
ATOM   398  C  CG1 . ILE A 1 53  ? -0.302  1.373   -1.673  1.00 21.22  ? 53   ILE A CG1 1 
ATOM   399  C  CG2 . ILE A 1 53  ? -1.916  -0.451  -2.245  1.00 16.99  ? 53   ILE A CG2 1 
ATOM   400  C  CD1 . ILE A 1 53  ? 1.158   1.763   -1.817  1.00 25.84  ? 53   ILE A CD1 1 
ATOM   401  N  N   . MET A 1 54  ? -1.344  -2.977  -0.102  1.00 19.51  ? 54   MET A N   1 
ATOM   402  C  CA  . MET A 1 54  ? -1.372  -4.434  -0.211  1.00 20.14  ? 54   MET A CA  1 
ATOM   403  C  C   . MET A 1 54  ? -2.639  -4.896  -0.924  1.00 20.41  ? 54   MET A C   1 
ATOM   404  O  O   . MET A 1 54  ? -3.655  -4.216  -0.877  1.00 20.82  ? 54   MET A O   1 
ATOM   405  C  CB  . MET A 1 54  ? -1.319  -5.059  1.184   1.00 20.68  ? 54   MET A CB  1 
ATOM   406  C  CG  . MET A 1 54  ? -0.011  -4.805  1.930   1.00 20.80  ? 54   MET A CG  1 
ATOM   407  S  SD  . MET A 1 54  ? -0.107  -5.332  3.643   1.00 22.57  ? 54   MET A SD  1 
ATOM   408  C  CE  . MET A 1 54  ? -0.803  -3.900  4.412   1.00 20.69  ? 54   MET A CE  1 
ATOM   409  N  N   . ALA A 1 55  ? -2.569  -6.054  -1.577  1.00 20.81  ? 55   ALA A N   1 
ATOM   410  C  CA  . ALA A 1 55  ? -3.719  -6.609  -2.294  1.00 20.44  ? 55   ALA A CA  1 
ATOM   411  C  C   . ALA A 1 55  ? -4.534  -7.498  -1.367  1.00 19.33  ? 55   ALA A C   1 
ATOM   412  O  O   . ALA A 1 55  ? -4.002  -8.432  -0.767  1.00 20.49  ? 55   ALA A O   1 
ATOM   413  C  CB  . ALA A 1 55  ? -3.256  -7.405  -3.498  1.00 20.59  ? 55   ALA A CB  1 
ATOM   414  N  N   . ALA A 1 56  ? -5.828  -7.208  -1.265  1.00 20.58  ? 56   ALA A N   1 
ATOM   415  C  CA  . ALA A 1 56  ? -6.742  -7.958  -0.407  1.00 21.60  ? 56   ALA A CA  1 
ATOM   416  C  C   . ALA A 1 56  ? -7.041  -9.371  -0.907  1.00 23.19  ? 56   ALA A C   1 
ATOM   417  O  O   . ALA A 1 56  ? -7.527  -10.211 -0.149  1.00 23.19  ? 56   ALA A O   1 
ATOM   418  C  CB  . ALA A 1 56  ? -8.040  -7.182  -0.225  1.00 22.45  ? 56   ALA A CB  1 
ATOM   419  N  N   . ASP A 1 57  ? -6.773  -9.622  -2.184  1.00 25.65  ? 57   ASP A N   1 
ATOM   420  C  CA  . ASP A 1 57  ? -7.006  -10.943 -2.763  1.00 29.08  ? 57   ASP A CA  1 
ATOM   421  C  C   . ASP A 1 57  ? -5.706  -11.736 -2.909  1.00 29.78  ? 57   ASP A C   1 
ATOM   422  O  O   . ASP A 1 57  ? -5.624  -12.684 -3.695  1.00 30.34  ? 57   ASP A O   1 
ATOM   423  C  CB  . ASP A 1 57  ? -7.745  -10.832 -4.107  1.00 29.96  ? 57   ASP A CB  1 
ATOM   424  C  CG  . ASP A 1 57  ? -6.970  -10.048 -5.153  1.00 32.73  ? 57   ASP A CG  1 
ATOM   425  O  OD1 . ASP A 1 57  ? -6.018  -9.320  -4.797  1.00 32.56  ? 57   ASP A OD1 1 
ATOM   426  O  OD2 . ASP A 1 57  ? -7.330  -10.153 -6.344  1.00 31.47  ? 57   ASP A OD2 1 
ATOM   427  N  N   . CYS A 1 58  ? -4.684  -11.326 -2.161  1.00 28.42  ? 58   CYS A N   1 
ATOM   428  C  CA  . CYS A 1 58  ? -3.392  -12.009 -2.184  1.00 29.56  ? 58   CYS A CA  1 
ATOM   429  C  C   . CYS A 1 58  ? -3.595  -13.452 -1.729  1.00 30.58  ? 58   CYS A C   1 
ATOM   430  O  O   . CYS A 1 58  ? -4.242  -13.695 -0.709  1.00 30.67  ? 58   CYS A O   1 
ATOM   431  C  CB  . CYS A 1 58  ? -2.413  -11.312 -1.241  1.00 27.15  ? 58   CYS A CB  1 
ATOM   432  S  SG  . CYS A 1 58  ? -0.842  -12.174 -1.057  1.00 28.01  ? 58   CYS A SG  1 
ATOM   433  N  N   . GLU A 1 59  ? -3.036  -14.403 -2.474  1.00 32.28  ? 59   GLU A N   1 
ATOM   434  C  CA  . GLU A 1 59  ? -3.190  -15.816 -2.134  1.00 34.75  ? 59   GLU A CA  1 
ATOM   435  C  C   . GLU A 1 59  ? -1.874  -16.594 -2.182  1.00 33.89  ? 59   GLU A C   1 
ATOM   436  O  O   . GLU A 1 59  ? -1.203  -16.635 -3.220  1.00 34.42  ? 59   GLU A O   1 
ATOM   437  C  CB  . GLU A 1 59  ? -4.220  -16.472 -3.063  1.00 39.57  ? 59   GLU A CB  1 
ATOM   438  C  CG  . GLU A 1 59  ? -4.681  -17.866 -2.631  1.00 44.24  ? 59   GLU A CG  1 
ATOM   439  C  CD  . GLU A 1 59  ? -5.474  -17.862 -1.329  1.00 48.05  ? 59   GLU A CD  1 
ATOM   440  O  OE1 . GLU A 1 59  ? -6.368  -17.000 -1.163  1.00 50.55  ? 59   GLU A OE1 1 
ATOM   441  O  OE2 . GLU A 1 59  ? -5.211  -18.733 -0.472  1.00 50.52  ? 59   GLU A OE2 1 
ATOM   442  N  N   . PRO A 1 60  ? -1.463  -17.170 -1.037  1.00 31.18  ? 60   PRO A N   1 
ATOM   443  C  CA  . PRO A 1 60  ? -2.186  -17.091 0.238   1.00 31.01  ? 60   PRO A CA  1 
ATOM   444  C  C   . PRO A 1 60  ? -1.985  -15.725 0.901   1.00 29.87  ? 60   PRO A C   1 
ATOM   445  O  O   . PRO A 1 60  ? -0.958  -15.077 0.695   1.00 30.17  ? 60   PRO A O   1 
ATOM   446  C  CB  . PRO A 1 60  ? -1.550  -18.213 1.055   1.00 29.91  ? 60   PRO A CB  1 
ATOM   447  C  CG  . PRO A 1 60  ? -0.139  -18.210 0.570   1.00 31.46  ? 60   PRO A CG  1 
ATOM   448  C  CD  . PRO A 1 60  ? -0.300  -18.072 -0.923  1.00 32.85  ? 60   PRO A CD  1 
ATOM   449  N  N   . ILE A 1 61  ? -2.962  -15.303 1.696   1.00 29.24  ? 61   ILE A N   1 
ATOM   450  C  CA  . ILE A 1 61  ? -2.904  -14.010 2.374   1.00 29.61  ? 61   ILE A CA  1 
ATOM   451  C  C   . ILE A 1 61  ? -1.773  -13.933 3.401   1.00 30.04  ? 61   ILE A C   1 
ATOM   452  O  O   . ILE A 1 61  ? -1.262  -12.850 3.690   1.00 28.53  ? 61   ILE A O   1 
ATOM   453  C  CB  . ILE A 1 61  ? -4.249  -13.692 3.079   1.00 28.48  ? 61   ILE A CB  1 
ATOM   454  C  CG1 . ILE A 1 61  ? -4.276  -12.244 3.576   1.00 29.05  ? 61   ILE A CG1 1 
ATOM   455  C  CG2 . ILE A 1 61  ? -4.479  -14.641 4.235   1.00 29.23  ? 61   ILE A CG2 1 
ATOM   456  C  CD1 . ILE A 1 61  ? -4.359  -11.210 2.468   1.00 28.11  ? 61   ILE A CD1 1 
ATOM   457  N  N   . GLU A 1 62  ? -1.369  -15.086 3.929   1.00 29.55  ? 62   GLU A N   1 
ATOM   458  C  CA  . GLU A 1 62  ? -0.316  -15.134 4.936   1.00 31.13  ? 62   GLU A CA  1 
ATOM   459  C  C   . GLU A 1 62  ? 1.011   -14.509 4.529   1.00 30.28  ? 62   GLU A C   1 
ATOM   460  O  O   . GLU A 1 62  ? 1.693   -13.926 5.366   1.00 32.41  ? 62   GLU A O   1 
ATOM   461  C  CB  . GLU A 1 62  ? -0.080  -16.571 5.420   1.00 32.22  ? 62   GLU A CB  1 
ATOM   462  C  CG  . GLU A 1 62  ? -1.166  -17.126 6.348   1.00 33.99  ? 62   GLU A CG  1 
ATOM   463  C  CD  . GLU A 1 62  ? -2.460  -17.469 5.622   1.00 36.77  ? 62   GLU A CD  1 
ATOM   464  O  OE1 . GLU A 1 62  ? -3.542  -17.308 6.229   1.00 38.22  ? 62   GLU A OE1 1 
ATOM   465  O  OE2 . GLU A 1 62  ? -2.394  -17.901 4.450   1.00 37.47  ? 62   GLU A OE2 1 
ATOM   466  N  N   . ILE A 1 63  ? 1.366   -14.590 3.250   1.00 28.23  ? 63   ILE A N   1 
ATOM   467  C  CA  . ILE A 1 63  ? 2.639   -14.029 2.803   1.00 28.58  ? 63   ILE A CA  1 
ATOM   468  C  C   . ILE A 1 63  ? 2.832   -12.535 3.076   1.00 26.91  ? 63   ILE A C   1 
ATOM   469  O  O   . ILE A 1 63  ? 3.957   -12.051 3.052   1.00 28.09  ? 63   ILE A O   1 
ATOM   470  C  CB  . ILE A 1 63  ? 2.920   -14.312 1.311   1.00 30.29  ? 63   ILE A CB  1 
ATOM   471  C  CG1 . ILE A 1 63  ? 1.946   -13.542 0.421   1.00 30.98  ? 63   ILE A CG1 1 
ATOM   472  C  CG2 . ILE A 1 63  ? 2.843   -15.809 1.035   1.00 32.03  ? 63   ILE A CG2 1 
ATOM   473  C  CD1 . ILE A 1 63  ? 2.266   -13.658 -1.056  1.00 36.20  ? 63   ILE A CD1 1 
ATOM   474  N  N   . LEU A 1 64  ? 1.756   -11.809 3.370   1.00 24.79  ? 64   LEU A N   1 
ATOM   475  C  CA  . LEU A 1 64  ? 1.902   -10.377 3.626   1.00 23.23  ? 64   LEU A CA  1 
ATOM   476  C  C   . LEU A 1 64  ? 1.370   -9.897  4.981   1.00 22.44  ? 64   LEU A C   1 
ATOM   477  O  O   . LEU A 1 64  ? 1.481   -8.717  5.307   1.00 22.15  ? 64   LEU A O   1 
ATOM   478  C  CB  . LEU A 1 64  ? 1.291   -9.573  2.462   1.00 24.15  ? 64   LEU A CB  1 
ATOM   479  C  CG  . LEU A 1 64  ? -0.149  -9.048  2.447   1.00 26.32  ? 64   LEU A CG  1 
ATOM   480  C  CD1 . LEU A 1 64  ? -0.570  -8.794  1.006   1.00 24.20  ? 64   LEU A CD1 1 
ATOM   481  C  CD2 . LEU A 1 64  ? -1.112  -9.997  3.098   1.00 27.34  ? 64   LEU A CD2 1 
ATOM   482  N  N   . LEU A 1 65  ? 0.860   -10.824 5.793   1.00 20.91  ? 65   LEU A N   1 
ATOM   483  C  CA  . LEU A 1 65  ? 0.289   -10.497 7.102   1.00 21.67  ? 65   LEU A CA  1 
ATOM   484  C  C   . LEU A 1 65  ? 1.210   -9.812  8.110   1.00 22.41  ? 65   LEU A C   1 
ATOM   485  O  O   . LEU A 1 65  ? 0.746   -9.298  9.134   1.00 24.26  ? 65   LEU A O   1 
ATOM   486  C  CB  . LEU A 1 65  ? -0.340  -11.744 7.735   1.00 24.82  ? 65   LEU A CB  1 
ATOM   487  C  CG  . LEU A 1 65  ? -1.598  -12.269 7.040   1.00 28.01  ? 65   LEU A CG  1 
ATOM   488  C  CD1 . LEU A 1 65  ? -2.113  -13.513 7.757   1.00 29.98  ? 65   LEU A CD1 1 
ATOM   489  C  CD2 . LEU A 1 65  ? -2.657  -11.184 7.019   1.00 27.34  ? 65   LEU A CD2 1 
ATOM   490  N  N   . HIS A 1 66  ? 2.509   -9.812  7.839   1.00 20.03  ? 66   HIS A N   1 
ATOM   491  C  CA  . HIS A 1 66  ? 3.455   -9.165  8.739   1.00 21.49  ? 66   HIS A CA  1 
ATOM   492  C  C   . HIS A 1 66  ? 3.463   -7.652  8.524   1.00 21.62  ? 66   HIS A C   1 
ATOM   493  O  O   . HIS A 1 66  ? 3.752   -6.891  9.446   1.00 22.42  ? 66   HIS A O   1 
ATOM   494  C  CB  . HIS A 1 66  ? 4.866   -9.718  8.526   1.00 19.67  ? 66   HIS A CB  1 
ATOM   495  C  CG  . HIS A 1 66  ? 5.411   -9.470  7.155   1.00 19.86  ? 66   HIS A CG  1 
ATOM   496  N  ND1 . HIS A 1 66  ? 4.981   -10.164 6.045   1.00 19.66  ? 66   HIS A ND1 1 
ATOM   497  C  CD2 . HIS A 1 66  ? 6.371   -8.621  6.718   1.00 17.73  ? 66   HIS A CD2 1 
ATOM   498  C  CE1 . HIS A 1 66  ? 5.655   -9.756  4.984   1.00 19.22  ? 66   HIS A CE1 1 
ATOM   499  N  NE2 . HIS A 1 66  ? 6.504   -8.821  5.366   1.00 20.91  ? 66   HIS A NE2 1 
ATOM   500  N  N   . LEU A 1 67  ? 3.102   -7.228  7.316   1.00 21.16  ? 67   LEU A N   1 
ATOM   501  C  CA  . LEU A 1 67  ? 3.102   -5.811  6.973   1.00 21.41  ? 67   LEU A CA  1 
ATOM   502  C  C   . LEU A 1 67  ? 2.223   -4.915  7.845   1.00 20.54  ? 67   LEU A C   1 
ATOM   503  O  O   . LEU A 1 67  ? 2.687   -3.876  8.309   1.00 19.53  ? 67   LEU A O   1 
ATOM   504  C  CB  . LEU A 1 67  ? 2.841   -5.613  5.476   1.00 21.00  ? 67   LEU A CB  1 
ATOM   505  C  CG  . LEU A 1 67  ? 3.984   -6.122  4.584   1.00 22.30  ? 67   LEU A CG  1 
ATOM   506  C  CD1 . LEU A 1 67  ? 3.592   -6.081  3.120   1.00 21.86  ? 67   LEU A CD1 1 
ATOM   507  C  CD2 . LEU A 1 67  ? 5.249   -5.296  4.819   1.00 21.48  ? 67   LEU A CD2 1 
ATOM   508  N  N   . PRO A 1 68  ? 0.950   -5.297  8.092   1.00 21.80  ? 68   PRO A N   1 
ATOM   509  C  CA  . PRO A 1 68  ? 0.105   -4.445  8.938   1.00 21.64  ? 68   PRO A CA  1 
ATOM   510  C  C   . PRO A 1 68  ? 0.713   -4.284  10.337  1.00 22.27  ? 68   PRO A C   1 
ATOM   511  O  O   . PRO A 1 68  ? 0.692   -3.196  10.921  1.00 19.74  ? 68   PRO A O   1 
ATOM   512  C  CB  . PRO A 1 68  ? -1.213  -5.220  8.984   1.00 22.37  ? 68   PRO A CB  1 
ATOM   513  C  CG  . PRO A 1 68  ? -1.256  -5.877  7.644   1.00 22.41  ? 68   PRO A CG  1 
ATOM   514  C  CD  . PRO A 1 68  ? 0.155   -6.388  7.498   1.00 22.27  ? 68   PRO A CD  1 
ATOM   515  N  N   . LEU A 1 69  ? 1.265   -5.376  10.859  1.00 20.91  ? 69   LEU A N   1 
ATOM   516  C  CA  . LEU A 1 69  ? 1.900   -5.378  12.175  1.00 20.19  ? 69   LEU A CA  1 
ATOM   517  C  C   . LEU A 1 69  ? 3.094   -4.420  12.185  1.00 19.88  ? 69   LEU A C   1 
ATOM   518  O  O   . LEU A 1 69  ? 3.230   -3.585  13.082  1.00 19.51  ? 69   LEU A O   1 
ATOM   519  C  CB  . LEU A 1 69  ? 2.372   -6.799  12.519  1.00 20.98  ? 69   LEU A CB  1 
ATOM   520  C  CG  . LEU A 1 69  ? 1.602   -7.696  13.501  1.00 25.43  ? 69   LEU A CG  1 
ATOM   521  C  CD1 . LEU A 1 69  ? 0.183   -7.226  13.733  1.00 26.25  ? 69   LEU A CD1 1 
ATOM   522  C  CD2 . LEU A 1 69  ? 1.646   -9.140  13.022  1.00 26.14  ? 69   LEU A CD2 1 
ATOM   523  N  N   . LEU A 1 70  ? 3.951   -4.551  11.174  1.00 18.68  ? 70   LEU A N   1 
ATOM   524  C  CA  . LEU A 1 70  ? 5.151   -3.728  11.040  1.00 17.84  ? 70   LEU A CA  1 
ATOM   525  C  C   . LEU A 1 70  ? 4.814   -2.251  10.892  1.00 18.22  ? 70   LEU A C   1 
ATOM   526  O  O   . LEU A 1 70  ? 5.435   -1.400  11.528  1.00 17.47  ? 70   LEU A O   1 
ATOM   527  C  CB  . LEU A 1 70  ? 5.991   -4.219  9.854   1.00 18.04  ? 70   LEU A CB  1 
ATOM   528  C  CG  . LEU A 1 70  ? 7.388   -3.625  9.647   1.00 19.18  ? 70   LEU A CG  1 
ATOM   529  C  CD1 . LEU A 1 70  ? 8.213   -3.691  10.936  1.00 20.65  ? 70   LEU A CD1 1 
ATOM   530  C  CD2 . LEU A 1 70  ? 8.093   -4.384  8.527   1.00 18.19  ? 70   LEU A CD2 1 
ATOM   531  N  N   . CYS A 1 71  ? 3.812   -1.949  10.070  1.00 17.02  ? 71   CYS A N   1 
ATOM   532  C  CA  . CYS A 1 71  ? 3.393   -0.566  9.868   1.00 18.18  ? 71   CYS A CA  1 
ATOM   533  C  C   . CYS A 1 71  ? 2.867   0.055   11.154  1.00 19.89  ? 71   CYS A C   1 
ATOM   534  O  O   . CYS A 1 71  ? 3.141   1.220   11.440  1.00 21.02  ? 71   CYS A O   1 
ATOM   535  C  CB  . CYS A 1 71  ? 2.336   -0.479  8.764   1.00 14.27  ? 71   CYS A CB  1 
ATOM   536  S  SG  . CYS A 1 71  ? 3.006   -0.817  7.137   1.00 18.85  ? 71   CYS A SG  1 
ATOM   537  N  N   . GLU A 1 72  ? 2.133   -0.729  11.943  1.00 21.25  ? 72   GLU A N   1 
ATOM   538  C  CA  . GLU A 1 72  ? 1.592   -0.234  13.206  1.00 23.31  ? 72   GLU A CA  1 
ATOM   539  C  C   . GLU A 1 72  ? 2.722   0.078   14.186  1.00 23.61  ? 72   GLU A C   1 
ATOM   540  O  O   . GLU A 1 72  ? 2.668   1.069   14.914  1.00 24.25  ? 72   GLU A O   1 
ATOM   541  C  CB  . GLU A 1 72  ? 0.603   -1.238  13.811  1.00 24.69  ? 72   GLU A CB  1 
ATOM   542  C  CG  . GLU A 1 72  ? -0.744  -1.276  13.085  1.00 26.48  ? 72   GLU A CG  1 
ATOM   543  C  CD  . GLU A 1 72  ? -1.710  -2.316  13.635  1.00 29.97  ? 72   GLU A CD  1 
ATOM   544  O  OE1 . GLU A 1 72  ? -1.433  -2.916  14.693  1.00 31.73  ? 72   GLU A OE1 1 
ATOM   545  O  OE2 . GLU A 1 72  ? -2.766  -2.531  13.004  1.00 30.88  ? 72   GLU A OE2 1 
ATOM   546  N  N   . ASP A 1 73  ? 3.760   -0.749  14.171  1.00 23.74  ? 73   ASP A N   1 
ATOM   547  C  CA  . ASP A 1 73  ? 4.905   -0.540  15.048  1.00 24.60  ? 73   ASP A CA  1 
ATOM   548  C  C   . ASP A 1 73  ? 5.741   0.653   14.616  1.00 25.35  ? 73   ASP A C   1 
ATOM   549  O  O   . ASP A 1 73  ? 6.332   1.334   15.454  1.00 26.69  ? 73   ASP A O   1 
ATOM   550  C  CB  . ASP A 1 73  ? 5.780   -1.789  15.094  1.00 24.32  ? 73   ASP A CB  1 
ATOM   551  C  CG  . ASP A 1 73  ? 5.134   -2.914  15.865  1.00 26.43  ? 73   ASP A CG  1 
ATOM   552  O  OD1 . ASP A 1 73  ? 5.207   -4.059  15.390  1.00 24.54  ? 73   ASP A OD1 1 
ATOM   553  O  OD2 . ASP A 1 73  ? 4.554   -2.655  16.943  1.00 27.87  ? 73   ASP A OD2 1 
ATOM   554  N  N   . LYS A 1 74  ? 5.784   0.902   13.307  1.00 24.67  ? 74   LYS A N   1 
ATOM   555  C  CA  . LYS A 1 74  ? 6.550   2.014   12.753  1.00 25.40  ? 74   LYS A CA  1 
ATOM   556  C  C   . LYS A 1 74  ? 5.716   3.275   12.530  1.00 25.79  ? 74   LYS A C   1 
ATOM   557  O  O   . LYS A 1 74  ? 6.232   4.282   12.041  1.00 26.41  ? 74   LYS A O   1 
ATOM   558  C  CB  . LYS A 1 74  ? 7.216   1.593   11.439  1.00 25.54  ? 74   LYS A CB  1 
ATOM   559  C  CG  . LYS A 1 74  ? 8.243   0.479   11.592  1.00 29.48  ? 74   LYS A CG  1 
ATOM   560  C  CD  . LYS A 1 74  ? 9.341   0.888   12.568  1.00 34.55  ? 74   LYS A CD  1 
ATOM   561  C  CE  . LYS A 1 74  ? 10.345  -0.234  12.800  1.00 38.34  ? 74   LYS A CE  1 
ATOM   562  N  NZ  . LYS A 1 74  ? 11.100  -0.553  11.562  1.00 40.41  ? 74   LYS A NZ  1 
ATOM   563  N  N   . ASN A 1 75  ? 4.436   3.217   12.892  1.00 25.45  ? 75   ASN A N   1 
ATOM   564  C  CA  . ASN A 1 75  ? 3.523   4.349   12.718  1.00 28.12  ? 75   ASN A CA  1 
ATOM   565  C  C   . ASN A 1 75  ? 3.490   4.775   11.243  1.00 26.43  ? 75   ASN A C   1 
ATOM   566  O  O   . ASN A 1 75  ? 3.578   5.961   10.921  1.00 28.14  ? 75   ASN A O   1 
ATOM   567  C  CB  . ASN A 1 75  ? 3.956   5.522   13.614  1.00 31.37  ? 75   ASN A CB  1 
ATOM   568  C  CG  . ASN A 1 75  ? 2.968   6.676   13.589  1.00 37.35  ? 75   ASN A CG  1 
ATOM   569  O  OD1 . ASN A 1 75  ? 1.753   6.470   13.535  1.00 38.70  ? 75   ASN A OD1 1 
ATOM   570  N  ND2 . ASN A 1 75  ? 3.490   7.901   13.624  1.00 39.83  ? 75   ASN A ND2 1 
ATOM   571  N  N   . VAL A 1 76  ? 3.423   3.788   10.351  1.00 23.35  ? 76   VAL A N   1 
ATOM   572  C  CA  . VAL A 1 76  ? 3.378   4.035   8.910   1.00 20.63  ? 76   VAL A CA  1 
ATOM   573  C  C   . VAL A 1 76  ? 2.001   3.638   8.405   1.00 19.58  ? 76   VAL A C   1 
ATOM   574  O  O   . VAL A 1 76  ? 1.490   2.571   8.756   1.00 20.61  ? 76   VAL A O   1 
ATOM   575  C  CB  . VAL A 1 76  ? 4.457   3.214   8.158   1.00 20.24  ? 76   VAL A CB  1 
ATOM   576  C  CG1 . VAL A 1 76  ? 4.295   3.355   6.645   1.00 19.88  ? 76   VAL A CG1 1 
ATOM   577  C  CG2 . VAL A 1 76  ? 5.838   3.686   8.572   1.00 20.52  ? 76   VAL A CG2 1 
ATOM   578  N  N   . PRO A 1 77  ? 1.361   4.512   7.614   1.00 19.86  ? 77   PRO A N   1 
ATOM   579  C  CA  . PRO A 1 77  ? 0.029   4.219   7.076   1.00 18.88  ? 77   PRO A CA  1 
ATOM   580  C  C   . PRO A 1 77  ? 0.064   3.032   6.119   1.00 20.03  ? 77   PRO A C   1 
ATOM   581  O  O   . PRO A 1 77  ? 0.987   2.899   5.314   1.00 19.67  ? 77   PRO A O   1 
ATOM   582  C  CB  . PRO A 1 77  ? -0.329  5.508   6.325   1.00 20.59  ? 77   PRO A CB  1 
ATOM   583  C  CG  . PRO A 1 77  ? 0.474   6.563   7.015   1.00 21.14  ? 77   PRO A CG  1 
ATOM   584  C  CD  . PRO A 1 77  ? 1.790   5.869   7.230   1.00 18.94  ? 77   PRO A CD  1 
ATOM   585  N  N   . TYR A 1 78  ? -0.943  2.169   6.216   1.00 18.72  ? 78   TYR A N   1 
ATOM   586  C  CA  . TYR A 1 78  ? -1.053  1.009   5.342   1.00 18.68  ? 78   TYR A CA  1 
ATOM   587  C  C   . TYR A 1 78  ? -2.528  0.783   5.029   1.00 17.73  ? 78   TYR A C   1 
ATOM   588  O  O   . TYR A 1 78  ? -3.401  1.110   5.836   1.00 18.45  ? 78   TYR A O   1 
ATOM   589  C  CB  . TYR A 1 78  ? -0.483  -0.246  6.013   1.00 16.77  ? 78   TYR A CB  1 
ATOM   590  C  CG  . TYR A 1 78  ? -1.279  -0.688  7.215   1.00 20.34  ? 78   TYR A CG  1 
ATOM   591  C  CD1 . TYR A 1 78  ? -1.083  -0.090  8.460   1.00 20.00  ? 78   TYR A CD1 1 
ATOM   592  C  CD2 . TYR A 1 78  ? -2.258  -1.680  7.104   1.00 18.91  ? 78   TYR A CD2 1 
ATOM   593  C  CE1 . TYR A 1 78  ? -1.844  -0.465  9.567   1.00 21.54  ? 78   TYR A CE1 1 
ATOM   594  C  CE2 . TYR A 1 78  ? -3.026  -2.058  8.204   1.00 22.80  ? 78   TYR A CE2 1 
ATOM   595  C  CZ  . TYR A 1 78  ? -2.815  -1.446  9.429   1.00 21.44  ? 78   TYR A CZ  1 
ATOM   596  O  OH  . TYR A 1 78  ? -3.589  -1.792  10.515  1.00 24.98  ? 78   TYR A OH  1 
ATOM   597  N  N   . VAL A 1 79  ? -2.791  0.209   3.862   1.00 17.36  ? 79   VAL A N   1 
ATOM   598  C  CA  . VAL A 1 79  ? -4.150  -0.083  3.428   1.00 19.02  ? 79   VAL A CA  1 
ATOM   599  C  C   . VAL A 1 79  ? -4.133  -1.196  2.412   1.00 18.23  ? 79   VAL A C   1 
ATOM   600  O  O   . VAL A 1 79  ? -3.113  -1.458  1.764   1.00 19.50  ? 79   VAL A O   1 
ATOM   601  C  CB  . VAL A 1 79  ? -4.833  1.114   2.728   1.00 21.47  ? 79   VAL A CB  1 
ATOM   602  C  CG1 . VAL A 1 79  ? -5.286  2.139   3.734   1.00 27.18  ? 79   VAL A CG1 1 
ATOM   603  C  CG2 . VAL A 1 79  ? -3.904  1.710   1.671   1.00 22.47  ? 79   VAL A CG2 1 
ATOM   604  N  N   . PHE A 1 80  ? -5.284  -1.840  2.266   1.00 18.03  ? 80   PHE A N   1 
ATOM   605  C  CA  . PHE A 1 80  ? -5.435  -2.913  1.301   1.00 17.63  ? 80   PHE A CA  1 
ATOM   606  C  C   . PHE A 1 80  ? -6.316  -2.407  0.178   1.00 18.28  ? 80   PHE A C   1 
ATOM   607  O  O   . PHE A 1 80  ? -7.214  -1.600  0.414   1.00 18.65  ? 80   PHE A O   1 
ATOM   608  C  CB  . PHE A 1 80  ? -6.121  -4.126  1.935   1.00 18.49  ? 80   PHE A CB  1 
ATOM   609  C  CG  . PHE A 1 80  ? -5.255  -4.882  2.899   1.00 18.45  ? 80   PHE A CG  1 
ATOM   610  C  CD1 . PHE A 1 80  ? -5.128  -4.461  4.217   1.00 19.44  ? 80   PHE A CD1 1 
ATOM   611  C  CD2 . PHE A 1 80  ? -4.573  -6.027  2.491   1.00 22.10  ? 80   PHE A CD2 1 
ATOM   612  C  CE1 . PHE A 1 80  ? -4.332  -5.166  5.120   1.00 20.48  ? 80   PHE A CE1 1 
ATOM   613  C  CE2 . PHE A 1 80  ? -3.775  -6.739  3.387   1.00 20.57  ? 80   PHE A CE2 1 
ATOM   614  C  CZ  . PHE A 1 80  ? -3.659  -6.306  4.702   1.00 20.77  ? 80   PHE A CZ  1 
ATOM   615  N  N   . VAL A 1 81  ? -5.964  -2.785  -1.047  1.00 18.85  ? 81   VAL A N   1 
ATOM   616  C  CA  . VAL A 1 81  ? -6.764  -2.470  -2.226  1.00 20.60  ? 81   VAL A CA  1 
ATOM   617  C  C   . VAL A 1 81  ? -7.305  -3.852  -2.617  1.00 20.81  ? 81   VAL A C   1 
ATOM   618  O  O   . VAL A 1 81  ? -6.677  -4.876  -2.341  1.00 22.00  ? 81   VAL A O   1 
ATOM   619  C  CB  . VAL A 1 81  ? -5.945  -1.822  -3.372  1.00 19.98  ? 81   VAL A CB  1 
ATOM   620  C  CG1 . VAL A 1 81  ? -5.669  -0.355  -3.045  1.00 20.75  ? 81   VAL A CG1 1 
ATOM   621  C  CG2 . VAL A 1 81  ? -4.639  -2.571  -3.601  1.00 21.01  ? 81   VAL A CG2 1 
ATOM   622  N  N   . PRO A 1 82  ? -8.477  -3.906  -3.251  1.00 23.73  ? 82   PRO A N   1 
ATOM   623  C  CA  . PRO A 1 82  ? -9.054  -5.202  -3.628  1.00 24.12  ? 82   PRO A CA  1 
ATOM   624  C  C   . PRO A 1 82  ? -8.390  -6.103  -4.673  1.00 25.05  ? 82   PRO A C   1 
ATOM   625  O  O   . PRO A 1 82  ? -8.496  -7.326  -4.574  1.00 26.95  ? 82   PRO A O   1 
ATOM   626  C  CB  . PRO A 1 82  ? -10.482 -4.828  -4.029  1.00 24.86  ? 82   PRO A CB  1 
ATOM   627  C  CG  . PRO A 1 82  ? -10.328 -3.444  -4.568  1.00 25.80  ? 82   PRO A CG  1 
ATOM   628  C  CD  . PRO A 1 82  ? -9.390  -2.797  -3.584  1.00 23.22  ? 82   PRO A CD  1 
ATOM   629  N  N   . SER A 1 83  ? -7.667  -5.532  -5.627  1.00 24.40  ? 83   SER A N   1 
ATOM   630  C  CA  . SER A 1 83  ? -7.082  -6.346  -6.685  1.00 24.41  ? 83   SER A CA  1 
ATOM   631  C  C   . SER A 1 83  ? -5.582  -6.307  -6.907  1.00 25.01  ? 83   SER A C   1 
ATOM   632  O  O   . SER A 1 83  ? -5.004  -5.263  -7.225  1.00 23.80  ? 83   SER A O   1 
ATOM   633  C  CB  . SER A 1 83  ? -7.798  -6.049  -8.007  1.00 23.67  ? 83   SER A CB  1 
ATOM   634  O  OG  . SER A 1 83  ? -7.108  -6.607  -9.113  1.00 21.19  ? 83   SER A OG  1 
ATOM   635  N  N   . ARG A 1 84  ? -4.976  -7.487  -6.835  1.00 24.20  ? 84   ARG A N   1 
ATOM   636  C  CA  . ARG A 1 84  ? -3.547  -7.634  -7.053  1.00 26.06  ? 84   ARG A CA  1 
ATOM   637  C  C   . ARG A 1 84  ? -3.238  -7.421  -8.532  1.00 25.90  ? 84   ARG A C   1 
ATOM   638  O  O   . ARG A 1 84  ? -2.141  -7.009  -8.889  1.00 24.87  ? 84   ARG A O   1 
ATOM   639  C  CB  . ARG A 1 84  ? -3.077  -9.023  -6.600  1.00 29.61  ? 84   ARG A CB  1 
ATOM   640  C  CG  . ARG A 1 84  ? -3.764  -10.192 -7.301  1.00 35.02  ? 84   ARG A CG  1 
ATOM   641  C  CD  . ARG A 1 84  ? -3.487  -11.502 -6.572  1.00 39.64  ? 84   ARG A CD  1 
ATOM   642  N  NE  . ARG A 1 84  ? -3.069  -12.570 -7.481  1.00 46.35  ? 84   ARG A NE  1 
ATOM   643  C  CZ  . ARG A 1 84  ? -3.886  -13.246 -8.286  1.00 48.13  ? 84   ARG A CZ  1 
ATOM   644  N  NH1 . ARG A 1 84  ? -5.186  -12.976 -8.305  1.00 50.01  ? 84   ARG A NH1 1 
ATOM   645  N  NH2 . ARG A 1 84  ? -3.397  -14.185 -9.085  1.00 49.99  ? 84   ARG A NH2 1 
ATOM   646  N  N   . VAL A 1 85  ? -4.206  -7.716  -9.396  1.00 26.07  ? 85   VAL A N   1 
ATOM   647  C  CA  . VAL A 1 85  ? -4.022  -7.529  -10.833 1.00 25.46  ? 85   VAL A CA  1 
ATOM   648  C  C   . VAL A 1 85  ? -3.957  -6.029  -11.125 1.00 25.24  ? 85   VAL A C   1 
ATOM   649  O  O   . VAL A 1 85  ? -3.076  -5.563  -11.855 1.00 25.19  ? 85   VAL A O   1 
ATOM   650  C  CB  . VAL A 1 85  ? -5.181  -8.163  -11.640 1.00 27.44  ? 85   VAL A CB  1 
ATOM   651  C  CG1 . VAL A 1 85  ? -4.988  -7.910  -13.137 1.00 30.50  ? 85   VAL A CG1 1 
ATOM   652  C  CG2 . VAL A 1 85  ? -5.256  -9.663  -11.364 1.00 28.17  ? 85   VAL A CG2 1 
ATOM   653  N  N   . ALA A 1 86  ? -4.868  -5.281  -10.506 1.00 24.65  ? 86   ALA A N   1 
ATOM   654  C  CA  . ALA A 1 86  ? -4.940  -3.832  -10.675 1.00 24.60  ? 86   ALA A CA  1 
ATOM   655  C  C   . ALA A 1 86  ? -3.708  -3.145  -10.096 1.00 24.96  ? 86   ALA A C   1 
ATOM   656  O  O   . ALA A 1 86  ? -3.170  -2.216  -10.694 1.00 24.62  ? 86   ALA A O   1 
ATOM   657  C  CB  . ALA A 1 86  ? -6.194  -3.294  -10.011 1.00 24.66  ? 86   ALA A CB  1 
ATOM   658  N  N   . LEU A 1 87  ? -3.269  -3.596  -8.926  1.00 24.40  ? 87   LEU A N   1 
ATOM   659  C  CA  . LEU A 1 87  ? -2.094  -3.000  -8.301  1.00 25.22  ? 87   LEU A CA  1 
ATOM   660  C  C   . LEU A 1 87  ? -0.858  -3.277  -9.159  1.00 25.17  ? 87   LEU A C   1 
ATOM   661  O  O   . LEU A 1 87  ? 0.027   -2.433  -9.277  1.00 24.81  ? 87   LEU A O   1 
ATOM   662  C  CB  . LEU A 1 87  ? -1.920  -3.528  -6.871  1.00 23.65  ? 87   LEU A CB  1 
ATOM   663  C  CG  . LEU A 1 87  ? -0.698  -3.049  -6.078  1.00 23.16  ? 87   LEU A CG  1 
ATOM   664  C  CD1 . LEU A 1 87  ? -0.739  -1.534  -5.932  1.00 23.08  ? 87   LEU A CD1 1 
ATOM   665  C  CD2 . LEU A 1 87  ? -0.687  -3.729  -4.713  1.00 23.63  ? 87   LEU A CD2 1 
ATOM   666  N  N   . GLY A 1 88  ? -0.846  -4.440  -9.810  1.00 26.84  ? 88   GLY A N   1 
ATOM   667  C  CA  . GLY A 1 88  ? 0.270   -4.818  -10.662 1.00 28.00  ? 88   GLY A CA  1 
ATOM   668  C  C   . GLY A 1 88  ? 0.359   -3.902  -11.861 1.00 28.79  ? 88   GLY A C   1 
ATOM   669  O  O   . GLY A 1 88  ? 1.444   -3.453  -12.237 1.00 29.58  ? 88   GLY A O   1 
ATOM   670  N  N   . ARG A 1 89  ? -0.797  -3.619  -12.451 1.00 27.93  ? 89   ARG A N   1 
ATOM   671  C  CA  . ARG A 1 89  ? -0.886  -2.732  -13.599 1.00 30.25  ? 89   ARG A CA  1 
ATOM   672  C  C   . ARG A 1 89  ? -0.457  -1.318  -13.192 1.00 28.79  ? 89   ARG A C   1 
ATOM   673  O  O   . ARG A 1 89  ? 0.275   -0.654  -13.925 1.00 28.89  ? 89   ARG A O   1 
ATOM   674  C  CB  . ARG A 1 89  ? -2.318  -2.712  -14.137 1.00 32.94  ? 89   ARG A CB  1 
ATOM   675  C  CG  . ARG A 1 89  ? -2.526  -1.766  -15.312 1.00 38.31  ? 89   ARG A CG  1 
ATOM   676  C  CD  . ARG A 1 89  ? -3.977  -1.742  -15.761 1.00 43.13  ? 89   ARG A CD  1 
ATOM   677  N  NE  . ARG A 1 89  ? -4.186  -0.823  -16.879 1.00 48.17  ? 89   ARG A NE  1 
ATOM   678  C  CZ  . ARG A 1 89  ? -3.771  -1.039  -18.126 1.00 51.86  ? 89   ARG A CZ  1 
ATOM   679  N  NH1 . ARG A 1 89  ? -3.113  -2.153  -18.434 1.00 53.10  ? 89   ARG A NH1 1 
ATOM   680  N  NH2 . ARG A 1 89  ? -4.017  -0.139  -19.072 1.00 52.85  ? 89   ARG A NH2 1 
ATOM   681  N  N   . ALA A 1 90  ? -0.899  -0.873  -12.016 1.00 25.84  ? 90   ALA A N   1 
ATOM   682  C  CA  . ALA A 1 90  ? -0.550  0.457   -11.513 1.00 25.59  ? 90   ALA A CA  1 
ATOM   683  C  C   . ALA A 1 90  ? 0.958   0.567   -11.309 1.00 25.77  ? 90   ALA A C   1 
ATOM   684  O  O   . ALA A 1 90  ? 1.545   1.635   -11.493 1.00 24.96  ? 90   ALA A O   1 
ATOM   685  C  CB  . ALA A 1 90  ? -1.280  0.740   -10.207 1.00 23.94  ? 90   ALA A CB  1 
ATOM   686  N  N   . CYS A 1 91  ? 1.580   -0.548  -10.933 1.00 27.13  ? 91   CYS A N   1 
ATOM   687  C  CA  . CYS A 1 91  ? 3.022   -0.589  -10.718 1.00 28.10  ? 91   CYS A CA  1 
ATOM   688  C  C   . CYS A 1 91  ? 3.786   -0.613  -12.043 1.00 30.42  ? 91   CYS A C   1 
ATOM   689  O  O   . CYS A 1 91  ? 5.020   -0.581  -12.055 1.00 30.93  ? 91   CYS A O   1 
ATOM   690  C  CB  . CYS A 1 91  ? 3.402   -1.803  -9.866  1.00 26.30  ? 91   CYS A CB  1 
ATOM   691  S  SG  . CYS A 1 91  ? 2.966   -1.673  -8.107  1.00 26.17  ? 91   CYS A SG  1 
ATOM   692  N  N   . GLY A 1 92  ? 3.038   -0.654  -13.147 1.00 33.17  ? 92   GLY A N   1 
ATOM   693  C  CA  . GLY A 1 92  ? 3.627   -0.671  -14.479 1.00 36.59  ? 92   GLY A CA  1 
ATOM   694  C  C   . GLY A 1 92  ? 4.255   -2.006  -14.813 1.00 39.38  ? 92   GLY A C   1 
ATOM   695  O  O   . GLY A 1 92  ? 5.258   -2.080  -15.527 1.00 39.41  ? 92   GLY A O   1 
ATOM   696  N  N   . VAL A 1 93  ? 3.608   -3.068  -14.347 1.00 42.02  ? 93   VAL A N   1 
ATOM   697  C  CA  . VAL A 1 93  ? 4.084   -4.427  -14.547 1.00 44.98  ? 93   VAL A CA  1 
ATOM   698  C  C   . VAL A 1 93  ? 2.965   -5.347  -15.056 1.00 45.73  ? 93   VAL A C   1 
ATOM   699  O  O   . VAL A 1 93  ? 1.797   -5.179  -14.697 1.00 46.01  ? 93   VAL A O   1 
ATOM   700  C  CB  . VAL A 1 93  ? 4.717   -4.952  -13.226 1.00 44.94  ? 93   VAL A CB  1 
ATOM   701  C  CG1 . VAL A 1 93  ? 4.345   -6.388  -12.963 1.00 47.52  ? 93   VAL A CG1 1 
ATOM   702  C  CG2 . VAL A 1 93  ? 6.224   -4.811  -13.285 1.00 46.48  ? 93   VAL A CG2 1 
ATOM   703  N  N   . SER A 1 94  ? 3.326   -6.292  -15.925 1.00 47.54  ? 94   SER A N   1 
ATOM   704  C  CA  . SER A 1 94  ? 2.367   -7.242  -16.497 1.00 47.79  ? 94   SER A CA  1 
ATOM   705  C  C   . SER A 1 94  ? 2.146   -8.472  -15.617 1.00 47.43  ? 94   SER A C   1 
ATOM   706  O  O   . SER A 1 94  ? 1.812   -9.556  -16.107 1.00 48.25  ? 94   SER A O   1 
ATOM   707  C  CB  . SER A 1 94  ? 2.818   -7.676  -17.895 1.00 49.42  ? 94   SER A CB  1 
ATOM   708  O  OG  . SER A 1 94  ? 2.627   -6.638  -18.842 1.00 51.10  ? 94   SER A OG  1 
ATOM   709  N  N   . ARG A 1 95  ? 2.363   -8.298  -14.320 1.00 46.12  ? 95   ARG A N   1 
ATOM   710  C  CA  . ARG A 1 95  ? 2.195   -9.366  -13.341 1.00 43.99  ? 95   ARG A CA  1 
ATOM   711  C  C   . ARG A 1 95  ? 1.440   -8.800  -12.145 1.00 41.37  ? 95   ARG A C   1 
ATOM   712  O  O   . ARG A 1 95  ? 1.412   -7.586  -11.942 1.00 41.43  ? 95   ARG A O   1 
ATOM   713  C  CB  . ARG A 1 95  ? 3.562   -9.855  -12.858 1.00 46.18  ? 95   ARG A CB  1 
ATOM   714  C  CG  . ARG A 1 95  ? 4.490   -10.362 -13.948 1.00 50.05  ? 95   ARG A CG  1 
ATOM   715  C  CD  . ARG A 1 95  ? 5.907   -10.555 -13.420 1.00 51.91  ? 95   ARG A CD  1 
ATOM   716  N  NE  . ARG A 1 95  ? 6.579   -9.285  -13.137 1.00 52.79  ? 95   ARG A NE  1 
ATOM   717  C  CZ  . ARG A 1 95  ? 6.690   -8.736  -11.930 1.00 52.31  ? 95   ARG A CZ  1 
ATOM   718  N  NH1 . ARG A 1 95  ? 6.170   -9.332  -10.862 1.00 52.61  ? 95   ARG A NH1 1 
ATOM   719  N  NH2 . ARG A 1 95  ? 7.337   -7.588  -11.789 1.00 51.51  ? 95   ARG A NH2 1 
ATOM   720  N  N   . PRO A 1 96  ? 0.773   -9.666  -11.369 1.00 38.61  ? 96   PRO A N   1 
ATOM   721  C  CA  . PRO A 1 96  ? 0.038   -9.188  -10.197 1.00 35.91  ? 96   PRO A CA  1 
ATOM   722  C  C   . PRO A 1 96  ? 1.041   -8.836  -9.094  1.00 33.26  ? 96   PRO A C   1 
ATOM   723  O  O   . PRO A 1 96  ? 2.094   -9.466  -8.986  1.00 32.37  ? 96   PRO A O   1 
ATOM   724  C  CB  . PRO A 1 96  ? -0.798  -10.407 -9.797  1.00 36.69  ? 96   PRO A CB  1 
ATOM   725  C  CG  . PRO A 1 96  ? -0.934  -11.180 -11.066 1.00 38.50  ? 96   PRO A CG  1 
ATOM   726  C  CD  . PRO A 1 96  ? 0.441   -11.071 -11.652 1.00 39.25  ? 96   PRO A CD  1 
ATOM   727  N  N   . VAL A 1 97  ? 0.746   -7.793  -8.324  1.00 29.80  ? 97   VAL A N   1 
ATOM   728  C  CA  . VAL A 1 97  ? 1.607   -7.374  -7.214  1.00 26.36  ? 97   VAL A CA  1 
ATOM   729  C  C   . VAL A 1 97  ? 0.745   -7.441  -5.955  1.00 24.43  ? 97   VAL A C   1 
ATOM   730  O  O   . VAL A 1 97  ? -0.405  -7.004  -5.951  1.00 24.43  ? 97   VAL A O   1 
ATOM   731  C  CB  . VAL A 1 97  ? 2.157   -5.930  -7.411  1.00 26.21  ? 97   VAL A CB  1 
ATOM   732  C  CG1 . VAL A 1 97  ? 2.891   -5.466  -6.167  1.00 25.92  ? 97   VAL A CG1 1 
ATOM   733  C  CG2 . VAL A 1 97  ? 3.081   -5.868  -8.612  1.00 25.33  ? 97   VAL A CG2 1 
ATOM   734  N  N   . ILE A 1 98  ? 1.275   -8.025  -4.891  1.00 22.47  ? 98   ILE A N   1 
ATOM   735  C  CA  . ILE A 1 98  ? 0.494   -8.140  -3.669  1.00 22.44  ? 98   ILE A CA  1 
ATOM   736  C  C   . ILE A 1 98  ? 0.858   -7.120  -2.601  1.00 21.40  ? 98   ILE A C   1 
ATOM   737  O  O   . ILE A 1 98  ? 0.124   -6.944  -1.629  1.00 20.81  ? 98   ILE A O   1 
ATOM   738  C  CB  . ILE A 1 98  ? 0.530   -9.587  -3.110  1.00 22.40  ? 98   ILE A CB  1 
ATOM   739  C  CG1 . ILE A 1 98  ? 1.972   -10.062 -2.908  1.00 23.38  ? 98   ILE A CG1 1 
ATOM   740  C  CG2 . ILE A 1 98  ? -0.199  -10.529 -4.068  1.00 25.45  ? 98   ILE A CG2 1 
ATOM   741  C  CD1 . ILE A 1 98  ? 2.584   -9.663  -1.589  1.00 26.99  ? 98   ILE A CD1 1 
ATOM   742  N  N   . ALA A 1 99  ? 1.976   -6.428  -2.809  1.00 20.48  ? 99   ALA A N   1 
ATOM   743  C  CA  . ALA A 1 99  ? 2.442   -5.417  -1.866  1.00 19.56  ? 99   ALA A CA  1 
ATOM   744  C  C   . ALA A 1 99  ? 3.324   -4.397  -2.576  1.00 19.94  ? 99   ALA A C   1 
ATOM   745  O  O   . ALA A 1 99  ? 4.110   -4.745  -3.461  1.00 17.85  ? 99   ALA A O   1 
ATOM   746  C  CB  . ALA A 1 99  ? 3.206   -6.071  -0.726  1.00 23.16  ? 99   ALA A CB  1 
ATOM   747  N  N   . ALA A 1 100 ? 3.176   -3.136  -2.186  1.00 19.04  ? 100  ALA A N   1 
ATOM   748  C  CA  . ALA A 1 100 ? 3.947   -2.050  -2.769  1.00 19.34  ? 100  ALA A CA  1 
ATOM   749  C  C   . ALA A 1 100 ? 4.239   -0.998  -1.709  1.00 19.39  ? 100  ALA A C   1 
ATOM   750  O  O   . ALA A 1 100 ? 3.471   -0.818  -0.761  1.00 18.84  ? 100  ALA A O   1 
ATOM   751  C  CB  . ALA A 1 100 ? 3.182   -1.428  -3.936  1.00 18.53  ? 100  ALA A CB  1 
ATOM   752  N  N   . SER A 1 101 ? 5.369   -0.318  -1.865  1.00 18.62  ? 101  SER A N   1 
ATOM   753  C  CA  . SER A 1 101 ? 5.760   0.716   -0.924  1.00 16.41  ? 101  SER A CA  1 
ATOM   754  C  C   . SER A 1 101 ? 6.168   1.988   -1.637  1.00 17.48  ? 101  SER A C   1 
ATOM   755  O  O   . SER A 1 101 ? 7.071   1.970   -2.471  1.00 18.42  ? 101  SER A O   1 
ATOM   756  C  CB  . SER A 1 101 ? 6.938   0.242   -0.069  1.00 15.82  ? 101  SER A CB  1 
ATOM   757  O  OG  . SER A 1 101 ? 7.293   1.244   0.872   1.00 15.59  ? 101  SER A OG  1 
ATOM   758  N  N   . ILE A 1 102 ? 5.467   3.081   -1.343  1.00 17.86  ? 102  ILE A N   1 
ATOM   759  C  CA  . ILE A 1 102 ? 5.805   4.377   -1.920  1.00 18.49  ? 102  ILE A CA  1 
ATOM   760  C  C   . ILE A 1 102 ? 6.905   4.894   -1.006  1.00 19.64  ? 102  ILE A C   1 
ATOM   761  O  O   . ILE A 1 102 ? 6.687   5.064   0.197   1.00 19.05  ? 102  ILE A O   1 
ATOM   762  C  CB  . ILE A 1 102 ? 4.642   5.373   -1.853  1.00 19.09  ? 102  ILE A CB  1 
ATOM   763  C  CG1 . ILE A 1 102 ? 3.438   4.843   -2.630  1.00 23.66  ? 102  ILE A CG1 1 
ATOM   764  C  CG2 . ILE A 1 102 ? 5.094   6.732   -2.403  1.00 18.66  ? 102  ILE A CG2 1 
ATOM   765  C  CD1 . ILE A 1 102 ? 3.664   4.713   -4.096  1.00 26.44  ? 102  ILE A CD1 1 
ATOM   766  N  N   . THR A 1 103 ? 8.072   5.167   -1.576  1.00 19.43  ? 103  THR A N   1 
ATOM   767  C  CA  . THR A 1 103 ? 9.205   5.622   -0.781  1.00 19.52  ? 103  THR A CA  1 
ATOM   768  C  C   . THR A 1 103 ? 9.325   7.125   -0.565  1.00 19.65  ? 103  THR A C   1 
ATOM   769  O  O   . THR A 1 103 ? 8.757   7.930   -1.308  1.00 18.93  ? 103  THR A O   1 
ATOM   770  C  CB  . THR A 1 103 ? 10.523  5.054   -1.333  1.00 19.88  ? 103  THR A CB  1 
ATOM   771  O  OG1 . THR A 1 103 ? 10.669  5.426   -2.708  1.00 20.20  ? 103  THR A OG1 1 
ATOM   772  C  CG2 . THR A 1 103 ? 10.514  3.535   -1.230  1.00 19.62  ? 103  THR A CG2 1 
ATOM   773  N  N   . THR A 1 104 ? 10.092  7.481   0.460   1.00 18.55  ? 104  THR A N   1 
ATOM   774  C  CA  . THR A 1 104 ? 10.326  8.869   0.851   1.00 19.17  ? 104  THR A CA  1 
ATOM   775  C  C   . THR A 1 104 ? 11.122  9.725   -0.134  1.00 18.04  ? 104  THR A C   1 
ATOM   776  O  O   . THR A 1 104 ? 12.116  9.284   -0.707  1.00 17.11  ? 104  THR A O   1 
ATOM   777  C  CB  . THR A 1 104 ? 11.024  8.919   2.236   1.00 21.53  ? 104  THR A CB  1 
ATOM   778  O  OG1 . THR A 1 104 ? 10.144  8.368   3.220   1.00 22.08  ? 104  THR A OG1 1 
ATOM   779  C  CG2 . THR A 1 104 ? 11.387  10.349  2.627   1.00 20.40  ? 104  THR A CG2 1 
ATOM   780  N  N   . ASN A 1 105 ? 10.650  10.954  -0.321  1.00 17.86  ? 105  ASN A N   1 
ATOM   781  C  CA  . ASN A 1 105 ? 11.290  11.945  -1.183  1.00 17.83  ? 105  ASN A CA  1 
ATOM   782  C  C   . ASN A 1 105 ? 10.571  13.262  -0.921  1.00 18.89  ? 105  ASN A C   1 
ATOM   783  O  O   . ASN A 1 105 ? 9.542   13.544  -1.529  1.00 18.74  ? 105  ASN A O   1 
ATOM   784  C  CB  . ASN A 1 105 ? 11.184  11.557  -2.664  1.00 18.10  ? 105  ASN A CB  1 
ATOM   785  C  CG  . ASN A 1 105 ? 11.827  12.588  -3.596  1.00 16.72  ? 105  ASN A CG  1 
ATOM   786  O  OD1 . ASN A 1 105 ? 11.715  12.482  -4.819  1.00 20.07  ? 105  ASN A OD1 1 
ATOM   787  N  ND2 . ASN A 1 105 ? 12.482  13.596  -3.023  1.00 13.33  ? 105  ASN A ND2 1 
ATOM   788  N  N   . ASP A 1 106 ? 11.118  14.058  -0.005  1.00 18.93  ? 106  ASP A N   1 
ATOM   789  C  CA  . ASP A 1 106 ? 10.529  15.342  0.359   1.00 20.30  ? 106  ASP A CA  1 
ATOM   790  C  C   . ASP A 1 106 ? 10.590  16.390  -0.750  1.00 20.77  ? 106  ASP A C   1 
ATOM   791  O  O   . ASP A 1 106 ? 10.037  17.476  -0.610  1.00 20.16  ? 106  ASP A O   1 
ATOM   792  C  CB  . ASP A 1 106 ? 11.166  15.885  1.641   1.00 23.65  ? 106  ASP A CB  1 
ATOM   793  C  CG  . ASP A 1 106 ? 10.776  15.085  2.883   1.00 28.03  ? 106  ASP A CG  1 
ATOM   794  O  OD1 . ASP A 1 106 ? 10.162  14.002  2.757   1.00 28.76  ? 106  ASP A OD1 1 
ATOM   795  O  OD2 . ASP A 1 106 ? 11.083  15.550  3.998   1.00 32.85  ? 106  ASP A OD2 1 
ATOM   796  N  N   . ALA A 1 107 ? 11.298  16.075  -1.829  1.00 19.22  ? 107  ALA A N   1 
ATOM   797  C  CA  . ALA A 1 107 ? 11.394  16.978  -2.969  1.00 19.92  ? 107  ALA A CA  1 
ATOM   798  C  C   . ALA A 1 107 ? 10.608  16.389  -4.144  1.00 18.50  ? 107  ALA A C   1 
ATOM   799  O  O   . ALA A 1 107 ? 10.667  16.901  -5.258  1.00 19.06  ? 107  ALA A O   1 
ATOM   800  C  CB  . ALA A 1 107 ? 12.855  17.184  -3.363  1.00 20.56  ? 107  ALA A CB  1 
ATOM   801  N  N   . SER A 1 108 ? 9.867   15.313  -3.888  1.00 16.41  ? 108  SER A N   1 
ATOM   802  C  CA  . SER A 1 108 ? 9.088   14.661  -4.934  1.00 15.92  ? 108  SER A CA  1 
ATOM   803  C  C   . SER A 1 108 ? 8.069   15.584  -5.588  1.00 16.64  ? 108  SER A C   1 
ATOM   804  O  O   . SER A 1 108 ? 7.403   16.368  -4.914  1.00 15.20  ? 108  SER A O   1 
ATOM   805  C  CB  . SER A 1 108 ? 8.350   13.444  -4.383  1.00 16.17  ? 108  SER A CB  1 
ATOM   806  O  OG  . SER A 1 108 ? 7.460   12.913  -5.356  1.00 16.51  ? 108  SER A OG  1 
ATOM   807  N  N   . ALA A 1 109 ? 7.947   15.458  -6.905  1.00 16.04  ? 109  ALA A N   1 
ATOM   808  C  CA  . ALA A 1 109 ? 6.997   16.248  -7.672  1.00 18.41  ? 109  ALA A CA  1 
ATOM   809  C  C   . ALA A 1 109 ? 5.577   15.832  -7.290  1.00 17.79  ? 109  ALA A C   1 
ATOM   810  O  O   . ALA A 1 109 ? 4.622   16.557  -7.552  1.00 17.34  ? 109  ALA A O   1 
ATOM   811  C  CB  . ALA A 1 109 ? 7.223   16.032  -9.160  1.00 18.68  ? 109  ALA A CB  1 
ATOM   812  N  N   . ILE A 1 110 ? 5.438   14.657  -6.674  1.00 17.89  ? 110  ILE A N   1 
ATOM   813  C  CA  . ILE A 1 110 ? 4.121   14.178  -6.267  1.00 18.74  ? 110  ILE A CA  1 
ATOM   814  C  C   . ILE A 1 110 ? 3.978   14.061  -4.748  1.00 20.38  ? 110  ILE A C   1 
ATOM   815  O  O   . ILE A 1 110 ? 3.118   13.322  -4.250  1.00 18.12  ? 110  ILE A O   1 
ATOM   816  C  CB  . ILE A 1 110 ? 3.770   12.816  -6.924  1.00 18.06  ? 110  ILE A CB  1 
ATOM   817  C  CG1 . ILE A 1 110 ? 4.764   11.733  -6.487  1.00 17.09  ? 110  ILE A CG1 1 
ATOM   818  C  CG2 . ILE A 1 110 ? 3.751   12.949  -8.439  1.00 17.98  ? 110  ILE A CG2 1 
ATOM   819  C  CD1 . ILE A 1 110 ? 4.353   10.330  -6.889  1.00 19.82  ? 110  ILE A CD1 1 
ATOM   820  N  N   . LYS A 1 111 ? 4.795   14.821  -4.020  1.00 19.45  ? 111  LYS A N   1 
ATOM   821  C  CA  . LYS A 1 111 ? 4.772   14.813  -2.555  1.00 20.81  ? 111  LYS A CA  1 
ATOM   822  C  C   . LYS A 1 111 ? 3.386   15.113  -1.987  1.00 20.32  ? 111  LYS A C   1 
ATOM   823  O  O   . LYS A 1 111 ? 2.926   14.428  -1.067  1.00 17.66  ? 111  LYS A O   1 
ATOM   824  C  CB  . LYS A 1 111 ? 5.778   15.823  -1.990  1.00 21.67  ? 111  LYS A CB  1 
ATOM   825  C  CG  . LYS A 1 111 ? 5.712   15.965  -0.467  1.00 28.75  ? 111  LYS A CG  1 
ATOM   826  C  CD  . LYS A 1 111 ? 6.751   16.948  0.081   1.00 33.42  ? 111  LYS A CD  1 
ATOM   827  C  CE  . LYS A 1 111 ? 6.529   18.364  -0.436  1.00 36.23  ? 111  LYS A CE  1 
ATOM   828  N  NZ  . LYS A 1 111 ? 7.476   19.332  0.194   1.00 39.43  ? 111  LYS A NZ  1 
ATOM   829  N  N   . THR A 1 112 ? 2.729   16.134  -2.537  1.00 18.25  ? 112  THR A N   1 
ATOM   830  C  CA  . THR A 1 112 ? 1.401   16.526  -2.072  1.00 19.08  ? 112  THR A CA  1 
ATOM   831  C  C   . THR A 1 112 ? 0.382   15.412  -2.272  1.00 18.09  ? 112  THR A C   1 
ATOM   832  O  O   . THR A 1 112 ? -0.437  15.159  -1.391  1.00 18.92  ? 112  THR A O   1 
ATOM   833  C  CB  . THR A 1 112 ? 0.902   17.833  -2.755  1.00 20.42  ? 112  THR A CB  1 
ATOM   834  O  OG1 . THR A 1 112 ? 0.821   17.649  -4.172  1.00 22.40  ? 112  THR A OG1 1 
ATOM   835  C  CG2 . THR A 1 112 ? 1.854   18.978  -2.462  1.00 24.78  ? 112  THR A CG2 1 
ATOM   836  N  N   . GLN A 1 113 ? 0.455   14.724  -3.410  1.00 17.11  ? 113  GLN A N   1 
ATOM   837  C  CA  . GLN A 1 113 ? -0.466  13.623  -3.687  1.00 17.85  ? 113  GLN A CA  1 
ATOM   838  C  C   . GLN A 1 113 ? -0.231  12.457  -2.738  1.00 15.88  ? 113  GLN A C   1 
ATOM   839  O  O   . GLN A 1 113 ? -1.168  11.763  -2.344  1.00 16.65  ? 113  GLN A O   1 
ATOM   840  C  CB  . GLN A 1 113 ? -0.318  13.141  -5.120  1.00 19.02  ? 113  GLN A CB  1 
ATOM   841  C  CG  . GLN A 1 113 ? -0.803  14.128  -6.159  1.00 21.54  ? 113  GLN A CG  1 
ATOM   842  C  CD  . GLN A 1 113 ? -0.778  13.522  -7.529  1.00 22.62  ? 113  GLN A CD  1 
ATOM   843  O  OE1 . GLN A 1 113 ? -1.597  12.657  -7.848  1.00 21.82  ? 113  GLN A OE1 1 
ATOM   844  N  NE2 . GLN A 1 113 ? 0.185   13.940  -8.346  1.00 25.39  ? 113  GLN A NE2 1 
ATOM   845  N  N   . ILE A 1 114 ? 1.033   12.231  -2.396  1.00 15.32  ? 114  ILE A N   1 
ATOM   846  C  CA  . ILE A 1 114 ? 1.395   11.165  -1.473  1.00 15.76  ? 114  ILE A CA  1 
ATOM   847  C  C   . ILE A 1 114 ? 0.865   11.522  -0.079  1.00 16.10  ? 114  ILE A C   1 
ATOM   848  O  O   . ILE A 1 114 ? 0.250   10.693  0.593   1.00 15.27  ? 114  ILE A O   1 
ATOM   849  C  CB  . ILE A 1 114 ? 2.923   10.939  -1.482  1.00 15.50  ? 114  ILE A CB  1 
ATOM   850  C  CG1 . ILE A 1 114 ? 3.322   10.324  -2.830  1.00 16.50  ? 114  ILE A CG1 1 
ATOM   851  C  CG2 . ILE A 1 114 ? 3.348   10.059  -0.316  1.00 17.64  ? 114  ILE A CG2 1 
ATOM   852  C  CD1 . ILE A 1 114 ? 4.820   10.257  -3.083  1.00 16.57  ? 114  ILE A CD1 1 
ATOM   853  N  N   . TYR A 1 115 ? 1.024   12.784  0.307   1.00 17.18  ? 115  TYR A N   1 
ATOM   854  C  CA  . TYR A 1 115 ? 0.540   13.257  1.607   1.00 18.92  ? 115  TYR A CA  1 
ATOM   855  C  C   . TYR A 1 115 ? -0.982  13.165  1.702   1.00 17.99  ? 115  TYR A C   1 
ATOM   856  O  O   . TYR A 1 115 ? -1.530  12.882  2.768   1.00 17.00  ? 115  TYR A O   1 
ATOM   857  C  CB  . TYR A 1 115 ? 0.977   14.701  1.847   1.00 22.73  ? 115  TYR A CB  1 
ATOM   858  C  CG  . TYR A 1 115 ? 2.362   14.834  2.438   1.00 28.47  ? 115  TYR A CG  1 
ATOM   859  C  CD1 . TYR A 1 115 ? 2.726   15.974  3.155   1.00 33.62  ? 115  TYR A CD1 1 
ATOM   860  C  CD2 . TYR A 1 115 ? 3.292   13.800  2.326   1.00 30.68  ? 115  TYR A CD2 1 
ATOM   861  C  CE1 . TYR A 1 115 ? 3.983   16.076  3.757   1.00 35.71  ? 115  TYR A CE1 1 
ATOM   862  C  CE2 . TYR A 1 115 ? 4.545   13.888  2.919   1.00 34.41  ? 115  TYR A CE2 1 
ATOM   863  C  CZ  . TYR A 1 115 ? 4.886   15.026  3.633   1.00 36.83  ? 115  TYR A CZ  1 
ATOM   864  O  OH  . TYR A 1 115 ? 6.124   15.095  4.235   1.00 40.73  ? 115  TYR A OH  1 
ATOM   865  N  N   . ALA A 1 116 ? -1.660  13.419  0.588   1.00 16.96  ? 116  ALA A N   1 
ATOM   866  C  CA  . ALA A 1 116 ? -3.119  13.353  0.561   1.00 17.11  ? 116  ALA A CA  1 
ATOM   867  C  C   . ALA A 1 116 ? -3.571  11.917  0.819   1.00 17.73  ? 116  ALA A C   1 
ATOM   868  O  O   . ALA A 1 116 ? -4.490  11.678  1.603   1.00 16.08  ? 116  ALA A O   1 
ATOM   869  C  CB  . ALA A 1 116 ? -3.643  13.859  -0.773  1.00 18.85  ? 116  ALA A CB  1 
ATOM   870  N  N   . VAL A 1 117 ? -2.900  10.964  0.177   1.00 17.30  ? 117  VAL A N   1 
ATOM   871  C  CA  . VAL A 1 117 ? -3.221  9.553   0.356   1.00 18.21  ? 117  VAL A CA  1 
ATOM   872  C  C   . VAL A 1 117 ? -2.947  9.139   1.803   1.00 18.97  ? 117  VAL A C   1 
ATOM   873  O  O   . VAL A 1 117 ? -3.760  8.438   2.418   1.00 17.77  ? 117  VAL A O   1 
ATOM   874  C  CB  . VAL A 1 117 ? -2.412  8.663   -0.615  1.00 18.21  ? 117  VAL A CB  1 
ATOM   875  C  CG1 . VAL A 1 117 ? -2.533  7.192   -0.224  1.00 22.31  ? 117  VAL A CG1 1 
ATOM   876  C  CG2 . VAL A 1 117 ? -2.934  8.853   -2.030  1.00 20.47  ? 117  VAL A CG2 1 
ATOM   877  N  N   . LYS A 1 118 ? -1.810  9.581   2.341   1.00 19.82  ? 118  LYS A N   1 
ATOM   878  C  CA  . LYS A 1 118 ? -1.440  9.268   3.719   1.00 20.18  ? 118  LYS A CA  1 
ATOM   879  C  C   . LYS A 1 118 ? -2.545  9.707   4.665   1.00 20.59  ? 118  LYS A C   1 
ATOM   880  O  O   . LYS A 1 118 ? -2.985  8.934   5.505   1.00 19.94  ? 118  LYS A O   1 
ATOM   881  C  CB  . LYS A 1 118 ? -0.137  9.973   4.121   1.00 21.83  ? 118  LYS A CB  1 
ATOM   882  C  CG  . LYS A 1 118 ? 1.136   9.225   3.758   1.00 26.55  ? 118  LYS A CG  1 
ATOM   883  C  CD  . LYS A 1 118 ? 2.391   10.011  4.161   1.00 28.94  ? 118  LYS A CD  1 
ATOM   884  C  CE  . LYS A 1 118 ? 2.863   9.697   5.576   1.00 33.57  ? 118  LYS A CE  1 
ATOM   885  N  NZ  . LYS A 1 118 ? 4.095   10.478  5.915   1.00 36.09  ? 118  LYS A NZ  1 
ATOM   886  N  N   . ASP A 1 119 ? -3.005  10.944  4.504   1.00 20.22  ? 119  ASP A N   1 
ATOM   887  C  CA  . ASP A 1 119 ? -4.054  11.491  5.357   1.00 20.06  ? 119  ASP A CA  1 
ATOM   888  C  C   . ASP A 1 119 ? -5.335  10.656  5.274   1.00 19.85  ? 119  ASP A C   1 
ATOM   889  O  O   . ASP A 1 119 ? -5.983  10.398  6.295   1.00 19.31  ? 119  ASP A O   1 
ATOM   890  C  CB  . ASP A 1 119 ? -4.335  12.947  4.974   1.00 22.95  ? 119  ASP A CB  1 
ATOM   891  C  CG  . ASP A 1 119 ? -5.084  13.696  6.056   1.00 26.42  ? 119  ASP A CG  1 
ATOM   892  O  OD1 . ASP A 1 119 ? -6.312  13.524  6.158   1.00 27.20  ? 119  ASP A OD1 1 
ATOM   893  O  OD2 . ASP A 1 119 ? -4.437  14.445  6.816   1.00 29.05  ? 119  ASP A OD2 1 
ATOM   894  N  N   . LYS A 1 120 ? -5.687  10.217  4.066   1.00 18.68  ? 120  LYS A N   1 
ATOM   895  C  CA  . LYS A 1 120 ? -6.881  9.397   3.868   1.00 19.57  ? 120  LYS A CA  1 
ATOM   896  C  C   . LYS A 1 120 ? -6.732  8.073   4.618   1.00 20.36  ? 120  LYS A C   1 
ATOM   897  O  O   . LYS A 1 120 ? -7.622  7.669   5.373   1.00 19.06  ? 120  LYS A O   1 
ATOM   898  C  CB  . LYS A 1 120 ? -7.102  9.132   2.378   1.00 19.07  ? 120  LYS A CB  1 
ATOM   899  C  CG  . LYS A 1 120 ? -7.685  10.318  1.620   1.00 18.44  ? 120  LYS A CG  1 
ATOM   900  C  CD  . LYS A 1 120 ? -9.151  10.497  1.955   1.00 20.64  ? 120  LYS A CD  1 
ATOM   901  C  CE  . LYS A 1 120 ? -9.984  9.373   1.350   1.00 18.74  ? 120  LYS A CE  1 
ATOM   902  N  NZ  . LYS A 1 120 ? -11.400 9.421   1.804   1.00 18.58  ? 120  LYS A NZ  1 
ATOM   903  N  N   . ILE A 1 121 ? -5.585  7.425   4.435   1.00 19.42  ? 121  ILE A N   1 
ATOM   904  C  CA  . ILE A 1 121 ? -5.305  6.155   5.091   1.00 21.78  ? 121  ILE A CA  1 
ATOM   905  C  C   . ILE A 1 121 ? -5.338  6.315   6.608   1.00 22.46  ? 121  ILE A C   1 
ATOM   906  O  O   . ILE A 1 121 ? -5.979  5.528   7.303   1.00 23.83  ? 121  ILE A O   1 
ATOM   907  C  CB  . ILE A 1 121 ? -3.936  5.587   4.637   1.00 20.35  ? 121  ILE A CB  1 
ATOM   908  C  CG1 . ILE A 1 121 ? -3.990  5.241   3.145   1.00 20.17  ? 121  ILE A CG1 1 
ATOM   909  C  CG2 . ILE A 1 121 ? -3.554  4.367   5.468   1.00 20.49  ? 121  ILE A CG2 1 
ATOM   910  C  CD1 . ILE A 1 121 ? -2.665  4.776   2.576   1.00 18.57  ? 121  ILE A CD1 1 
ATOM   911  N  N   . GLU A 1 122 ? -4.685  7.358   7.111   1.00 22.78  ? 122  GLU A N   1 
ATOM   912  C  CA  . GLU A 1 122 ? -4.636  7.624   8.546   1.00 25.92  ? 122  GLU A CA  1 
ATOM   913  C  C   . GLU A 1 122 ? -6.032  7.760   9.139   1.00 28.04  ? 122  GLU A C   1 
ATOM   914  O  O   . GLU A 1 122 ? -6.304  7.249   10.228  1.00 27.39  ? 122  GLU A O   1 
ATOM   915  C  CB  . GLU A 1 122 ? -3.815  8.884   8.824   1.00 28.05  ? 122  GLU A CB  1 
ATOM   916  C  CG  . GLU A 1 122 ? -2.341  8.748   8.451   1.00 30.30  ? 122  GLU A CG  1 
ATOM   917  C  CD  . GLU A 1 122 ? -1.590  10.079  8.441   1.00 33.94  ? 122  GLU A CD  1 
ATOM   918  O  OE1 . GLU A 1 122 ? -0.405  10.078  8.048   1.00 32.85  ? 122  GLU A OE1 1 
ATOM   919  O  OE2 . GLU A 1 122 ? -2.177  11.125  8.808   1.00 33.51  ? 122  GLU A OE2 1 
ATOM   920  N  N   . THR A 1 123 ? -6.919  8.433   8.411   1.00 27.53  ? 123  THR A N   1 
ATOM   921  C  CA  . THR A 1 123 ? -8.290  8.622   8.858   1.00 31.06  ? 123  THR A CA  1 
ATOM   922  C  C   . THR A 1 123 ? -9.000  7.272   8.974   1.00 32.55  ? 123  THR A C   1 
ATOM   923  O  O   . THR A 1 123 ? -9.758  7.048   9.918   1.00 34.40  ? 123  THR A O   1 
ATOM   924  C  CB  . THR A 1 123 ? -9.069  9.553   7.899   1.00 30.72  ? 123  THR A CB  1 
ATOM   925  O  OG1 . THR A 1 123 ? -8.434  10.838  7.873   1.00 31.60  ? 123  THR A OG1 1 
ATOM   926  C  CG2 . THR A 1 123 ? -10.515 9.731   8.365   1.00 32.86  ? 123  THR A CG2 1 
ATOM   927  N  N   . LEU A 1 124 ? -8.741  6.380   8.019   1.00 34.08  ? 124  LEU A N   1 
ATOM   928  C  CA  . LEU A 1 124 ? -9.335  5.041   8.016   1.00 37.36  ? 124  LEU A CA  1 
ATOM   929  C  C   . LEU A 1 124 ? -8.889  4.233   9.225   1.00 39.74  ? 124  LEU A C   1 
ATOM   930  O  O   . LEU A 1 124 ? -9.682  3.509   9.827   1.00 39.72  ? 124  LEU A O   1 
ATOM   931  C  CB  . LEU A 1 124 ? -8.947  4.270   6.752   1.00 37.06  ? 124  LEU A CB  1 
ATOM   932  C  CG  . LEU A 1 124 ? -9.817  4.406   5.506   1.00 37.97  ? 124  LEU A CG  1 
ATOM   933  C  CD1 . LEU A 1 124 ? -9.308  3.441   4.443   1.00 37.07  ? 124  LEU A CD1 1 
ATOM   934  C  CD2 . LEU A 1 124 ? -11.269 4.090   5.848   1.00 38.47  ? 124  LEU A CD2 1 
ATOM   935  N  N   . LEU A 1 125 ? -7.604  4.335   9.549   1.00 42.00  ? 125  LEU A N   1 
ATOM   936  C  CA  . LEU A 1 125 ? -7.033  3.620   10.682  1.00 45.24  ? 125  LEU A CA  1 
ATOM   937  C  C   . LEU A 1 125 ? -7.627  4.088   12.008  1.00 48.54  ? 125  LEU A C   1 
ATOM   938  O  O   . LEU A 1 125 ? -7.837  3.280   12.915  1.00 48.75  ? 125  LEU A O   1 
ATOM   939  C  CB  . LEU A 1 125 ? -5.511  3.772   10.689  1.00 42.99  ? 125  LEU A CB  1 
ATOM   940  C  CG  . LEU A 1 125 ? -4.809  3.134   9.488   1.00 41.55  ? 125  LEU A CG  1 
ATOM   941  C  CD1 . LEU A 1 125 ? -3.326  3.476   9.490   1.00 40.34  ? 125  LEU A CD1 1 
ATOM   942  C  CD2 . LEU A 1 125 ? -5.017  1.627   9.521   1.00 40.54  ? 125  LEU A CD2 1 
ATOM   943  N  N   . ILE A 1 126 ? -7.912  5.388   12.107  1.00 51.94  ? 126  ILE A N   1 
ATOM   944  C  CA  . ILE A 1 126 ? -8.501  5.967   13.315  1.00 56.34  ? 126  ILE A CA  1 
ATOM   945  C  C   . ILE A 1 126 ? -9.883  5.359   13.566  1.00 59.00  ? 126  ILE A C   1 
ATOM   946  O  O   . ILE A 1 126 ? -10.301 5.199   14.714  1.00 59.49  ? 126  ILE A O   1 
ATOM   947  C  CB  . ILE A 1 126 ? -8.636  7.514   13.205  1.00 56.72  ? 126  ILE A CB  1 
ATOM   948  C  CG1 . ILE A 1 126 ? -7.261  8.160   12.998  1.00 57.32  ? 126  ILE A CG1 1 
ATOM   949  C  CG2 . ILE A 1 126 ? -9.298  8.085   14.457  1.00 56.66  ? 126  ILE A CG2 1 
ATOM   950  C  CD1 . ILE A 1 126 ? -6.267  7.898   14.115  1.00 58.29  ? 126  ILE A CD1 1 
ATOM   951  N  N   . LEU A 1 127 ? -10.574 5.004   12.484  1.00 62.10  ? 127  LEU A N   1 
ATOM   952  C  CA  . LEU A 1 127 ? -11.902 4.404   12.575  1.00 65.39  ? 127  LEU A CA  1 
ATOM   953  C  C   . LEU A 1 127 ? -11.861 2.894   12.817  1.00 67.48  ? 127  LEU A C   1 
ATOM   954  O  O   . LEU A 1 127 ? -12.185 2.099   11.930  1.00 68.00  ? 127  LEU A O   1 
ATOM   955  C  CB  . LEU A 1 127 ? -12.729 4.719   11.323  1.00 65.96  ? 127  LEU A CB  1 
ATOM   956  C  CG  . LEU A 1 127 ? -13.188 6.167   11.122  1.00 66.24  ? 127  LEU A CG  1 
ATOM   957  C  CD1 . LEU A 1 127 ? -13.947 6.287   9.809   1.00 65.97  ? 127  LEU A CD1 1 
ATOM   958  C  CD2 . LEU A 1 127 ? -14.066 6.608   12.286  1.00 66.93  ? 127  LEU A CD2 1 
ATOM   959  N  N   . GLU A 1 128 ? -11.425 2.515   14.019  1.00 69.61  ? 128  GLU A N   1 
ATOM   960  C  CA  . GLU A 1 128 ? -11.344 1.120   14.459  1.00 71.25  ? 128  GLU A CA  1 
ATOM   961  C  C   . GLU A 1 128 ? -10.330 0.181   13.803  1.00 71.44  ? 128  GLU A C   1 
ATOM   962  O  O   . GLU A 1 128 ? -9.490  0.590   12.999  1.00 72.14  ? 128  GLU A O   1 
ATOM   963  C  CB  . GLU A 1 128 ? -12.729 0.463   14.399  1.00 73.09  ? 128  GLU A CB  1 
ATOM   964  C  CG  . GLU A 1 128 ? -13.345 0.176   15.756  1.00 75.40  ? 128  GLU A CG  1 
ATOM   965  C  CD  . GLU A 1 128 ? -14.088 -1.150  15.786  1.00 76.70  ? 128  GLU A CD  1 
ATOM   966  O  OE1 . GLU A 1 128 ? -13.778 -1.980  16.667  1.00 77.36  ? 128  GLU A OE1 1 
ATOM   967  O  OE2 . GLU A 1 128 ? -14.972 -1.369  14.929  1.00 77.43  ? 128  GLU A OE2 1 
ATOM   968  N  N   . HIS A 1 129 ? -10.447 -1.090  14.195  1.00 70.94  ? 129  HIS A N   1 
ATOM   969  C  CA  . HIS A 1 129 ? -9.638  -2.226  13.744  1.00 70.11  ? 129  HIS A CA  1 
ATOM   970  C  C   . HIS A 1 129 ? -8.121  -2.118  13.582  1.00 68.34  ? 129  HIS A C   1 
ATOM   971  O  O   . HIS A 1 129 ? -7.610  -1.429  12.698  1.00 68.77  ? 129  HIS A O   1 
ATOM   972  C  CB  . HIS A 1 129 ? -10.271 -2.907  12.514  1.00 72.14  ? 129  HIS A CB  1 
ATOM   973  C  CG  . HIS A 1 129 ? -10.525 -1.989  11.357  1.00 73.82  ? 129  HIS A CG  1 
ATOM   974  N  ND1 . HIS A 1 129 ? -11.645 -1.191  11.272  1.00 75.00  ? 129  HIS A ND1 1 
ATOM   975  C  CD2 . HIS A 1 129 ? -9.821  -1.769  10.222  1.00 74.37  ? 129  HIS A CD2 1 
ATOM   976  C  CE1 . HIS A 1 129 ? -11.622 -0.521  10.134  1.00 75.78  ? 129  HIS A CE1 1 
ATOM   977  N  NE2 . HIS A 1 129 ? -10.525 -0.854  9.478   1.00 75.59  ? 129  HIS A NE2 1 
ATOM   978  N  N   . HIS A 1 130 ? -7.418  -2.844  14.450  1.00 65.83  ? 130  HIS A N   1 
ATOM   979  C  CA  . HIS A 1 130 ? -5.957  -2.915  14.458  1.00 63.52  ? 130  HIS A CA  1 
ATOM   980  C  C   . HIS A 1 130 ? -5.574  -4.394  14.416  1.00 61.10  ? 130  HIS A C   1 
ATOM   981  O  O   . HIS A 1 130 ? -6.311  -5.245  14.920  1.00 61.03  ? 130  HIS A O   1 
ATOM   982  C  CB  . HIS A 1 130 ? -5.382  -2.276  15.728  1.00 65.32  ? 130  HIS A CB  1 
ATOM   983  C  CG  . HIS A 1 130 ? -5.534  -0.787  15.788  1.00 67.22  ? 130  HIS A CG  1 
ATOM   984  N  ND1 . HIS A 1 130 ? -5.394  -0.074  16.959  1.00 68.04  ? 130  HIS A ND1 1 
ATOM   985  C  CD2 . HIS A 1 130 ? -5.807  0.126   14.823  1.00 67.88  ? 130  HIS A CD2 1 
ATOM   986  C  CE1 . HIS A 1 130 ? -5.575  1.213   16.716  1.00 68.44  ? 130  HIS A CE1 1 
ATOM   987  N  NE2 . HIS A 1 130 ? -5.828  1.359   15.426  1.00 68.44  ? 130  HIS A NE2 1 
ATOM   988  N  N   . HIS A 1 131 ? -4.425  -4.701  13.822  1.00 57.10  ? 131  HIS A N   1 
ATOM   989  C  CA  . HIS A 1 131 ? -3.976  -6.086  13.718  1.00 53.94  ? 131  HIS A CA  1 
ATOM   990  C  C   . HIS A 1 131 ? -3.315  -6.623  14.983  1.00 53.64  ? 131  HIS A C   1 
ATOM   991  O  O   . HIS A 1 131 ? -3.151  -7.834  15.137  1.00 53.29  ? 131  HIS A O   1 
ATOM   992  C  CB  . HIS A 1 131 ? -3.055  -6.259  12.511  1.00 50.74  ? 131  HIS A CB  1 
ATOM   993  C  CG  . HIS A 1 131 ? -3.758  -6.120  11.199  1.00 47.82  ? 131  HIS A CG  1 
ATOM   994  N  ND1 . HIS A 1 131 ? -4.016  -7.194  10.376  1.00 46.60  ? 131  HIS A ND1 1 
ATOM   995  C  CD2 . HIS A 1 131 ? -4.268  -5.033  10.571  1.00 46.08  ? 131  HIS A CD2 1 
ATOM   996  C  CE1 . HIS A 1 131 ? -4.653  -6.775  9.296   1.00 46.81  ? 131  HIS A CE1 1 
ATOM   997  N  NE2 . HIS A 1 131 ? -4.817  -5.469  9.390   1.00 43.90  ? 131  HIS A NE2 1 
ATOM   998  N  N   . HIS A 1 132 ? -2.935  -5.720  15.884  1.00 53.30  ? 132  HIS A N   1 
ATOM   999  C  CA  . HIS A 1 132 ? -2.312  -6.105  17.145  1.00 53.22  ? 132  HIS A CA  1 
ATOM   1000 C  C   . HIS A 1 132 ? -3.338  -6.711  18.098  1.00 54.21  ? 132  HIS A C   1 
ATOM   1001 O  O   . HIS A 1 132 ? -3.078  -7.819  18.612  1.00 55.47  ? 132  HIS A O   1 
ATOM   1002 C  CB  . HIS A 1 132 ? -1.645  -4.896  17.805  1.00 50.86  ? 132  HIS A CB  1 
ATOM   1003 C  CG  . HIS A 1 132 ? -0.196  -4.746  17.466  1.00 48.84  ? 132  HIS A CG  1 
ATOM   1004 N  ND1 . HIS A 1 132 ? 0.243   -4.194  16.281  1.00 47.10  ? 132  HIS A ND1 1 
ATOM   1005 C  CD2 . HIS A 1 132 ? 0.919   -5.075  18.161  1.00 47.69  ? 132  HIS A CD2 1 
ATOM   1006 C  CE1 . HIS A 1 132 ? 1.563   -4.190  16.261  1.00 45.47  ? 132  HIS A CE1 1 
ATOM   1007 N  NE2 . HIS A 1 132 ? 1.995   -4.718  17.391  1.00 45.94  ? 132  HIS A NE2 1 
HETATM 1008 MG MG  . MG  B 2 .   ? 4.153   -5.217  17.120  0.50 9.21   ? 1001 MG  A MG  1 
HETATM 1009 O  O   . HOH C 3 .   ? 4.077   -8.851  -5.237  1.00 20.01  ? 1002 HOH A O   1 
HETATM 1010 O  O   . HOH C 3 .   ? 5.795   -10.347 -3.265  1.00 28.57  ? 1003 HOH A O   1 
HETATM 1011 O  O   . HOH C 3 .   ? -3.610  11.882  -3.548  1.00 15.38  ? 1004 HOH A O   1 
HETATM 1012 O  O   . HOH C 3 .   ? 12.417  7.432   -2.665  1.00 15.36  ? 1005 HOH A O   1 
HETATM 1013 O  O   . HOH C 3 .   ? -12.803 -1.383  -2.501  1.00 30.40  ? 1006 HOH A O   1 
HETATM 1014 O  O   . HOH C 3 .   ? -4.647  9.939   -7.223  1.00 20.60  ? 1007 HOH A O   1 
HETATM 1015 O  O   . HOH C 3 .   ? 10.021  11.372  -6.994  1.00 20.98  ? 1008 HOH A O   1 
HETATM 1016 O  O   . HOH C 3 .   ? 14.615  3.736   -8.223  1.00 53.96  ? 1009 HOH A O   1 
HETATM 1017 O  O   . HOH C 3 .   ? 8.786   4.242   6.765   1.00 21.64  ? 1010 HOH A O   1 
HETATM 1018 O  O   . HOH C 3 .   ? 12.354  14.770  -6.763  1.00 14.68  ? 1011 HOH A O   1 
HETATM 1019 O  O   . HOH C 3 .   ? 10.081  13.885  -8.236  1.00 17.05  ? 1012 HOH A O   1 
HETATM 1020 O  O   . HOH C 3 .   ? 13.115  -2.184  -0.535  1.00 27.16  ? 1013 HOH A O   1 
HETATM 1021 O  O   . HOH C 3 .   ? 7.260   12.095  -1.677  1.00 18.15  ? 1014 HOH A O   1 
HETATM 1022 O  O   . HOH C 3 .   ? -2.802  11.989  -11.841 1.00 33.71  ? 1015 HOH A O   1 
HETATM 1023 O  O   . HOH C 3 .   ? 11.890  9.300   -7.389  1.00 21.14  ? 1016 HOH A O   1 
HETATM 1024 O  O   . HOH C 3 .   ? 8.477   12.101  1.214   1.00 23.09  ? 1017 HOH A O   1 
HETATM 1025 O  O   . HOH C 3 .   ? 1.501   16.549  -7.589  1.00 37.29  ? 1018 HOH A O   1 
HETATM 1026 O  O   . HOH C 3 .   ? 13.416  1.857   15.732  1.00 57.41  ? 1019 HOH A O   1 
HETATM 1027 O  O   . HOH C 3 .   ? 14.631  3.629   -3.656  1.00 36.33  ? 1020 HOH A O   1 
HETATM 1028 O  O   . HOH C 3 .   ? -0.587  -5.670  -7.805  1.00 100.31 ? 1021 HOH A O   1 
HETATM 1029 O  O   . HOH C 3 .   ? 9.245   1.846   -11.017 1.00 32.11  ? 1022 HOH A O   1 
HETATM 1030 O  O   . HOH C 3 .   ? -6.843  -2.964  -6.379  1.00 28.28  ? 1023 HOH A O   1 
HETATM 1031 O  O   . HOH C 3 .   ? -16.064 0.679   -2.290  1.00 33.00  ? 1024 HOH A O   1 
HETATM 1032 O  O   . HOH C 3 .   ? 13.679  13.810  1.031   1.00 22.25  ? 1025 HOH A O   1 
HETATM 1033 O  O   . HOH C 3 .   ? 14.333  5.567   -1.627  1.00 17.86  ? 1026 HOH A O   1 
HETATM 1034 O  O   . HOH C 3 .   ? 11.967  3.480   -4.322  1.00 25.43  ? 1027 HOH A O   1 
HETATM 1035 O  O   . HOH C 3 .   ? -9.645  -13.625 -0.158  1.00 44.63  ? 1028 HOH A O   1 
HETATM 1036 O  O   . HOH C 3 .   ? 12.754  8.939   -4.811  1.00 18.91  ? 1029 HOH A O   1 
HETATM 1037 O  O   . HOH C 3 .   ? 17.335  5.090   -8.376  1.00 26.92  ? 1030 HOH A O   1 
HETATM 1038 O  O   . HOH C 3 .   ? -8.925  -2.342  -8.150  1.00 28.35  ? 1031 HOH A O   1 
HETATM 1039 O  O   . HOH C 3 .   ? 10.055  14.262  -10.941 1.00 21.01  ? 1032 HOH A O   1 
HETATM 1040 O  O   . HOH C 3 .   ? -4.452  -0.365  -12.201 1.00 31.73  ? 1033 HOH A O   1 
HETATM 1041 O  O   . HOH C 3 .   ? 3.149   9.507   -14.291 1.00 38.98  ? 1034 HOH A O   1 
HETATM 1042 O  O   . HOH C 3 .   ? 9.161   2.658   8.899   1.00 27.28  ? 1035 HOH A O   1 
HETATM 1043 O  O   . HOH C 3 .   ? 12.061  -3.024  11.662  1.00 28.86  ? 1036 HOH A O   1 
HETATM 1044 O  O   . HOH C 3 .   ? -6.678  5.195   -10.640 1.00 37.50  ? 1037 HOH A O   1 
HETATM 1045 O  O   . HOH C 3 .   ? 0.043   3.006   11.051  1.00 31.79  ? 1038 HOH A O   1 
HETATM 1046 O  O   . HOH C 3 .   ? 13.955  10.893  -7.111  1.00 22.36  ? 1039 HOH A O   1 
HETATM 1047 O  O   . HOH C 3 .   ? -1.707  -8.785  10.135  1.00 36.05  ? 1040 HOH A O   1 
HETATM 1048 O  O   . HOH C 3 .   ? 5.945   7.495   6.626   1.00 45.40  ? 1041 HOH A O   1 
HETATM 1049 O  O   . HOH C 3 .   ? 14.535  -0.361  0.906   1.00 28.68  ? 1042 HOH A O   1 
HETATM 1050 O  O   . HOH C 3 .   ? -15.812 4.778   -2.740  1.00 27.65  ? 1043 HOH A O   1 
HETATM 1051 O  O   . HOH C 3 .   ? -1.309  -13.923 -5.032  1.00 53.19  ? 1044 HOH A O   1 
HETATM 1052 O  O   . HOH C 3 .   ? -18.116 1.353   -0.747  1.00 44.60  ? 1045 HOH A O   1 
HETATM 1053 O  O   . HOH C 3 .   ? -10.021 -9.499  -6.933  1.00 35.57  ? 1046 HOH A O   1 
HETATM 1054 O  O   . HOH C 3 .   ? -3.986  6.672   11.802  1.00 35.08  ? 1047 HOH A O   1 
HETATM 1055 O  O   . HOH C 3 .   ? -11.801 1.396   -7.537  1.00 35.19  ? 1048 HOH A O   1 
HETATM 1056 O  O   . HOH C 3 .   ? 8.353   5.322   -16.978 1.00 49.70  ? 1049 HOH A O   1 
HETATM 1057 O  O   . HOH C 3 .   ? 11.602  8.906   -14.157 1.00 52.36  ? 1050 HOH A O   1 
HETATM 1058 O  O   . HOH C 3 .   ? 10.179  8.272   5.913   1.00 33.94  ? 1051 HOH A O   1 
HETATM 1059 O  O   . HOH C 3 .   ? 14.813  2.467   -11.072 1.00 41.22  ? 1052 HOH A O   1 
HETATM 1060 O  O   . HOH C 3 .   ? 6.141   -8.012  -6.962  1.00 47.78  ? 1053 HOH A O   1 
HETATM 1061 O  O   . HOH C 3 .   ? -5.642  -17.039 2.047   1.00 46.48  ? 1054 HOH A O   1 
HETATM 1062 O  O   . HOH C 3 .   ? 9.613   6.439   8.748   1.00 45.04  ? 1055 HOH A O   1 
HETATM 1063 O  O   . HOH C 3 .   ? -7.324  -19.900 1.704   1.00 53.26  ? 1056 HOH A O   1 
HETATM 1064 O  O   . HOH C 3 .   ? -13.775 2.250   3.804   1.00 52.09  ? 1057 HOH A O   1 
HETATM 1065 O  O   . HOH C 3 .   ? 11.248  12.676  -13.028 1.00 30.19  ? 1058 HOH A O   1 
HETATM 1066 O  O   . HOH C 3 .   ? 10.721  2.456   -8.509  1.00 53.19  ? 1059 HOH A O   1 
HETATM 1067 O  O   . HOH C 3 .   ? 10.824  -3.034  -6.591  1.00 27.88  ? 1060 HOH A O   1 
HETATM 1068 O  O   . HOH C 3 .   ? 7.657   -7.032  -9.293  1.00 50.38  ? 1061 HOH A O   1 
HETATM 1069 O  O   . HOH C 3 .   ? 9.728   -8.069  -3.073  1.00 33.46  ? 1062 HOH A O   1 
HETATM 1070 O  O   . HOH C 3 .   ? -6.684  -13.949 0.116   1.00 39.63  ? 1063 HOH A O   1 
HETATM 1071 O  O   . HOH C 3 .   ? 7.581   14.464  1.981   1.00 74.08  ? 1064 HOH A O   1 
HETATM 1072 O  O   . HOH C 3 .   ? 11.214  19.404  -5.925  1.00 48.32  ? 1065 HOH A O   1 
HETATM 1073 O  O   . HOH C 3 .   ? 15.418  4.954   9.536   1.00 42.06  ? 1066 HOH A O   1 
HETATM 1074 O  O   . HOH C 3 .   ? 5.622   -5.468  13.274  1.00 48.25  ? 1067 HOH A O   1 
# 
loop_
_pdbx_poly_seq_scheme.asym_id 
_pdbx_poly_seq_scheme.entity_id 
_pdbx_poly_seq_scheme.seq_id 
_pdbx_poly_seq_scheme.mon_id 
_pdbx_poly_seq_scheme.ndb_seq_num 
_pdbx_poly_seq_scheme.pdb_seq_num 
_pdbx_poly_seq_scheme.auth_seq_num 
_pdbx_poly_seq_scheme.pdb_mon_id 
_pdbx_poly_seq_scheme.auth_mon_id 
_pdbx_poly_seq_scheme.pdb_strand_id 
_pdbx_poly_seq_scheme.pdb_ins_code 
_pdbx_poly_seq_scheme.hetero 
A 1 1   MET 1   1   1   MET MET A . n 
A 1 2   SER 2   2   2   SER SER A . n 
A 1 3   ALA 3   3   3   ALA ALA A . n 
A 1 4   PRO 4   4   4   PRO PRO A . n 
A 1 5   ASN 5   5   5   ASN ASN A . n 
A 1 6   PRO 6   6   6   PRO PRO A . n 
A 1 7   LYS 7   7   7   LYS LYS A . n 
A 1 8   ALA 8   8   8   ALA ALA A . n 
A 1 9   PHE 9   9   9   PHE PHE A . n 
A 1 10  PRO 10  10  10  PRO PRO A . n 
A 1 11  LEU 11  11  11  LEU LEU A . n 
A 1 12  ALA 12  12  12  ALA ALA A . n 
A 1 13  ASP 13  13  13  ASP ASP A . n 
A 1 14  ALA 14  14  14  ALA ALA A . n 
A 1 15  ALA 15  15  15  ALA ALA A . n 
A 1 16  LEU 16  16  16  LEU LEU A . n 
A 1 17  THR 17  17  17  THR THR A . n 
A 1 18  GLN 18  18  18  GLN GLN A . n 
A 1 19  GLN 19  19  19  GLN GLN A . n 
A 1 20  ILE 20  20  20  ILE ILE A . n 
A 1 21  LEU 21  21  21  LEU LEU A . n 
A 1 22  ASP 22  22  22  ASP ASP A . n 
A 1 23  VAL 23  23  23  VAL VAL A . n 
A 1 24  VAL 24  24  24  VAL VAL A . n 
A 1 25  GLN 25  25  25  GLN GLN A . n 
A 1 26  GLN 26  26  26  GLN GLN A . n 
A 1 27  ALA 27  27  27  ALA ALA A . n 
A 1 28  ALA 28  28  28  ALA ALA A . n 
A 1 29  ASN 29  29  29  ASN ASN A . n 
A 1 30  LEU 30  30  30  LEU LEU A . n 
A 1 31  ARG 31  31  31  ARG ARG A . n 
A 1 32  GLN 32  32  32  GLN GLN A . n 
A 1 33  LEU 33  33  33  LEU LEU A . n 
A 1 34  LYS 34  34  34  LYS LYS A . n 
A 1 35  LYS 35  35  35  LYS LYS A . n 
A 1 36  GLY 36  36  36  GLY GLY A . n 
A 1 37  ALA 37  37  37  ALA ALA A . n 
A 1 38  ASN 38  38  38  ASN ASN A . n 
A 1 39  GLU 39  39  39  GLU GLU A . n 
A 1 40  ALA 40  40  40  ALA ALA A . n 
A 1 41  THR 41  41  41  THR THR A . n 
A 1 42  LYS 42  42  42  LYS LYS A . n 
A 1 43  THR 43  43  43  THR THR A . n 
A 1 44  LEU 44  44  44  LEU LEU A . n 
A 1 45  ASN 45  45  45  ASN ASN A . n 
A 1 46  ARG 46  46  46  ARG ARG A . n 
A 1 47  GLY 47  47  47  GLY GLY A . n 
A 1 48  ILE 48  48  48  ILE ILE A . n 
A 1 49  SER 49  49  49  SER SER A . n 
A 1 50  GLU 50  50  50  GLU GLU A . n 
A 1 51  PHE 51  51  51  PHE PHE A . n 
A 1 52  ILE 52  52  52  ILE ILE A . n 
A 1 53  ILE 53  53  53  ILE ILE A . n 
A 1 54  MET 54  54  54  MET MET A . n 
A 1 55  ALA 55  55  55  ALA ALA A . n 
A 1 56  ALA 56  56  56  ALA ALA A . n 
A 1 57  ASP 57  57  57  ASP ASP A . n 
A 1 58  CYS 58  58  58  CYS CYS A . n 
A 1 59  GLU 59  59  59  GLU GLU A . n 
A 1 60  PRO 60  60  60  PRO PRO A . n 
A 1 61  ILE 61  61  61  ILE ILE A . n 
A 1 62  GLU 62  62  62  GLU GLU A . n 
A 1 63  ILE 63  63  63  ILE ILE A . n 
A 1 64  LEU 64  64  64  LEU LEU A . n 
A 1 65  LEU 65  65  65  LEU LEU A . n 
A 1 66  HIS 66  66  66  HIS HIS A . n 
A 1 67  LEU 67  67  67  LEU LEU A . n 
A 1 68  PRO 68  68  68  PRO PRO A . n 
A 1 69  LEU 69  69  69  LEU LEU A . n 
A 1 70  LEU 70  70  70  LEU LEU A . n 
A 1 71  CYS 71  71  71  CYS CYS A . n 
A 1 72  GLU 72  72  72  GLU GLU A . n 
A 1 73  ASP 73  73  73  ASP ASP A . n 
A 1 74  LYS 74  74  74  LYS LYS A . n 
A 1 75  ASN 75  75  75  ASN ASN A . n 
A 1 76  VAL 76  76  76  VAL VAL A . n 
A 1 77  PRO 77  77  77  PRO PRO A . n 
A 1 78  TYR 78  78  78  TYR TYR A . n 
A 1 79  VAL 79  79  79  VAL VAL A . n 
A 1 80  PHE 80  80  80  PHE PHE A . n 
A 1 81  VAL 81  81  81  VAL VAL A . n 
A 1 82  PRO 82  82  82  PRO PRO A . n 
A 1 83  SER 83  83  83  SER SER A . n 
A 1 84  ARG 84  84  84  ARG ARG A . n 
A 1 85  VAL 85  85  85  VAL VAL A . n 
A 1 86  ALA 86  86  86  ALA ALA A . n 
A 1 87  LEU 87  87  87  LEU LEU A . n 
A 1 88  GLY 88  88  88  GLY GLY A . n 
A 1 89  ARG 89  89  89  ARG ARG A . n 
A 1 90  ALA 90  90  90  ALA ALA A . n 
A 1 91  CYS 91  91  91  CYS CYS A . n 
A 1 92  GLY 92  92  92  GLY GLY A . n 
A 1 93  VAL 93  93  93  VAL VAL A . n 
A 1 94  SER 94  94  94  SER SER A . n 
A 1 95  ARG 95  95  95  ARG ARG A . n 
A 1 96  PRO 96  96  96  PRO PRO A . n 
A 1 97  VAL 97  97  97  VAL VAL A . n 
A 1 98  ILE 98  98  98  ILE ILE A . n 
A 1 99  ALA 99  99  99  ALA ALA A . n 
A 1 100 ALA 100 100 100 ALA ALA A . n 
A 1 101 SER 101 101 101 SER SER A . n 
A 1 102 ILE 102 102 102 ILE ILE A . n 
A 1 103 THR 103 103 103 THR THR A . n 
A 1 104 THR 104 104 104 THR THR A . n 
A 1 105 ASN 105 105 105 ASN ASN A . n 
A 1 106 ASP 106 106 106 ASP ASP A . n 
A 1 107 ALA 107 107 107 ALA ALA A . n 
A 1 108 SER 108 108 108 SER SER A . n 
A 1 109 ALA 109 109 109 ALA ALA A . n 
A 1 110 ILE 110 110 110 ILE ILE A . n 
A 1 111 LYS 111 111 111 LYS LYS A . n 
A 1 112 THR 112 112 112 THR THR A . n 
A 1 113 GLN 113 113 113 GLN GLN A . n 
A 1 114 ILE 114 114 114 ILE ILE A . n 
A 1 115 TYR 115 115 115 TYR TYR A . n 
A 1 116 ALA 116 116 116 ALA ALA A . n 
A 1 117 VAL 117 117 117 VAL VAL A . n 
A 1 118 LYS 118 118 118 LYS LYS A . n 
A 1 119 ASP 119 119 119 ASP ASP A . n 
A 1 120 LYS 120 120 120 LYS LYS A . n 
A 1 121 ILE 121 121 121 ILE ILE A . n 
A 1 122 GLU 122 122 122 GLU GLU A . n 
A 1 123 THR 123 123 123 THR THR A . n 
A 1 124 LEU 124 124 124 LEU LEU A . n 
A 1 125 LEU 125 125 125 LEU LEU A . n 
A 1 126 ILE 126 126 126 ILE ILE A . n 
A 1 127 LEU 127 127 127 LEU LEU A . n 
A 1 128 GLU 128 128 128 GLU GLU A . n 
A 1 129 HIS 129 129 129 HIS HIS A . n 
A 1 130 HIS 130 130 130 HIS HIS A . n 
A 1 131 HIS 131 131 131 HIS HIS A . n 
A 1 132 HIS 132 132 132 HIS HIS A . n 
A 1 133 HIS 133 133 ?   ?   ?   A . n 
A 1 134 HIS 134 134 ?   ?   ?   A . n 
# 
loop_
_pdbx_nonpoly_scheme.asym_id 
_pdbx_nonpoly_scheme.entity_id 
_pdbx_nonpoly_scheme.mon_id 
_pdbx_nonpoly_scheme.ndb_seq_num 
_pdbx_nonpoly_scheme.pdb_seq_num 
_pdbx_nonpoly_scheme.auth_seq_num 
_pdbx_nonpoly_scheme.pdb_mon_id 
_pdbx_nonpoly_scheme.auth_mon_id 
_pdbx_nonpoly_scheme.pdb_strand_id 
_pdbx_nonpoly_scheme.pdb_ins_code 
B 2 MG  1  1001 1001 MG  MG  A . 
C 3 HOH 1  1002 1    HOH HOH A . 
C 3 HOH 2  1003 2    HOH HOH A . 
C 3 HOH 3  1004 3    HOH HOH A . 
C 3 HOH 4  1005 4    HOH HOH A . 
C 3 HOH 5  1006 5    HOH HOH A . 
C 3 HOH 6  1007 6    HOH HOH A . 
C 3 HOH 7  1008 7    HOH HOH A . 
C 3 HOH 8  1009 8    HOH HOH A . 
C 3 HOH 9  1010 9    HOH HOH A . 
C 3 HOH 10 1011 11   HOH HOH A . 
C 3 HOH 11 1012 13   HOH HOH A . 
C 3 HOH 12 1013 14   HOH HOH A . 
C 3 HOH 13 1014 15   HOH HOH A . 
C 3 HOH 14 1015 16   HOH HOH A . 
C 3 HOH 15 1016 17   HOH HOH A . 
C 3 HOH 16 1017 20   HOH HOH A . 
C 3 HOH 17 1018 21   HOH HOH A . 
C 3 HOH 18 1019 22   HOH HOH A . 
C 3 HOH 19 1020 23   HOH HOH A . 
C 3 HOH 20 1021 24   HOH HOH A . 
C 3 HOH 21 1022 25   HOH HOH A . 
C 3 HOH 22 1023 26   HOH HOH A . 
C 3 HOH 23 1024 27   HOH HOH A . 
C 3 HOH 24 1025 28   HOH HOH A . 
C 3 HOH 25 1026 30   HOH HOH A . 
C 3 HOH 26 1027 31   HOH HOH A . 
C 3 HOH 27 1028 33   HOH HOH A . 
C 3 HOH 28 1029 34   HOH HOH A . 
C 3 HOH 29 1030 35   HOH HOH A . 
C 3 HOH 30 1031 36   HOH HOH A . 
C 3 HOH 31 1032 37   HOH HOH A . 
C 3 HOH 32 1033 38   HOH HOH A . 
C 3 HOH 33 1034 39   HOH HOH A . 
C 3 HOH 34 1035 41   HOH HOH A . 
C 3 HOH 35 1036 42   HOH HOH A . 
C 3 HOH 36 1037 43   HOH HOH A . 
C 3 HOH 37 1038 44   HOH HOH A . 
C 3 HOH 38 1039 45   HOH HOH A . 
C 3 HOH 39 1040 47   HOH HOH A . 
C 3 HOH 40 1041 48   HOH HOH A . 
C 3 HOH 41 1042 49   HOH HOH A . 
C 3 HOH 42 1043 50   HOH HOH A . 
C 3 HOH 43 1044 51   HOH HOH A . 
C 3 HOH 44 1045 52   HOH HOH A . 
C 3 HOH 45 1046 53   HOH HOH A . 
C 3 HOH 46 1047 54   HOH HOH A . 
C 3 HOH 47 1048 55   HOH HOH A . 
C 3 HOH 48 1049 56   HOH HOH A . 
C 3 HOH 49 1050 57   HOH HOH A . 
C 3 HOH 50 1051 58   HOH HOH A . 
C 3 HOH 51 1052 59   HOH HOH A . 
C 3 HOH 52 1053 60   HOH HOH A . 
C 3 HOH 53 1054 61   HOH HOH A . 
C 3 HOH 54 1055 62   HOH HOH A . 
C 3 HOH 55 1056 63   HOH HOH A . 
C 3 HOH 56 1057 64   HOH HOH A . 
C 3 HOH 57 1058 65   HOH HOH A . 
C 3 HOH 58 1059 66   HOH HOH A . 
C 3 HOH 59 1060 67   HOH HOH A . 
C 3 HOH 60 1061 68   HOH HOH A . 
C 3 HOH 61 1062 69   HOH HOH A . 
C 3 HOH 62 1063 70   HOH HOH A . 
C 3 HOH 63 1064 71   HOH HOH A . 
C 3 HOH 64 1065 72   HOH HOH A . 
C 3 HOH 65 1066 73   HOH HOH A . 
C 3 HOH 66 1067 75   HOH HOH A . 
# 
_pdbx_struct_assembly.id                   1 
_pdbx_struct_assembly.details              author_defined_assembly 
_pdbx_struct_assembly.method_details       ? 
_pdbx_struct_assembly.oligomeric_details   monomeric 
_pdbx_struct_assembly.oligomeric_count     1 
# 
_pdbx_struct_assembly_gen.assembly_id       1 
_pdbx_struct_assembly_gen.oper_expression   1 
_pdbx_struct_assembly_gen.asym_id_list      A,B,C 
# 
_pdbx_struct_oper_list.id                   1 
_pdbx_struct_oper_list.type                 'identity operation' 
_pdbx_struct_oper_list.name                 1_555 
_pdbx_struct_oper_list.symmetry_operation   x,y,z 
_pdbx_struct_oper_list.matrix[1][1]         1.0000000000 
_pdbx_struct_oper_list.matrix[1][2]         0.0000000000 
_pdbx_struct_oper_list.matrix[1][3]         0.0000000000 
_pdbx_struct_oper_list.vector[1]            0.0000000000 
_pdbx_struct_oper_list.matrix[2][1]         0.0000000000 
_pdbx_struct_oper_list.matrix[2][2]         1.0000000000 
_pdbx_struct_oper_list.matrix[2][3]         0.0000000000 
_pdbx_struct_oper_list.vector[2]            0.0000000000 
_pdbx_struct_oper_list.matrix[3][1]         0.0000000000 
_pdbx_struct_oper_list.matrix[3][2]         0.0000000000 
_pdbx_struct_oper_list.matrix[3][3]         1.0000000000 
_pdbx_struct_oper_list.vector[3]            0.0000000000 
# 
_pdbx_struct_special_symmetry.id              1 
_pdbx_struct_special_symmetry.PDB_model_num   1 
_pdbx_struct_special_symmetry.auth_asym_id    A 
_pdbx_struct_special_symmetry.auth_comp_id    MG 
_pdbx_struct_special_symmetry.auth_seq_id     1001 
_pdbx_struct_special_symmetry.PDB_ins_code    ? 
_pdbx_struct_special_symmetry.label_asym_id   B 
_pdbx_struct_special_symmetry.label_comp_id   MG 
_pdbx_struct_special_symmetry.label_seq_id    . 
# 
loop_
_pdbx_struct_conn_angle.id 
_pdbx_struct_conn_angle.ptnr1_label_atom_id 
_pdbx_struct_conn_angle.ptnr1_label_alt_id 
_pdbx_struct_conn_angle.ptnr1_label_asym_id 
_pdbx_struct_conn_angle.ptnr1_label_comp_id 
_pdbx_struct_conn_angle.ptnr1_label_seq_id 
_pdbx_struct_conn_angle.ptnr1_auth_atom_id 
_pdbx_struct_conn_angle.ptnr1_auth_asym_id 
_pdbx_struct_conn_angle.ptnr1_auth_comp_id 
_pdbx_struct_conn_angle.ptnr1_auth_seq_id 
_pdbx_struct_conn_angle.ptnr1_PDB_ins_code 
_pdbx_struct_conn_angle.ptnr1_symmetry 
_pdbx_struct_conn_angle.ptnr2_label_atom_id 
_pdbx_struct_conn_angle.ptnr2_label_alt_id 
_pdbx_struct_conn_angle.ptnr2_label_asym_id 
_pdbx_struct_conn_angle.ptnr2_label_comp_id 
_pdbx_struct_conn_angle.ptnr2_label_seq_id 
_pdbx_struct_conn_angle.ptnr2_auth_atom_id 
_pdbx_struct_conn_angle.ptnr2_auth_asym_id 
_pdbx_struct_conn_angle.ptnr2_auth_comp_id 
_pdbx_struct_conn_angle.ptnr2_auth_seq_id 
_pdbx_struct_conn_angle.ptnr2_PDB_ins_code 
_pdbx_struct_conn_angle.ptnr2_symmetry 
_pdbx_struct_conn_angle.ptnr3_label_atom_id 
_pdbx_struct_conn_angle.ptnr3_label_alt_id 
_pdbx_struct_conn_angle.ptnr3_label_asym_id 
_pdbx_struct_conn_angle.ptnr3_label_comp_id 
_pdbx_struct_conn_angle.ptnr3_label_seq_id 
_pdbx_struct_conn_angle.ptnr3_auth_atom_id 
_pdbx_struct_conn_angle.ptnr3_auth_asym_id 
_pdbx_struct_conn_angle.ptnr3_auth_comp_id 
_pdbx_struct_conn_angle.ptnr3_auth_seq_id 
_pdbx_struct_conn_angle.ptnr3_PDB_ins_code 
_pdbx_struct_conn_angle.ptnr3_symmetry 
_pdbx_struct_conn_angle.value 
_pdbx_struct_conn_angle.value_esd 
1  OD2 ? A ASP 73  ? A ASP 73  ? 1_555 MG ? B MG . ? A MG 1001 ? 1_555 OD1 ? A ASP 73  ? A ASP 73  ? 1_555 52.5  ? 
2  OD2 ? A ASP 73  ? A ASP 73  ? 1_555 MG ? B MG . ? A MG 1001 ? 1_555 OD1 ? A ASP 73  ? A ASP 73  ? 6_765 151.6 ? 
3  OD1 ? A ASP 73  ? A ASP 73  ? 1_555 MG ? B MG . ? A MG 1001 ? 1_555 OD1 ? A ASP 73  ? A ASP 73  ? 6_765 99.2  ? 
4  OD2 ? A ASP 73  ? A ASP 73  ? 1_555 MG ? B MG . ? A MG 1001 ? 1_555 OD2 ? A ASP 73  ? A ASP 73  ? 6_765 155.9 ? 
5  OD1 ? A ASP 73  ? A ASP 73  ? 1_555 MG ? B MG . ? A MG 1001 ? 1_555 OD2 ? A ASP 73  ? A ASP 73  ? 6_765 151.6 ? 
6  OD1 ? A ASP 73  ? A ASP 73  ? 6_765 MG ? B MG . ? A MG 1001 ? 1_555 OD2 ? A ASP 73  ? A ASP 73  ? 6_765 52.5  ? 
7  OD2 ? A ASP 73  ? A ASP 73  ? 1_555 MG ? B MG . ? A MG 1001 ? 1_555 NE2 ? A HIS 132 ? A HIS 132 ? 1_555 86.4  ? 
8  OD1 ? A ASP 73  ? A ASP 73  ? 1_555 MG ? B MG . ? A MG 1001 ? 1_555 NE2 ? A HIS 132 ? A HIS 132 ? 1_555 114.6 ? 
9  OD1 ? A ASP 73  ? A ASP 73  ? 6_765 MG ? B MG . ? A MG 1001 ? 1_555 NE2 ? A HIS 132 ? A HIS 132 ? 1_555 107.3 ? 
10 OD2 ? A ASP 73  ? A ASP 73  ? 6_765 MG ? B MG . ? A MG 1001 ? 1_555 NE2 ? A HIS 132 ? A HIS 132 ? 1_555 80.4  ? 
11 OD2 ? A ASP 73  ? A ASP 73  ? 1_555 MG ? B MG . ? A MG 1001 ? 1_555 NE2 ? A HIS 132 ? A HIS 132 ? 6_765 80.4  ? 
12 OD1 ? A ASP 73  ? A ASP 73  ? 1_555 MG ? B MG . ? A MG 1001 ? 1_555 NE2 ? A HIS 132 ? A HIS 132 ? 6_765 107.3 ? 
13 OD1 ? A ASP 73  ? A ASP 73  ? 6_765 MG ? B MG . ? A MG 1001 ? 1_555 NE2 ? A HIS 132 ? A HIS 132 ? 6_765 114.6 ? 
14 OD2 ? A ASP 73  ? A ASP 73  ? 6_765 MG ? B MG . ? A MG 1001 ? 1_555 NE2 ? A HIS 132 ? A HIS 132 ? 6_765 86.4  ? 
15 NE2 ? A HIS 132 ? A HIS 132 ? 1_555 MG ? B MG . ? A MG 1001 ? 1_555 NE2 ? A HIS 132 ? A HIS 132 ? 6_765 113.3 ? 
# 
loop_
_pdbx_audit_revision_history.ordinal 
_pdbx_audit_revision_history.data_content_type 
_pdbx_audit_revision_history.major_revision 
_pdbx_audit_revision_history.minor_revision 
_pdbx_audit_revision_history.revision_date 
1 'Structure model' 1 0 2006-10-03 
2 'Structure model' 1 1 2008-04-30 
3 'Structure model' 1 2 2011-07-13 
4 'Structure model' 1 3 2023-08-23 
# 
_pdbx_audit_revision_details.ordinal             1 
_pdbx_audit_revision_details.revision_ordinal    1 
_pdbx_audit_revision_details.data_content_type   'Structure model' 
_pdbx_audit_revision_details.provider            repository 
_pdbx_audit_revision_details.type                'Initial release' 
_pdbx_audit_revision_details.description         ? 
_pdbx_audit_revision_details.details             ? 
# 
loop_
_pdbx_audit_revision_group.ordinal 
_pdbx_audit_revision_group.revision_ordinal 
_pdbx_audit_revision_group.data_content_type 
_pdbx_audit_revision_group.group 
1 2 'Structure model' 'Version format compliance' 
2 3 'Structure model' 'Version format compliance' 
3 4 'Structure model' 'Data collection'           
4 4 'Structure model' 'Database references'       
5 4 'Structure model' 'Derived calculations'      
6 4 'Structure model' 'Refinement description'    
# 
loop_
_pdbx_audit_revision_category.ordinal 
_pdbx_audit_revision_category.revision_ordinal 
_pdbx_audit_revision_category.data_content_type 
_pdbx_audit_revision_category.category 
1 4 'Structure model' chem_comp_atom                
2 4 'Structure model' chem_comp_bond                
3 4 'Structure model' database_2                    
4 4 'Structure model' pdbx_initial_refinement_model 
5 4 'Structure model' pdbx_struct_conn_angle        
6 4 'Structure model' struct_conn                   
7 4 'Structure model' struct_ref_seq_dif            
8 4 'Structure model' struct_site                   
# 
loop_
_pdbx_audit_revision_item.ordinal 
_pdbx_audit_revision_item.revision_ordinal 
_pdbx_audit_revision_item.data_content_type 
_pdbx_audit_revision_item.item 
1  4 'Structure model' '_database_2.pdbx_DOI'                        
2  4 'Structure model' '_database_2.pdbx_database_accession'         
3  4 'Structure model' '_pdbx_struct_conn_angle.ptnr1_auth_comp_id'  
4  4 'Structure model' '_pdbx_struct_conn_angle.ptnr1_auth_seq_id'   
5  4 'Structure model' '_pdbx_struct_conn_angle.ptnr1_label_atom_id' 
6  4 'Structure model' '_pdbx_struct_conn_angle.ptnr1_label_comp_id' 
7  4 'Structure model' '_pdbx_struct_conn_angle.ptnr1_label_seq_id'  
8  4 'Structure model' '_pdbx_struct_conn_angle.ptnr1_symmetry'      
9  4 'Structure model' '_pdbx_struct_conn_angle.ptnr3_auth_comp_id'  
10 4 'Structure model' '_pdbx_struct_conn_angle.ptnr3_auth_seq_id'   
11 4 'Structure model' '_pdbx_struct_conn_angle.ptnr3_label_atom_id' 
12 4 'Structure model' '_pdbx_struct_conn_angle.ptnr3_label_comp_id' 
13 4 'Structure model' '_pdbx_struct_conn_angle.ptnr3_label_seq_id'  
14 4 'Structure model' '_pdbx_struct_conn_angle.ptnr3_symmetry'      
15 4 'Structure model' '_pdbx_struct_conn_angle.value'               
16 4 'Structure model' '_struct_conn.pdbx_dist_value'                
17 4 'Structure model' '_struct_conn.ptnr1_auth_comp_id'             
18 4 'Structure model' '_struct_conn.ptnr1_auth_seq_id'              
19 4 'Structure model' '_struct_conn.ptnr1_label_asym_id'            
20 4 'Structure model' '_struct_conn.ptnr1_label_atom_id'            
21 4 'Structure model' '_struct_conn.ptnr1_label_comp_id'            
22 4 'Structure model' '_struct_conn.ptnr1_label_seq_id'             
23 4 'Structure model' '_struct_conn.ptnr1_symmetry'                 
24 4 'Structure model' '_struct_conn.ptnr2_auth_comp_id'             
25 4 'Structure model' '_struct_conn.ptnr2_auth_seq_id'              
26 4 'Structure model' '_struct_conn.ptnr2_label_asym_id'            
27 4 'Structure model' '_struct_conn.ptnr2_label_atom_id'            
28 4 'Structure model' '_struct_conn.ptnr2_label_comp_id'            
29 4 'Structure model' '_struct_conn.ptnr2_label_seq_id'             
30 4 'Structure model' '_struct_conn.ptnr2_symmetry'                 
31 4 'Structure model' '_struct_ref_seq_dif.details'                 
32 4 'Structure model' '_struct_site.pdbx_auth_asym_id'              
33 4 'Structure model' '_struct_site.pdbx_auth_comp_id'              
34 4 'Structure model' '_struct_site.pdbx_auth_seq_id'               
# 
loop_
_software.name 
_software.classification 
_software.version 
_software.citation_id 
_software.pdbx_ordinal 
CNS          refinement       1.1            ? 1 
CrystalClear 'data reduction' '(MSC/RIGAKU)' ? 2 
d*TREK       'data scaling'   .              ? 3 
CNS          phasing          .              ? 4 
# 
loop_
_pdbx_validate_torsion.id 
_pdbx_validate_torsion.PDB_model_num 
_pdbx_validate_torsion.auth_comp_id 
_pdbx_validate_torsion.auth_asym_id 
_pdbx_validate_torsion.auth_seq_id 
_pdbx_validate_torsion.PDB_ins_code 
_pdbx_validate_torsion.label_alt_id 
_pdbx_validate_torsion.phi 
_pdbx_validate_torsion.psi 
1 1 ASN A 105 ? ? -170.45 93.78   
2 1 GLU A 128 ? ? 67.98   -173.64 
3 1 HIS A 129 ? ? 42.80   112.37  
# 
loop_
_pdbx_unobs_or_zero_occ_residues.id 
_pdbx_unobs_or_zero_occ_residues.PDB_model_num 
_pdbx_unobs_or_zero_occ_residues.polymer_flag 
_pdbx_unobs_or_zero_occ_residues.occupancy_flag 
_pdbx_unobs_or_zero_occ_residues.auth_asym_id 
_pdbx_unobs_or_zero_occ_residues.auth_comp_id 
_pdbx_unobs_or_zero_occ_residues.auth_seq_id 
_pdbx_unobs_or_zero_occ_residues.PDB_ins_code 
_pdbx_unobs_or_zero_occ_residues.label_asym_id 
_pdbx_unobs_or_zero_occ_residues.label_comp_id 
_pdbx_unobs_or_zero_occ_residues.label_seq_id 
1 1 Y 1 A HIS 133 ? A HIS 133 
2 1 Y 1 A HIS 134 ? A HIS 134 
# 
loop_
_chem_comp_atom.comp_id 
_chem_comp_atom.atom_id 
_chem_comp_atom.type_symbol 
_chem_comp_atom.pdbx_aromatic_flag 
_chem_comp_atom.pdbx_stereo_config 
_chem_comp_atom.pdbx_ordinal 
ALA N    N  N N 1   
ALA CA   C  N S 2   
ALA C    C  N N 3   
ALA O    O  N N 4   
ALA CB   C  N N 5   
ALA OXT  O  N N 6   
ALA H    H  N N 7   
ALA H2   H  N N 8   
ALA HA   H  N N 9   
ALA HB1  H  N N 10  
ALA HB2  H  N N 11  
ALA HB3  H  N N 12  
ALA HXT  H  N N 13  
ARG N    N  N N 14  
ARG CA   C  N S 15  
ARG C    C  N N 16  
ARG O    O  N N 17  
ARG CB   C  N N 18  
ARG CG   C  N N 19  
ARG CD   C  N N 20  
ARG NE   N  N N 21  
ARG CZ   C  N N 22  
ARG NH1  N  N N 23  
ARG NH2  N  N N 24  
ARG OXT  O  N N 25  
ARG H    H  N N 26  
ARG H2   H  N N 27  
ARG HA   H  N N 28  
ARG HB2  H  N N 29  
ARG HB3  H  N N 30  
ARG HG2  H  N N 31  
ARG HG3  H  N N 32  
ARG HD2  H  N N 33  
ARG HD3  H  N N 34  
ARG HE   H  N N 35  
ARG HH11 H  N N 36  
ARG HH12 H  N N 37  
ARG HH21 H  N N 38  
ARG HH22 H  N N 39  
ARG HXT  H  N N 40  
ASN N    N  N N 41  
ASN CA   C  N S 42  
ASN C    C  N N 43  
ASN O    O  N N 44  
ASN CB   C  N N 45  
ASN CG   C  N N 46  
ASN OD1  O  N N 47  
ASN ND2  N  N N 48  
ASN OXT  O  N N 49  
ASN H    H  N N 50  
ASN H2   H  N N 51  
ASN HA   H  N N 52  
ASN HB2  H  N N 53  
ASN HB3  H  N N 54  
ASN HD21 H  N N 55  
ASN HD22 H  N N 56  
ASN HXT  H  N N 57  
ASP N    N  N N 58  
ASP CA   C  N S 59  
ASP C    C  N N 60  
ASP O    O  N N 61  
ASP CB   C  N N 62  
ASP CG   C  N N 63  
ASP OD1  O  N N 64  
ASP OD2  O  N N 65  
ASP OXT  O  N N 66  
ASP H    H  N N 67  
ASP H2   H  N N 68  
ASP HA   H  N N 69  
ASP HB2  H  N N 70  
ASP HB3  H  N N 71  
ASP HD2  H  N N 72  
ASP HXT  H  N N 73  
CYS N    N  N N 74  
CYS CA   C  N R 75  
CYS C    C  N N 76  
CYS O    O  N N 77  
CYS CB   C  N N 78  
CYS SG   S  N N 79  
CYS OXT  O  N N 80  
CYS H    H  N N 81  
CYS H2   H  N N 82  
CYS HA   H  N N 83  
CYS HB2  H  N N 84  
CYS HB3  H  N N 85  
CYS HG   H  N N 86  
CYS HXT  H  N N 87  
GLN N    N  N N 88  
GLN CA   C  N S 89  
GLN C    C  N N 90  
GLN O    O  N N 91  
GLN CB   C  N N 92  
GLN CG   C  N N 93  
GLN CD   C  N N 94  
GLN OE1  O  N N 95  
GLN NE2  N  N N 96  
GLN OXT  O  N N 97  
GLN H    H  N N 98  
GLN H2   H  N N 99  
GLN HA   H  N N 100 
GLN HB2  H  N N 101 
GLN HB3  H  N N 102 
GLN HG2  H  N N 103 
GLN HG3  H  N N 104 
GLN HE21 H  N N 105 
GLN HE22 H  N N 106 
GLN HXT  H  N N 107 
GLU N    N  N N 108 
GLU CA   C  N S 109 
GLU C    C  N N 110 
GLU O    O  N N 111 
GLU CB   C  N N 112 
GLU CG   C  N N 113 
GLU CD   C  N N 114 
GLU OE1  O  N N 115 
GLU OE2  O  N N 116 
GLU OXT  O  N N 117 
GLU H    H  N N 118 
GLU H2   H  N N 119 
GLU HA   H  N N 120 
GLU HB2  H  N N 121 
GLU HB3  H  N N 122 
GLU HG2  H  N N 123 
GLU HG3  H  N N 124 
GLU HE2  H  N N 125 
GLU HXT  H  N N 126 
GLY N    N  N N 127 
GLY CA   C  N N 128 
GLY C    C  N N 129 
GLY O    O  N N 130 
GLY OXT  O  N N 131 
GLY H    H  N N 132 
GLY H2   H  N N 133 
GLY HA2  H  N N 134 
GLY HA3  H  N N 135 
GLY HXT  H  N N 136 
HIS N    N  N N 137 
HIS CA   C  N S 138 
HIS C    C  N N 139 
HIS O    O  N N 140 
HIS CB   C  N N 141 
HIS CG   C  Y N 142 
HIS ND1  N  Y N 143 
HIS CD2  C  Y N 144 
HIS CE1  C  Y N 145 
HIS NE2  N  Y N 146 
HIS OXT  O  N N 147 
HIS H    H  N N 148 
HIS H2   H  N N 149 
HIS HA   H  N N 150 
HIS HB2  H  N N 151 
HIS HB3  H  N N 152 
HIS HD1  H  N N 153 
HIS HD2  H  N N 154 
HIS HE1  H  N N 155 
HIS HE2  H  N N 156 
HIS HXT  H  N N 157 
HOH O    O  N N 158 
HOH H1   H  N N 159 
HOH H2   H  N N 160 
ILE N    N  N N 161 
ILE CA   C  N S 162 
ILE C    C  N N 163 
ILE O    O  N N 164 
ILE CB   C  N S 165 
ILE CG1  C  N N 166 
ILE CG2  C  N N 167 
ILE CD1  C  N N 168 
ILE OXT  O  N N 169 
ILE H    H  N N 170 
ILE H2   H  N N 171 
ILE HA   H  N N 172 
ILE HB   H  N N 173 
ILE HG12 H  N N 174 
ILE HG13 H  N N 175 
ILE HG21 H  N N 176 
ILE HG22 H  N N 177 
ILE HG23 H  N N 178 
ILE HD11 H  N N 179 
ILE HD12 H  N N 180 
ILE HD13 H  N N 181 
ILE HXT  H  N N 182 
LEU N    N  N N 183 
LEU CA   C  N S 184 
LEU C    C  N N 185 
LEU O    O  N N 186 
LEU CB   C  N N 187 
LEU CG   C  N N 188 
LEU CD1  C  N N 189 
LEU CD2  C  N N 190 
LEU OXT  O  N N 191 
LEU H    H  N N 192 
LEU H2   H  N N 193 
LEU HA   H  N N 194 
LEU HB2  H  N N 195 
LEU HB3  H  N N 196 
LEU HG   H  N N 197 
LEU HD11 H  N N 198 
LEU HD12 H  N N 199 
LEU HD13 H  N N 200 
LEU HD21 H  N N 201 
LEU HD22 H  N N 202 
LEU HD23 H  N N 203 
LEU HXT  H  N N 204 
LYS N    N  N N 205 
LYS CA   C  N S 206 
LYS C    C  N N 207 
LYS O    O  N N 208 
LYS CB   C  N N 209 
LYS CG   C  N N 210 
LYS CD   C  N N 211 
LYS CE   C  N N 212 
LYS NZ   N  N N 213 
LYS OXT  O  N N 214 
LYS H    H  N N 215 
LYS H2   H  N N 216 
LYS HA   H  N N 217 
LYS HB2  H  N N 218 
LYS HB3  H  N N 219 
LYS HG2  H  N N 220 
LYS HG3  H  N N 221 
LYS HD2  H  N N 222 
LYS HD3  H  N N 223 
LYS HE2  H  N N 224 
LYS HE3  H  N N 225 
LYS HZ1  H  N N 226 
LYS HZ2  H  N N 227 
LYS HZ3  H  N N 228 
LYS HXT  H  N N 229 
MET N    N  N N 230 
MET CA   C  N S 231 
MET C    C  N N 232 
MET O    O  N N 233 
MET CB   C  N N 234 
MET CG   C  N N 235 
MET SD   S  N N 236 
MET CE   C  N N 237 
MET OXT  O  N N 238 
MET H    H  N N 239 
MET H2   H  N N 240 
MET HA   H  N N 241 
MET HB2  H  N N 242 
MET HB3  H  N N 243 
MET HG2  H  N N 244 
MET HG3  H  N N 245 
MET HE1  H  N N 246 
MET HE2  H  N N 247 
MET HE3  H  N N 248 
MET HXT  H  N N 249 
MG  MG   MG N N 250 
PHE N    N  N N 251 
PHE CA   C  N S 252 
PHE C    C  N N 253 
PHE O    O  N N 254 
PHE CB   C  N N 255 
PHE CG   C  Y N 256 
PHE CD1  C  Y N 257 
PHE CD2  C  Y N 258 
PHE CE1  C  Y N 259 
PHE CE2  C  Y N 260 
PHE CZ   C  Y N 261 
PHE OXT  O  N N 262 
PHE H    H  N N 263 
PHE H2   H  N N 264 
PHE HA   H  N N 265 
PHE HB2  H  N N 266 
PHE HB3  H  N N 267 
PHE HD1  H  N N 268 
PHE HD2  H  N N 269 
PHE HE1  H  N N 270 
PHE HE2  H  N N 271 
PHE HZ   H  N N 272 
PHE HXT  H  N N 273 
PRO N    N  N N 274 
PRO CA   C  N S 275 
PRO C    C  N N 276 
PRO O    O  N N 277 
PRO CB   C  N N 278 
PRO CG   C  N N 279 
PRO CD   C  N N 280 
PRO OXT  O  N N 281 
PRO H    H  N N 282 
PRO HA   H  N N 283 
PRO HB2  H  N N 284 
PRO HB3  H  N N 285 
PRO HG2  H  N N 286 
PRO HG3  H  N N 287 
PRO HD2  H  N N 288 
PRO HD3  H  N N 289 
PRO HXT  H  N N 290 
SER N    N  N N 291 
SER CA   C  N S 292 
SER C    C  N N 293 
SER O    O  N N 294 
SER CB   C  N N 295 
SER OG   O  N N 296 
SER OXT  O  N N 297 
SER H    H  N N 298 
SER H2   H  N N 299 
SER HA   H  N N 300 
SER HB2  H  N N 301 
SER HB3  H  N N 302 
SER HG   H  N N 303 
SER HXT  H  N N 304 
THR N    N  N N 305 
THR CA   C  N S 306 
THR C    C  N N 307 
THR O    O  N N 308 
THR CB   C  N R 309 
THR OG1  O  N N 310 
THR CG2  C  N N 311 
THR OXT  O  N N 312 
THR H    H  N N 313 
THR H2   H  N N 314 
THR HA   H  N N 315 
THR HB   H  N N 316 
THR HG1  H  N N 317 
THR HG21 H  N N 318 
THR HG22 H  N N 319 
THR HG23 H  N N 320 
THR HXT  H  N N 321 
TYR N    N  N N 322 
TYR CA   C  N S 323 
TYR C    C  N N 324 
TYR O    O  N N 325 
TYR CB   C  N N 326 
TYR CG   C  Y N 327 
TYR CD1  C  Y N 328 
TYR CD2  C  Y N 329 
TYR CE1  C  Y N 330 
TYR CE2  C  Y N 331 
TYR CZ   C  Y N 332 
TYR OH   O  N N 333 
TYR OXT  O  N N 334 
TYR H    H  N N 335 
TYR H2   H  N N 336 
TYR HA   H  N N 337 
TYR HB2  H  N N 338 
TYR HB3  H  N N 339 
TYR HD1  H  N N 340 
TYR HD2  H  N N 341 
TYR HE1  H  N N 342 
TYR HE2  H  N N 343 
TYR HH   H  N N 344 
TYR HXT  H  N N 345 
VAL N    N  N N 346 
VAL CA   C  N S 347 
VAL C    C  N N 348 
VAL O    O  N N 349 
VAL CB   C  N N 350 
VAL CG1  C  N N 351 
VAL CG2  C  N N 352 
VAL OXT  O  N N 353 
VAL H    H  N N 354 
VAL H2   H  N N 355 
VAL HA   H  N N 356 
VAL HB   H  N N 357 
VAL HG11 H  N N 358 
VAL HG12 H  N N 359 
VAL HG13 H  N N 360 
VAL HG21 H  N N 361 
VAL HG22 H  N N 362 
VAL HG23 H  N N 363 
VAL HXT  H  N N 364 
# 
loop_
_chem_comp_bond.comp_id 
_chem_comp_bond.atom_id_1 
_chem_comp_bond.atom_id_2 
_chem_comp_bond.value_order 
_chem_comp_bond.pdbx_aromatic_flag 
_chem_comp_bond.pdbx_stereo_config 
_chem_comp_bond.pdbx_ordinal 
ALA N   CA   sing N N 1   
ALA N   H    sing N N 2   
ALA N   H2   sing N N 3   
ALA CA  C    sing N N 4   
ALA CA  CB   sing N N 5   
ALA CA  HA   sing N N 6   
ALA C   O    doub N N 7   
ALA C   OXT  sing N N 8   
ALA CB  HB1  sing N N 9   
ALA CB  HB2  sing N N 10  
ALA CB  HB3  sing N N 11  
ALA OXT HXT  sing N N 12  
ARG N   CA   sing N N 13  
ARG N   H    sing N N 14  
ARG N   H2   sing N N 15  
ARG CA  C    sing N N 16  
ARG CA  CB   sing N N 17  
ARG CA  HA   sing N N 18  
ARG C   O    doub N N 19  
ARG C   OXT  sing N N 20  
ARG CB  CG   sing N N 21  
ARG CB  HB2  sing N N 22  
ARG CB  HB3  sing N N 23  
ARG CG  CD   sing N N 24  
ARG CG  HG2  sing N N 25  
ARG CG  HG3  sing N N 26  
ARG CD  NE   sing N N 27  
ARG CD  HD2  sing N N 28  
ARG CD  HD3  sing N N 29  
ARG NE  CZ   sing N N 30  
ARG NE  HE   sing N N 31  
ARG CZ  NH1  sing N N 32  
ARG CZ  NH2  doub N N 33  
ARG NH1 HH11 sing N N 34  
ARG NH1 HH12 sing N N 35  
ARG NH2 HH21 sing N N 36  
ARG NH2 HH22 sing N N 37  
ARG OXT HXT  sing N N 38  
ASN N   CA   sing N N 39  
ASN N   H    sing N N 40  
ASN N   H2   sing N N 41  
ASN CA  C    sing N N 42  
ASN CA  CB   sing N N 43  
ASN CA  HA   sing N N 44  
ASN C   O    doub N N 45  
ASN C   OXT  sing N N 46  
ASN CB  CG   sing N N 47  
ASN CB  HB2  sing N N 48  
ASN CB  HB3  sing N N 49  
ASN CG  OD1  doub N N 50  
ASN CG  ND2  sing N N 51  
ASN ND2 HD21 sing N N 52  
ASN ND2 HD22 sing N N 53  
ASN OXT HXT  sing N N 54  
ASP N   CA   sing N N 55  
ASP N   H    sing N N 56  
ASP N   H2   sing N N 57  
ASP CA  C    sing N N 58  
ASP CA  CB   sing N N 59  
ASP CA  HA   sing N N 60  
ASP C   O    doub N N 61  
ASP C   OXT  sing N N 62  
ASP CB  CG   sing N N 63  
ASP CB  HB2  sing N N 64  
ASP CB  HB3  sing N N 65  
ASP CG  OD1  doub N N 66  
ASP CG  OD2  sing N N 67  
ASP OD2 HD2  sing N N 68  
ASP OXT HXT  sing N N 69  
CYS N   CA   sing N N 70  
CYS N   H    sing N N 71  
CYS N   H2   sing N N 72  
CYS CA  C    sing N N 73  
CYS CA  CB   sing N N 74  
CYS CA  HA   sing N N 75  
CYS C   O    doub N N 76  
CYS C   OXT  sing N N 77  
CYS CB  SG   sing N N 78  
CYS CB  HB2  sing N N 79  
CYS CB  HB3  sing N N 80  
CYS SG  HG   sing N N 81  
CYS OXT HXT  sing N N 82  
GLN N   CA   sing N N 83  
GLN N   H    sing N N 84  
GLN N   H2   sing N N 85  
GLN CA  C    sing N N 86  
GLN CA  CB   sing N N 87  
GLN CA  HA   sing N N 88  
GLN C   O    doub N N 89  
GLN C   OXT  sing N N 90  
GLN CB  CG   sing N N 91  
GLN CB  HB2  sing N N 92  
GLN CB  HB3  sing N N 93  
GLN CG  CD   sing N N 94  
GLN CG  HG2  sing N N 95  
GLN CG  HG3  sing N N 96  
GLN CD  OE1  doub N N 97  
GLN CD  NE2  sing N N 98  
GLN NE2 HE21 sing N N 99  
GLN NE2 HE22 sing N N 100 
GLN OXT HXT  sing N N 101 
GLU N   CA   sing N N 102 
GLU N   H    sing N N 103 
GLU N   H2   sing N N 104 
GLU CA  C    sing N N 105 
GLU CA  CB   sing N N 106 
GLU CA  HA   sing N N 107 
GLU C   O    doub N N 108 
GLU C   OXT  sing N N 109 
GLU CB  CG   sing N N 110 
GLU CB  HB2  sing N N 111 
GLU CB  HB3  sing N N 112 
GLU CG  CD   sing N N 113 
GLU CG  HG2  sing N N 114 
GLU CG  HG3  sing N N 115 
GLU CD  OE1  doub N N 116 
GLU CD  OE2  sing N N 117 
GLU OE2 HE2  sing N N 118 
GLU OXT HXT  sing N N 119 
GLY N   CA   sing N N 120 
GLY N   H    sing N N 121 
GLY N   H2   sing N N 122 
GLY CA  C    sing N N 123 
GLY CA  HA2  sing N N 124 
GLY CA  HA3  sing N N 125 
GLY C   O    doub N N 126 
GLY C   OXT  sing N N 127 
GLY OXT HXT  sing N N 128 
HIS N   CA   sing N N 129 
HIS N   H    sing N N 130 
HIS N   H2   sing N N 131 
HIS CA  C    sing N N 132 
HIS CA  CB   sing N N 133 
HIS CA  HA   sing N N 134 
HIS C   O    doub N N 135 
HIS C   OXT  sing N N 136 
HIS CB  CG   sing N N 137 
HIS CB  HB2  sing N N 138 
HIS CB  HB3  sing N N 139 
HIS CG  ND1  sing Y N 140 
HIS CG  CD2  doub Y N 141 
HIS ND1 CE1  doub Y N 142 
HIS ND1 HD1  sing N N 143 
HIS CD2 NE2  sing Y N 144 
HIS CD2 HD2  sing N N 145 
HIS CE1 NE2  sing Y N 146 
HIS CE1 HE1  sing N N 147 
HIS NE2 HE2  sing N N 148 
HIS OXT HXT  sing N N 149 
HOH O   H1   sing N N 150 
HOH O   H2   sing N N 151 
ILE N   CA   sing N N 152 
ILE N   H    sing N N 153 
ILE N   H2   sing N N 154 
ILE CA  C    sing N N 155 
ILE CA  CB   sing N N 156 
ILE CA  HA   sing N N 157 
ILE C   O    doub N N 158 
ILE C   OXT  sing N N 159 
ILE CB  CG1  sing N N 160 
ILE CB  CG2  sing N N 161 
ILE CB  HB   sing N N 162 
ILE CG1 CD1  sing N N 163 
ILE CG1 HG12 sing N N 164 
ILE CG1 HG13 sing N N 165 
ILE CG2 HG21 sing N N 166 
ILE CG2 HG22 sing N N 167 
ILE CG2 HG23 sing N N 168 
ILE CD1 HD11 sing N N 169 
ILE CD1 HD12 sing N N 170 
ILE CD1 HD13 sing N N 171 
ILE OXT HXT  sing N N 172 
LEU N   CA   sing N N 173 
LEU N   H    sing N N 174 
LEU N   H2   sing N N 175 
LEU CA  C    sing N N 176 
LEU CA  CB   sing N N 177 
LEU CA  HA   sing N N 178 
LEU C   O    doub N N 179 
LEU C   OXT  sing N N 180 
LEU CB  CG   sing N N 181 
LEU CB  HB2  sing N N 182 
LEU CB  HB3  sing N N 183 
LEU CG  CD1  sing N N 184 
LEU CG  CD2  sing N N 185 
LEU CG  HG   sing N N 186 
LEU CD1 HD11 sing N N 187 
LEU CD1 HD12 sing N N 188 
LEU CD1 HD13 sing N N 189 
LEU CD2 HD21 sing N N 190 
LEU CD2 HD22 sing N N 191 
LEU CD2 HD23 sing N N 192 
LEU OXT HXT  sing N N 193 
LYS N   CA   sing N N 194 
LYS N   H    sing N N 195 
LYS N   H2   sing N N 196 
LYS CA  C    sing N N 197 
LYS CA  CB   sing N N 198 
LYS CA  HA   sing N N 199 
LYS C   O    doub N N 200 
LYS C   OXT  sing N N 201 
LYS CB  CG   sing N N 202 
LYS CB  HB2  sing N N 203 
LYS CB  HB3  sing N N 204 
LYS CG  CD   sing N N 205 
LYS CG  HG2  sing N N 206 
LYS CG  HG3  sing N N 207 
LYS CD  CE   sing N N 208 
LYS CD  HD2  sing N N 209 
LYS CD  HD3  sing N N 210 
LYS CE  NZ   sing N N 211 
LYS CE  HE2  sing N N 212 
LYS CE  HE3  sing N N 213 
LYS NZ  HZ1  sing N N 214 
LYS NZ  HZ2  sing N N 215 
LYS NZ  HZ3  sing N N 216 
LYS OXT HXT  sing N N 217 
MET N   CA   sing N N 218 
MET N   H    sing N N 219 
MET N   H2   sing N N 220 
MET CA  C    sing N N 221 
MET CA  CB   sing N N 222 
MET CA  HA   sing N N 223 
MET C   O    doub N N 224 
MET C   OXT  sing N N 225 
MET CB  CG   sing N N 226 
MET CB  HB2  sing N N 227 
MET CB  HB3  sing N N 228 
MET CG  SD   sing N N 229 
MET CG  HG2  sing N N 230 
MET CG  HG3  sing N N 231 
MET SD  CE   sing N N 232 
MET CE  HE1  sing N N 233 
MET CE  HE2  sing N N 234 
MET CE  HE3  sing N N 235 
MET OXT HXT  sing N N 236 
PHE N   CA   sing N N 237 
PHE N   H    sing N N 238 
PHE N   H2   sing N N 239 
PHE CA  C    sing N N 240 
PHE CA  CB   sing N N 241 
PHE CA  HA   sing N N 242 
PHE C   O    doub N N 243 
PHE C   OXT  sing N N 244 
PHE CB  CG   sing N N 245 
PHE CB  HB2  sing N N 246 
PHE CB  HB3  sing N N 247 
PHE CG  CD1  doub Y N 248 
PHE CG  CD2  sing Y N 249 
PHE CD1 CE1  sing Y N 250 
PHE CD1 HD1  sing N N 251 
PHE CD2 CE2  doub Y N 252 
PHE CD2 HD2  sing N N 253 
PHE CE1 CZ   doub Y N 254 
PHE CE1 HE1  sing N N 255 
PHE CE2 CZ   sing Y N 256 
PHE CE2 HE2  sing N N 257 
PHE CZ  HZ   sing N N 258 
PHE OXT HXT  sing N N 259 
PRO N   CA   sing N N 260 
PRO N   CD   sing N N 261 
PRO N   H    sing N N 262 
PRO CA  C    sing N N 263 
PRO CA  CB   sing N N 264 
PRO CA  HA   sing N N 265 
PRO C   O    doub N N 266 
PRO C   OXT  sing N N 267 
PRO CB  CG   sing N N 268 
PRO CB  HB2  sing N N 269 
PRO CB  HB3  sing N N 270 
PRO CG  CD   sing N N 271 
PRO CG  HG2  sing N N 272 
PRO CG  HG3  sing N N 273 
PRO CD  HD2  sing N N 274 
PRO CD  HD3  sing N N 275 
PRO OXT HXT  sing N N 276 
SER N   CA   sing N N 277 
SER N   H    sing N N 278 
SER N   H2   sing N N 279 
SER CA  C    sing N N 280 
SER CA  CB   sing N N 281 
SER CA  HA   sing N N 282 
SER C   O    doub N N 283 
SER C   OXT  sing N N 284 
SER CB  OG   sing N N 285 
SER CB  HB2  sing N N 286 
SER CB  HB3  sing N N 287 
SER OG  HG   sing N N 288 
SER OXT HXT  sing N N 289 
THR N   CA   sing N N 290 
THR N   H    sing N N 291 
THR N   H2   sing N N 292 
THR CA  C    sing N N 293 
THR CA  CB   sing N N 294 
THR CA  HA   sing N N 295 
THR C   O    doub N N 296 
THR C   OXT  sing N N 297 
THR CB  OG1  sing N N 298 
THR CB  CG2  sing N N 299 
THR CB  HB   sing N N 300 
THR OG1 HG1  sing N N 301 
THR CG2 HG21 sing N N 302 
THR CG2 HG22 sing N N 303 
THR CG2 HG23 sing N N 304 
THR OXT HXT  sing N N 305 
TYR N   CA   sing N N 306 
TYR N   H    sing N N 307 
TYR N   H2   sing N N 308 
TYR CA  C    sing N N 309 
TYR CA  CB   sing N N 310 
TYR CA  HA   sing N N 311 
TYR C   O    doub N N 312 
TYR C   OXT  sing N N 313 
TYR CB  CG   sing N N 314 
TYR CB  HB2  sing N N 315 
TYR CB  HB3  sing N N 316 
TYR CG  CD1  doub Y N 317 
TYR CG  CD2  sing Y N 318 
TYR CD1 CE1  sing Y N 319 
TYR CD1 HD1  sing N N 320 
TYR CD2 CE2  doub Y N 321 
TYR CD2 HD2  sing N N 322 
TYR CE1 CZ   doub Y N 323 
TYR CE1 HE1  sing N N 324 
TYR CE2 CZ   sing Y N 325 
TYR CE2 HE2  sing N N 326 
TYR CZ  OH   sing N N 327 
TYR OH  HH   sing N N 328 
TYR OXT HXT  sing N N 329 
VAL N   CA   sing N N 330 
VAL N   H    sing N N 331 
VAL N   H2   sing N N 332 
VAL CA  C    sing N N 333 
VAL CA  CB   sing N N 334 
VAL CA  HA   sing N N 335 
VAL C   O    doub N N 336 
VAL C   OXT  sing N N 337 
VAL CB  CG1  sing N N 338 
VAL CB  CG2  sing N N 339 
VAL CB  HB   sing N N 340 
VAL CG1 HG11 sing N N 341 
VAL CG1 HG12 sing N N 342 
VAL CG1 HG13 sing N N 343 
VAL CG2 HG21 sing N N 344 
VAL CG2 HG22 sing N N 345 
VAL CG2 HG23 sing N N 346 
VAL OXT HXT  sing N N 347 
# 
loop_
_pdbx_entity_nonpoly.entity_id 
_pdbx_entity_nonpoly.name 
_pdbx_entity_nonpoly.comp_id 
2 'MAGNESIUM ION' MG  
3 water           HOH 
# 
_pdbx_initial_refinement_model.id               1 
_pdbx_initial_refinement_model.entity_id_list   ? 
_pdbx_initial_refinement_model.type             'experimental model' 
_pdbx_initial_refinement_model.source_name      PDB 
_pdbx_initial_refinement_model.accession_code   1E7K 
_pdbx_initial_refinement_model.details          ? 
# 
